data_6PLG
#
_entry.id   6PLG
#
_cell.length_a   44.649
_cell.length_b   112.699
_cell.length_c   137.840
_cell.angle_alpha   105.980
_cell.angle_beta   96.200
_cell.angle_gamma   101.420
#
_symmetry.space_group_name_H-M   'P 1'
#
loop_
_entity.id
_entity.type
_entity.pdbx_description
1 polymer 'D-3-phosphoglycerate dehydrogenase'
2 non-polymer '(2S)-(4-{3-[(4,5-dichloro-1-methyl-1H-indole-2-carbonyl)amino]oxetan-3-yl}phenyl)(pyridin-3-yl)acetic acid'
3 non-polymer D-MALATE
#
_entity_poly.entity_id   1
_entity_poly.type   'polypeptide(L)'
_entity_poly.pdbx_seq_one_letter_code
;SMANLRKVLISDSLDPCCRKILQDGGLQVVEKQNLSKEELIAELQDCEGLIVRSATKVTADVINAAEKLQVVGRAGTGVD
NVDLEAATRKGILVMNTPNGNSLSAAELTCGMIMCLARQIPQATASMKDGKWERKKFMGTELNGKTLGILGLGRIGREVA
TRMQSFGMKTIGYDPIISPEVSASFGVQQLPLEEIWPLCDFITVHTPLLPSTTGLLNDNTFAQCKKGVRVVNCARGGIVD
EGALLRALQSGQCAGAALDVFTEEPPRDRALVDHENVISCPHLGASTKEAQSRCGEEIAVQFVDMVKGKSLTGV
;
_entity_poly.pdbx_strand_id   A,B,C,D,E,F,G,H
#
# COMPACT_ATOMS: atom_id res chain seq x y z
N LEU A 5 19.64 85.19 -1.69
CA LEU A 5 18.86 83.89 -1.74
C LEU A 5 19.65 82.85 -2.54
N ARG A 6 20.99 82.81 -2.39
CA ARG A 6 21.90 82.23 -3.42
C ARG A 6 23.04 81.35 -2.88
N LYS A 7 23.18 81.14 -1.57
CA LYS A 7 24.21 80.20 -1.00
C LYS A 7 23.59 79.35 0.11
N VAL A 8 23.67 78.01 -0.04
CA VAL A 8 23.06 76.99 0.85
C VAL A 8 24.18 76.25 1.59
N LEU A 9 23.85 75.61 2.72
CA LEU A 9 24.76 74.73 3.50
C LEU A 9 24.00 73.45 3.84
N ILE A 10 24.52 72.28 3.46
CA ILE A 10 23.98 70.95 3.86
C ILE A 10 24.79 70.47 5.07
N SER A 11 24.13 70.35 6.22
CA SER A 11 24.77 70.16 7.55
C SER A 11 24.81 68.68 7.95
N ASP A 12 24.19 67.79 7.16
CA ASP A 12 24.06 66.35 7.49
C ASP A 12 24.53 65.46 6.34
N SER A 13 24.81 64.21 6.67
CA SER A 13 24.97 63.09 5.69
C SER A 13 23.67 63.02 4.87
N LEU A 14 23.70 63.59 3.67
CA LEU A 14 22.58 63.62 2.70
C LEU A 14 23.08 63.04 1.37
N ASP A 15 22.21 62.33 0.65
CA ASP A 15 22.49 61.76 -0.68
C ASP A 15 23.25 62.77 -1.53
N PRO A 16 24.33 62.35 -2.22
CA PRO A 16 25.09 63.27 -3.08
C PRO A 16 24.20 64.13 -4.01
N CYS A 17 23.12 63.54 -4.54
CA CYS A 17 22.27 64.12 -5.63
C CYS A 17 21.64 65.44 -5.20
N CYS A 18 21.50 65.69 -3.88
CA CYS A 18 21.02 66.99 -3.34
C CYS A 18 21.98 68.10 -3.79
N ARG A 19 23.22 68.10 -3.29
CA ARG A 19 24.25 69.11 -3.64
C ARG A 19 24.27 69.30 -5.16
N LYS A 20 24.21 68.20 -5.94
CA LYS A 20 24.23 68.25 -7.42
C LYS A 20 23.11 69.17 -7.90
N ILE A 21 21.85 68.78 -7.68
CA ILE A 21 20.64 69.47 -8.24
C ILE A 21 20.65 70.95 -7.83
N LEU A 22 21.19 71.26 -6.63
CA LEU A 22 21.34 72.66 -6.10
C LEU A 22 22.27 73.44 -7.03
N GLN A 23 23.53 73.00 -7.15
CA GLN A 23 24.55 73.65 -8.03
C GLN A 23 24.03 73.64 -9.46
N ASP A 24 23.46 72.50 -9.89
CA ASP A 24 22.75 72.30 -11.19
C ASP A 24 21.73 73.43 -11.40
N GLY A 25 20.98 73.79 -10.35
CA GLY A 25 20.02 74.91 -10.36
C GLY A 25 20.72 76.26 -10.51
N GLY A 26 21.85 76.43 -9.82
CA GLY A 26 22.78 77.57 -10.00
C GLY A 26 22.97 78.38 -8.72
N LEU A 27 23.43 77.74 -7.65
CA LEU A 27 23.77 78.40 -6.36
C LEU A 27 24.85 77.59 -5.61
N GLN A 28 25.75 78.29 -4.91
CA GLN A 28 26.88 77.70 -4.12
C GLN A 28 26.31 76.73 -3.09
N VAL A 29 27.11 75.75 -2.66
CA VAL A 29 26.75 74.71 -1.64
C VAL A 29 27.96 74.42 -0.76
N VAL A 30 27.76 73.88 0.46
CA VAL A 30 28.84 73.54 1.41
C VAL A 30 28.46 72.23 2.15
N GLU A 31 28.87 71.06 1.66
CA GLU A 31 28.61 69.76 2.31
C GLU A 31 29.54 69.60 3.51
N LYS A 32 28.98 69.71 4.72
CA LYS A 32 29.65 69.52 6.04
C LYS A 32 28.84 68.47 6.83
N GLN A 33 29.38 68.04 7.98
CA GLN A 33 28.84 66.90 8.78
C GLN A 33 29.30 67.04 10.24
N ASN A 34 28.58 66.39 11.16
CA ASN A 34 28.83 66.34 12.63
C ASN A 34 29.40 67.67 13.14
N LEU A 35 28.89 68.82 12.67
CA LEU A 35 29.36 70.18 13.08
C LEU A 35 28.90 70.46 14.51
N SER A 36 29.69 71.21 15.29
CA SER A 36 29.35 71.67 16.66
C SER A 36 28.55 72.98 16.54
N LYS A 37 27.81 73.35 17.60
CA LYS A 37 26.86 74.51 17.59
C LYS A 37 27.59 75.78 17.13
N GLU A 38 28.69 76.14 17.81
CA GLU A 38 29.48 77.37 17.51
C GLU A 38 30.15 77.23 16.14
N GLU A 39 30.57 76.01 15.75
CA GLU A 39 31.19 75.69 14.45
C GLU A 39 30.16 75.92 13.34
N LEU A 40 28.91 75.55 13.59
CA LEU A 40 27.76 75.74 12.67
C LEU A 40 27.52 77.23 12.45
N ILE A 41 27.26 78.00 13.52
CA ILE A 41 26.92 79.45 13.50
C ILE A 41 27.97 80.17 12.64
N ALA A 42 29.25 79.96 12.94
CA ALA A 42 30.43 80.59 12.28
C ALA A 42 30.39 80.31 10.78
N GLU A 43 30.13 79.05 10.39
CA GLU A 43 30.05 78.58 8.99
C GLU A 43 28.84 79.23 8.30
N LEU A 44 27.75 79.44 9.05
CA LEU A 44 26.45 79.92 8.53
C LEU A 44 26.47 81.41 8.21
N GLN A 45 27.49 82.15 8.64
CA GLN A 45 27.48 83.64 8.74
C GLN A 45 27.43 84.32 7.35
N ASP A 46 27.47 83.58 6.24
CA ASP A 46 27.26 84.12 4.87
C ASP A 46 26.48 83.11 4.00
N CYS A 47 25.65 82.27 4.62
CA CYS A 47 24.77 81.28 3.94
C CYS A 47 23.31 81.71 4.10
N GLU A 48 22.60 81.89 2.97
CA GLU A 48 21.16 82.31 2.95
C GLU A 48 20.29 81.10 3.32
N GLY A 49 20.67 79.89 2.91
CA GLY A 49 19.92 78.63 3.11
C GLY A 49 20.62 77.66 4.04
N LEU A 50 19.87 76.72 4.59
CA LEU A 50 20.37 75.55 5.36
C LEU A 50 19.48 74.34 5.08
N ILE A 51 20.06 73.21 4.72
CA ILE A 51 19.34 71.90 4.53
C ILE A 51 19.85 70.96 5.62
N VAL A 52 18.95 70.19 6.22
CA VAL A 52 19.27 69.30 7.38
C VAL A 52 18.51 67.99 7.22
N ARG A 53 18.98 66.95 7.90
CA ARG A 53 18.30 65.65 8.09
C ARG A 53 17.68 65.70 9.49
N SER A 54 17.80 64.62 10.28
CA SER A 54 17.27 64.50 11.66
C SER A 54 18.39 64.80 12.68
N ALA A 55 19.66 64.73 12.27
CA ALA A 55 20.84 64.88 13.16
C ALA A 55 20.91 66.32 13.67
N THR A 56 21.16 67.28 12.77
CA THR A 56 21.25 68.74 13.09
C THR A 56 19.98 69.16 13.83
N LYS A 57 20.12 69.91 14.91
CA LYS A 57 18.98 70.51 15.68
C LYS A 57 19.04 72.03 15.52
N VAL A 58 18.07 72.64 14.82
CA VAL A 58 17.99 74.10 14.55
C VAL A 58 17.27 74.78 15.73
N THR A 59 18.00 74.97 16.83
CA THR A 59 17.48 75.46 18.15
C THR A 59 17.09 76.94 18.02
N ALA A 60 16.46 77.47 19.07
CA ALA A 60 16.16 78.91 19.27
C ALA A 60 17.46 79.72 19.03
N ASP A 61 18.54 79.34 19.72
CA ASP A 61 19.84 80.06 19.78
C ASP A 61 20.45 80.22 18.38
N VAL A 62 20.47 79.12 17.62
CA VAL A 62 21.09 79.01 16.27
C VAL A 62 20.45 80.04 15.34
N ILE A 63 19.11 80.06 15.26
CA ILE A 63 18.31 80.92 14.34
C ILE A 63 18.64 82.39 14.61
N ASN A 64 18.82 82.75 15.89
CA ASN A 64 18.99 84.15 16.35
C ASN A 64 20.45 84.60 16.20
N ALA A 65 21.38 83.67 16.01
CA ALA A 65 22.81 83.95 15.77
C ALA A 65 23.09 84.01 14.26
N ALA A 66 22.09 83.71 13.44
CA ALA A 66 22.19 83.55 11.97
C ALA A 66 21.49 84.71 11.26
N GLU A 67 22.12 85.89 11.26
CA GLU A 67 21.50 87.16 10.81
C GLU A 67 21.07 87.07 9.33
N LYS A 68 21.64 86.15 8.54
CA LYS A 68 21.42 86.10 7.06
C LYS A 68 20.54 84.91 6.66
N LEU A 69 20.22 84.01 7.61
CA LEU A 69 19.46 82.77 7.34
C LEU A 69 18.01 83.10 6.90
N GLN A 70 17.71 82.95 5.60
CA GLN A 70 16.40 83.26 4.98
C GLN A 70 15.51 81.99 4.94
N VAL A 71 16.08 80.78 4.86
CA VAL A 71 15.30 79.52 4.61
C VAL A 71 15.99 78.28 5.21
N VAL A 72 15.21 77.32 5.69
CA VAL A 72 15.68 76.04 6.33
C VAL A 72 14.88 74.89 5.74
N GLY A 73 15.50 74.07 4.90
CA GLY A 73 14.93 72.84 4.30
C GLY A 73 15.23 71.61 5.15
N ARG A 74 14.35 70.62 5.13
CA ARG A 74 14.56 69.31 5.80
C ARG A 74 14.30 68.19 4.78
N ALA A 75 15.29 67.35 4.54
CA ALA A 75 15.21 66.13 3.71
C ALA A 75 14.55 65.02 4.54
N GLY A 76 13.22 65.04 4.57
CA GLY A 76 12.39 64.09 5.33
C GLY A 76 10.96 64.58 5.47
N THR A 77 10.12 63.81 6.16
CA THR A 77 8.73 64.21 6.52
C THR A 77 8.70 64.59 7.99
N GLY A 78 8.18 65.78 8.30
CA GLY A 78 8.19 66.35 9.66
C GLY A 78 9.43 67.20 9.85
N VAL A 79 9.35 68.13 10.81
CA VAL A 79 10.43 69.12 11.12
C VAL A 79 10.54 69.27 12.64
N ASP A 80 10.41 68.17 13.36
CA ASP A 80 10.40 68.12 14.85
C ASP A 80 11.83 68.36 15.37
N ASN A 81 12.73 68.90 14.55
CA ASN A 81 14.12 69.27 14.92
C ASN A 81 14.39 70.73 14.55
N VAL A 82 13.34 71.51 14.26
CA VAL A 82 13.44 72.98 13.94
C VAL A 82 12.42 73.72 14.82
N ASP A 83 12.89 74.70 15.60
CA ASP A 83 12.04 75.62 16.39
C ASP A 83 11.20 76.45 15.42
N LEU A 84 9.93 76.11 15.23
CA LEU A 84 9.01 76.78 14.28
C LEU A 84 8.63 78.16 14.84
N GLU A 85 8.39 78.27 16.17
CA GLU A 85 8.10 79.56 16.85
C GLU A 85 9.25 80.52 16.54
N ALA A 86 10.49 80.15 16.86
CA ALA A 86 11.70 80.97 16.62
C ALA A 86 11.85 81.25 15.11
N ALA A 87 11.48 80.28 14.27
CA ALA A 87 11.58 80.36 12.79
C ALA A 87 10.65 81.45 12.26
N THR A 88 9.34 81.34 12.49
CA THR A 88 8.31 82.31 12.00
C THR A 88 8.60 83.72 12.53
N ARG A 89 9.26 83.85 13.70
CA ARG A 89 9.59 85.16 14.34
C ARG A 89 10.52 85.96 13.41
N LYS A 90 11.57 85.34 12.86
CA LYS A 90 12.58 86.01 12.00
C LYS A 90 12.17 85.92 10.52
N GLY A 91 10.90 85.59 10.24
CA GLY A 91 10.32 85.54 8.89
C GLY A 91 10.95 84.47 8.00
N ILE A 92 11.64 83.49 8.61
CA ILE A 92 12.34 82.37 7.93
C ILE A 92 11.29 81.40 7.36
N LEU A 93 11.60 80.82 6.21
CA LEU A 93 10.79 79.72 5.59
C LEU A 93 11.33 78.38 6.09
N VAL A 94 10.45 77.43 6.39
CA VAL A 94 10.84 76.02 6.69
C VAL A 94 10.14 75.10 5.68
N MET A 95 10.92 74.32 4.91
CA MET A 95 10.41 73.36 3.89
C MET A 95 10.74 71.92 4.26
N ASN A 96 9.94 70.98 3.78
CA ASN A 96 10.14 69.52 4.00
C ASN A 96 9.70 68.77 2.74
N THR A 97 9.68 67.43 2.80
CA THR A 97 9.52 66.50 1.66
C THR A 97 8.56 65.41 2.11
N PRO A 98 7.25 65.73 2.17
CA PRO A 98 6.25 64.85 2.79
C PRO A 98 5.98 63.56 2.01
N ASN A 99 6.16 63.58 0.69
CA ASN A 99 5.87 62.44 -0.22
C ASN A 99 6.90 61.32 -0.04
N GLY A 100 8.17 61.60 -0.39
CA GLY A 100 9.18 60.57 -0.72
C GLY A 100 9.57 59.77 0.52
N ASN A 101 8.68 58.88 0.96
CA ASN A 101 8.87 58.15 2.26
C ASN A 101 7.87 57.01 2.40
N SER A 102 6.61 57.23 1.96
CA SER A 102 5.47 56.32 2.25
C SER A 102 5.90 54.85 2.18
N LEU A 103 6.38 54.41 1.02
CA LEU A 103 6.62 52.97 0.75
C LEU A 103 7.62 52.40 1.76
N SER A 104 8.74 53.10 1.98
CA SER A 104 9.80 52.61 2.90
C SER A 104 9.17 52.29 4.26
N ALA A 105 8.36 53.19 4.80
CA ALA A 105 7.68 53.07 6.11
C ALA A 105 6.72 51.88 6.11
N ALA A 106 5.96 51.69 5.03
CA ALA A 106 4.95 50.61 4.90
C ALA A 106 5.64 49.26 4.99
N GLU A 107 6.82 49.14 4.37
CA GLU A 107 7.55 47.85 4.28
C GLU A 107 8.07 47.52 5.69
N LEU A 108 8.89 48.38 6.28
CA LEU A 108 9.37 48.18 7.67
C LEU A 108 8.20 47.72 8.57
N THR A 109 7.01 48.28 8.39
CA THR A 109 5.81 47.97 9.22
C THR A 109 5.47 46.48 9.08
N CYS A 110 5.30 46.02 7.85
CA CYS A 110 5.03 44.60 7.50
C CYS A 110 6.17 43.70 8.00
N GLY A 111 7.41 44.14 7.83
CA GLY A 111 8.55 43.53 8.53
C GLY A 111 8.19 43.21 9.96
N MET A 112 7.88 44.27 10.73
CA MET A 112 7.55 44.23 12.18
C MET A 112 6.48 43.15 12.43
N ILE A 113 5.40 43.21 11.68
CA ILE A 113 4.25 42.29 11.90
C ILE A 113 4.76 40.84 11.80
N MET A 114 5.42 40.49 10.67
CA MET A 114 6.05 39.15 10.49
C MET A 114 7.01 38.90 11.65
N CYS A 115 7.99 39.78 11.85
CA CYS A 115 8.96 39.66 12.97
C CYS A 115 8.24 39.36 14.29
N LEU A 116 7.07 39.98 14.54
CA LEU A 116 6.30 39.78 15.80
C LEU A 116 5.65 38.39 15.80
N ALA A 117 5.08 37.98 14.67
CA ALA A 117 4.36 36.70 14.50
C ALA A 117 5.29 35.52 14.77
N ARG A 118 6.58 35.65 14.43
CA ARG A 118 7.53 34.50 14.36
C ARG A 118 8.79 34.74 15.21
N GLN A 119 8.96 35.94 15.76
CA GLN A 119 10.00 36.26 16.77
C GLN A 119 11.38 36.17 16.11
N ILE A 120 11.47 36.51 14.83
CA ILE A 120 12.72 36.40 14.03
C ILE A 120 13.85 37.09 14.78
N PRO A 121 13.70 38.34 15.28
CA PRO A 121 14.81 39.02 15.96
C PRO A 121 15.27 38.30 17.24
N GLN A 122 14.30 37.71 17.96
CA GLN A 122 14.50 36.95 19.22
C GLN A 122 15.28 35.66 18.91
N ALA A 123 14.90 34.96 17.83
CA ALA A 123 15.52 33.71 17.34
C ALA A 123 16.96 33.97 16.92
N THR A 124 17.22 35.06 16.17
CA THR A 124 18.60 35.46 15.79
C THR A 124 19.43 35.70 17.04
N ALA A 125 19.00 36.57 17.95
CA ALA A 125 19.75 36.89 19.19
C ALA A 125 20.03 35.58 19.96
N SER A 126 19.09 34.63 19.94
CA SER A 126 19.21 33.27 20.55
C SER A 126 20.24 32.41 19.81
N MET A 127 19.99 32.10 18.53
CA MET A 127 20.96 31.41 17.65
C MET A 127 22.33 32.06 17.78
N LYS A 128 22.44 33.40 17.66
CA LYS A 128 23.72 34.15 17.73
C LYS A 128 24.45 33.84 19.05
N ASP A 129 23.71 33.50 20.12
CA ASP A 129 24.27 33.14 21.45
C ASP A 129 24.59 31.63 21.48
N GLY A 130 24.25 30.90 20.42
CA GLY A 130 24.56 29.47 20.20
C GLY A 130 23.49 28.55 20.73
N LYS A 131 22.22 28.93 20.66
CA LYS A 131 21.08 28.19 21.29
C LYS A 131 20.08 27.71 20.23
N TRP A 132 19.65 26.45 20.36
CA TRP A 132 18.65 25.76 19.50
C TRP A 132 17.47 25.41 20.40
N GLU A 133 16.50 26.32 20.51
CA GLU A 133 15.18 26.05 21.17
C GLU A 133 14.07 26.16 20.12
N ARG A 134 13.70 25.06 19.46
CA ARG A 134 12.56 25.00 18.49
C ARG A 134 11.27 24.62 19.22
N LYS A 135 11.40 23.93 20.36
CA LYS A 135 10.28 23.56 21.26
C LYS A 135 9.68 24.85 21.83
N LYS A 136 10.52 25.85 22.06
CA LYS A 136 10.17 27.15 22.69
C LYS A 136 9.37 28.01 21.68
N PHE A 137 10.01 28.45 20.59
CA PHE A 137 9.64 29.67 19.82
C PHE A 137 8.45 29.42 18.86
N MET A 138 7.37 28.81 19.36
CA MET A 138 6.10 28.66 18.59
C MET A 138 5.53 30.07 18.29
N GLY A 139 5.33 30.38 17.00
CA GLY A 139 4.80 31.68 16.53
C GLY A 139 3.38 31.56 16.02
N THR A 140 2.98 32.47 15.13
CA THR A 140 1.59 32.52 14.57
C THR A 140 1.60 32.50 13.04
N GLU A 141 0.63 31.78 12.46
CA GLU A 141 0.25 31.85 11.04
C GLU A 141 -0.63 33.10 10.86
N LEU A 142 -0.18 34.07 10.05
CA LEU A 142 -0.92 35.30 9.71
C LEU A 142 -2.20 34.94 8.95
N ASN A 143 -2.17 33.88 8.14
CA ASN A 143 -3.34 33.50 7.32
C ASN A 143 -4.59 33.51 8.21
N GLY A 144 -5.63 34.23 7.81
CA GLY A 144 -6.96 34.21 8.44
C GLY A 144 -7.05 35.01 9.73
N LYS A 145 -5.94 35.58 10.21
CA LYS A 145 -5.86 36.43 11.43
C LYS A 145 -6.30 37.85 11.07
N THR A 146 -6.56 38.70 12.08
CA THR A 146 -7.14 40.06 11.89
C THR A 146 -6.11 41.13 12.28
N LEU A 147 -5.75 41.99 11.32
CA LEU A 147 -4.92 43.19 11.52
C LEU A 147 -5.83 44.42 11.56
N GLY A 148 -5.62 45.28 12.55
CA GLY A 148 -6.30 46.57 12.73
C GLY A 148 -5.38 47.74 12.37
N ILE A 149 -5.69 48.44 11.30
CA ILE A 149 -4.92 49.62 10.81
C ILE A 149 -5.64 50.90 11.23
N LEU A 150 -5.02 51.67 12.13
CA LEU A 150 -5.52 52.99 12.60
C LEU A 150 -4.74 54.08 11.84
N GLY A 151 -5.34 54.64 10.80
CA GLY A 151 -4.75 55.76 10.05
C GLY A 151 -4.60 55.40 8.57
N LEU A 152 -5.71 55.37 7.84
CA LEU A 152 -5.79 54.85 6.46
C LEU A 152 -5.40 55.96 5.49
N GLY A 153 -4.26 56.61 5.76
CA GLY A 153 -3.58 57.54 4.83
C GLY A 153 -2.89 56.78 3.70
N ARG A 154 -1.73 57.25 3.23
CA ARG A 154 -1.01 56.58 2.12
C ARG A 154 -0.38 55.28 2.67
N ILE A 155 0.49 55.42 3.67
CA ILE A 155 1.19 54.32 4.38
C ILE A 155 0.18 53.28 4.82
N GLY A 156 -0.95 53.71 5.34
CA GLY A 156 -1.94 52.79 5.94
C GLY A 156 -2.48 51.83 4.90
N ARG A 157 -2.76 52.33 3.68
CA ARG A 157 -3.35 51.52 2.59
C ARG A 157 -2.26 50.67 1.96
N GLU A 158 -1.01 51.14 1.92
CA GLU A 158 0.11 50.31 1.37
C GLU A 158 0.29 49.12 2.31
N VAL A 159 0.33 49.33 3.63
CA VAL A 159 0.38 48.25 4.67
C VAL A 159 -0.78 47.28 4.45
N ALA A 160 -1.99 47.77 4.13
CA ALA A 160 -3.20 46.92 4.02
C ALA A 160 -3.11 45.96 2.83
N THR A 161 -2.78 46.47 1.64
CA THR A 161 -2.72 45.70 0.36
C THR A 161 -1.64 44.60 0.48
N ARG A 162 -0.54 44.88 1.18
CA ARG A 162 0.56 43.90 1.40
C ARG A 162 0.07 42.76 2.31
N MET A 163 -0.42 43.09 3.50
CA MET A 163 -0.80 42.09 4.52
C MET A 163 -2.08 41.34 4.10
N GLN A 164 -2.83 41.90 3.16
CA GLN A 164 -3.96 41.19 2.50
C GLN A 164 -3.41 39.94 1.82
N SER A 165 -2.29 40.07 1.12
CA SER A 165 -1.68 39.02 0.27
C SER A 165 -1.25 37.81 1.13
N PHE A 166 -1.06 38.02 2.44
CA PHE A 166 -0.80 36.94 3.45
C PHE A 166 -2.11 36.32 3.95
N GLY A 167 -3.25 36.88 3.55
CA GLY A 167 -4.59 36.37 3.88
C GLY A 167 -5.06 36.84 5.24
N MET A 168 -4.64 38.05 5.64
CA MET A 168 -5.13 38.74 6.88
C MET A 168 -6.43 39.49 6.58
N LYS A 169 -7.33 39.54 7.56
CA LYS A 169 -8.46 40.51 7.59
C LYS A 169 -7.90 41.88 8.00
N THR A 170 -8.05 42.88 7.13
CA THR A 170 -7.67 44.28 7.41
C THR A 170 -8.96 45.03 7.76
N ILE A 171 -9.26 45.13 9.05
CA ILE A 171 -10.24 46.12 9.60
C ILE A 171 -9.41 47.33 10.06
N GLY A 172 -9.95 48.54 9.94
CA GLY A 172 -9.28 49.77 10.38
C GLY A 172 -10.26 50.87 10.76
N TYR A 173 -9.73 52.01 11.20
CA TYR A 173 -10.51 53.20 11.58
C TYR A 173 -9.74 54.44 11.13
N ASP A 174 -10.44 55.35 10.45
CA ASP A 174 -9.90 56.70 10.16
C ASP A 174 -11.08 57.64 9.93
N PRO A 175 -11.18 58.72 10.73
CA PRO A 175 -12.33 59.62 10.69
C PRO A 175 -12.36 60.53 9.44
N ILE A 176 -11.27 60.63 8.70
CA ILE A 176 -11.15 61.51 7.50
C ILE A 176 -11.65 60.72 6.28
N ILE A 177 -11.21 59.47 6.11
CA ILE A 177 -11.48 58.71 4.84
C ILE A 177 -12.77 57.91 5.04
N SER A 178 -13.64 57.94 4.03
CA SER A 178 -15.02 57.39 4.08
C SER A 178 -14.96 55.87 4.03
N PRO A 179 -15.86 55.16 4.72
CA PRO A 179 -16.02 53.71 4.55
C PRO A 179 -16.00 53.27 3.07
N GLU A 180 -16.54 54.10 2.16
CA GLU A 180 -16.65 53.79 0.70
C GLU A 180 -15.25 53.67 0.07
N VAL A 181 -14.28 54.49 0.50
CA VAL A 181 -12.92 54.55 -0.08
C VAL A 181 -12.02 53.51 0.61
N SER A 182 -12.13 53.34 1.93
CA SER A 182 -11.37 52.31 2.71
C SER A 182 -11.68 50.93 2.12
N ALA A 183 -12.98 50.64 1.95
CA ALA A 183 -13.50 49.35 1.39
C ALA A 183 -12.80 49.07 0.06
N SER A 184 -12.54 50.13 -0.72
CA SER A 184 -12.00 50.08 -2.09
C SER A 184 -10.53 49.64 -2.08
N PHE A 185 -9.86 49.55 -0.93
CA PHE A 185 -8.56 48.83 -0.80
C PHE A 185 -8.67 47.80 0.33
N GLY A 186 -9.85 47.20 0.47
CA GLY A 186 -10.05 45.93 1.20
C GLY A 186 -10.01 46.09 2.71
N VAL A 187 -9.87 47.32 3.21
CA VAL A 187 -10.03 47.64 4.65
C VAL A 187 -11.50 47.95 4.92
N GLN A 188 -12.16 47.12 5.72
CA GLN A 188 -13.50 47.38 6.29
C GLN A 188 -13.30 48.32 7.47
N GLN A 189 -14.12 49.38 7.55
CA GLN A 189 -13.98 50.42 8.61
C GLN A 189 -15.01 50.15 9.71
N LEU A 190 -14.61 50.32 10.97
CA LEU A 190 -15.49 50.14 12.16
C LEU A 190 -15.15 51.22 13.20
N PRO A 191 -16.06 51.52 14.14
CA PRO A 191 -15.74 52.44 15.22
C PRO A 191 -14.71 51.75 16.14
N LEU A 192 -13.80 52.54 16.71
CA LEU A 192 -12.67 52.07 17.55
C LEU A 192 -13.16 51.04 18.57
N GLU A 193 -14.20 51.34 19.36
CA GLU A 193 -14.68 50.49 20.47
C GLU A 193 -14.94 49.05 19.96
N GLU A 194 -15.25 48.88 18.66
CA GLU A 194 -15.62 47.58 18.04
C GLU A 194 -14.40 46.92 17.41
N ILE A 195 -13.28 47.64 17.25
CA ILE A 195 -12.02 47.14 16.60
C ILE A 195 -11.17 46.37 17.63
N TRP A 196 -10.96 46.90 18.83
CA TRP A 196 -9.99 46.33 19.81
C TRP A 196 -10.19 44.81 19.93
N PRO A 197 -11.41 44.29 20.20
CA PRO A 197 -11.61 42.88 20.49
C PRO A 197 -11.49 41.90 19.31
N LEU A 198 -11.53 42.41 18.07
CA LEU A 198 -11.43 41.59 16.83
C LEU A 198 -9.97 41.34 16.44
N CYS A 199 -9.06 42.23 16.84
CA CYS A 199 -7.66 42.30 16.39
C CYS A 199 -6.78 41.26 17.11
N ASP A 200 -5.94 40.54 16.33
CA ASP A 200 -4.76 39.78 16.81
C ASP A 200 -3.53 40.65 16.63
N PHE A 201 -3.59 41.61 15.72
CA PHE A 201 -2.51 42.59 15.41
C PHE A 201 -3.12 43.96 15.18
N ILE A 202 -2.46 45.00 15.68
CA ILE A 202 -2.84 46.42 15.48
C ILE A 202 -1.59 47.19 15.11
N THR A 203 -1.61 47.93 14.00
CA THR A 203 -0.58 48.94 13.65
C THR A 203 -1.23 50.33 13.54
N VAL A 204 -0.45 51.38 13.75
CA VAL A 204 -0.92 52.79 13.79
C VAL A 204 -0.16 53.59 12.73
N HIS A 205 -0.87 54.40 11.93
CA HIS A 205 -0.30 55.22 10.82
C HIS A 205 -1.01 56.57 10.77
N THR A 206 -0.95 57.30 11.88
CA THR A 206 -1.58 58.62 12.07
C THR A 206 -0.50 59.65 12.38
N PRO A 207 -0.76 60.95 12.15
CA PRO A 207 0.12 62.01 12.61
C PRO A 207 -0.04 62.13 14.13
N LEU A 208 0.93 62.77 14.79
CA LEU A 208 0.85 63.05 16.25
C LEU A 208 -0.16 64.19 16.47
N LEU A 209 -1.32 63.88 17.02
CA LEU A 209 -2.37 64.87 17.41
C LEU A 209 -2.76 64.63 18.87
N PRO A 210 -3.40 65.62 19.54
CA PRO A 210 -3.97 65.39 20.86
C PRO A 210 -5.08 64.32 20.85
N SER A 211 -5.87 64.25 19.77
CA SER A 211 -6.99 63.28 19.59
C SER A 211 -6.44 61.86 19.39
N THR A 212 -5.13 61.74 19.14
CA THR A 212 -4.44 60.47 18.76
C THR A 212 -3.37 60.10 19.79
N THR A 213 -2.72 61.07 20.44
CA THR A 213 -1.78 60.84 21.58
C THR A 213 -2.43 59.85 22.56
N GLY A 214 -1.69 58.84 22.99
CA GLY A 214 -2.16 57.76 23.90
C GLY A 214 -3.36 57.00 23.34
N LEU A 215 -3.47 56.88 22.01
CA LEU A 215 -4.58 56.15 21.32
C LEU A 215 -4.69 54.74 21.90
N LEU A 216 -3.55 54.10 22.09
CA LEU A 216 -3.43 52.88 22.92
C LEU A 216 -2.94 53.30 24.30
N ASN A 217 -3.76 53.01 25.30
CA ASN A 217 -3.63 53.43 26.71
C ASN A 217 -4.17 52.28 27.56
N ASP A 218 -4.08 52.38 28.89
CA ASP A 218 -4.49 51.30 29.81
C ASP A 218 -5.89 50.83 29.42
N ASN A 219 -6.75 51.72 28.92
CA ASN A 219 -8.22 51.50 28.74
C ASN A 219 -8.51 50.72 27.45
N THR A 220 -7.94 51.16 26.32
CA THR A 220 -8.05 50.49 25.00
C THR A 220 -7.41 49.10 25.11
N PHE A 221 -6.14 49.03 25.54
CA PHE A 221 -5.38 47.78 25.76
C PHE A 221 -6.26 46.72 26.45
N ALA A 222 -7.08 47.13 27.41
CA ALA A 222 -7.94 46.22 28.20
C ALA A 222 -9.12 45.72 27.34
N GLN A 223 -9.56 46.46 26.32
CA GLN A 223 -10.70 46.00 25.46
C GLN A 223 -10.18 45.15 24.29
N CYS A 224 -8.85 45.06 24.11
CA CYS A 224 -8.16 44.21 23.09
C CYS A 224 -8.27 42.72 23.46
N LYS A 225 -8.15 41.83 22.47
CA LYS A 225 -7.96 40.36 22.64
C LYS A 225 -6.73 40.12 23.53
N LYS A 226 -6.83 39.18 24.47
CA LYS A 226 -5.66 38.75 25.28
C LYS A 226 -4.58 38.22 24.32
N GLY A 227 -3.42 38.87 24.29
CA GLY A 227 -2.26 38.49 23.44
C GLY A 227 -2.25 39.18 22.09
N VAL A 228 -2.95 40.31 21.98
CA VAL A 228 -2.84 41.21 20.81
C VAL A 228 -1.38 41.59 20.67
N ARG A 229 -0.95 42.01 19.48
CA ARG A 229 0.43 42.48 19.19
C ARG A 229 0.36 43.78 18.41
N VAL A 230 1.29 44.71 18.67
CA VAL A 230 1.16 46.14 18.29
C VAL A 230 2.42 46.63 17.59
N VAL A 231 2.26 47.45 16.56
CA VAL A 231 3.38 48.02 15.75
C VAL A 231 3.21 49.54 15.69
N ASN A 232 4.13 50.31 16.29
CA ASN A 232 4.20 51.78 16.10
C ASN A 232 5.42 52.08 15.21
N CYS A 233 5.17 52.43 13.94
CA CYS A 233 6.19 52.90 12.96
C CYS A 233 5.88 54.34 12.52
N ALA A 234 4.93 55.01 13.20
CA ALA A 234 4.42 56.35 12.84
C ALA A 234 5.08 57.43 13.70
N ARG A 235 4.54 57.69 14.90
CA ARG A 235 5.06 58.74 15.81
C ARG A 235 5.08 58.18 17.23
N GLY A 236 6.08 58.60 18.01
CA GLY A 236 6.25 58.23 19.43
C GLY A 236 5.10 58.76 20.26
N GLY A 237 4.42 57.86 20.97
CA GLY A 237 3.39 58.20 21.97
C GLY A 237 1.97 57.99 21.46
N ILE A 238 1.78 57.74 20.16
CA ILE A 238 0.46 57.31 19.64
C ILE A 238 0.06 56.10 20.47
N VAL A 239 1.00 55.19 20.69
CA VAL A 239 0.93 54.11 21.72
C VAL A 239 1.63 54.64 22.96
N ASP A 240 0.87 54.82 24.04
CA ASP A 240 1.35 55.27 25.37
C ASP A 240 2.41 54.26 25.83
N GLU A 241 3.67 54.71 25.91
CA GLU A 241 4.85 53.87 26.24
C GLU A 241 4.57 53.17 27.58
N GLY A 242 4.38 53.93 28.66
CA GLY A 242 4.01 53.39 29.99
C GLY A 242 2.93 52.33 29.91
N ALA A 243 1.88 52.57 29.12
CA ALA A 243 0.66 51.72 29.07
C ALA A 243 1.02 50.34 28.52
N LEU A 244 1.67 50.32 27.36
CA LEU A 244 2.23 49.12 26.67
C LEU A 244 3.05 48.27 27.66
N LEU A 245 4.05 48.87 28.31
CA LEU A 245 4.93 48.21 29.31
C LEU A 245 4.09 47.29 30.21
N ARG A 246 2.97 47.79 30.76
CA ARG A 246 2.14 47.04 31.73
C ARG A 246 1.36 45.95 30.97
N ALA A 247 1.04 46.17 29.69
CA ALA A 247 0.27 45.23 28.86
C ALA A 247 1.14 44.01 28.52
N LEU A 248 2.43 44.24 28.32
CA LEU A 248 3.42 43.17 28.08
C LEU A 248 3.60 42.36 29.37
N GLN A 249 3.66 43.06 30.51
CA GLN A 249 3.98 42.45 31.83
C GLN A 249 2.80 41.59 32.28
N SER A 250 1.58 42.01 31.96
CA SER A 250 0.32 41.31 32.31
C SER A 250 0.09 40.14 31.34
N GLY A 251 0.56 40.29 30.10
CA GLY A 251 0.30 39.33 29.00
C GLY A 251 -0.89 39.74 28.16
N GLN A 252 -1.59 40.83 28.53
CA GLN A 252 -2.65 41.41 27.67
C GLN A 252 -2.07 41.67 26.29
N CYS A 253 -0.82 42.16 26.22
CA CYS A 253 -0.04 42.29 24.96
C CYS A 253 1.03 41.19 24.88
N ALA A 254 0.99 40.39 23.82
CA ALA A 254 1.88 39.24 23.57
C ALA A 254 3.26 39.72 23.06
N GLY A 255 3.31 40.86 22.37
CA GLY A 255 4.58 41.49 21.97
C GLY A 255 4.35 42.77 21.18
N ALA A 256 5.41 43.55 20.95
CA ALA A 256 5.31 44.89 20.33
C ALA A 256 6.54 45.21 19.50
N ALA A 257 6.36 46.01 18.45
CA ALA A 257 7.41 46.48 17.51
C ALA A 257 7.39 48.00 17.42
N LEU A 258 8.50 48.66 17.72
CA LEU A 258 8.56 50.15 17.86
C LEU A 258 9.70 50.69 17.00
N ASP A 259 9.41 51.60 16.08
CA ASP A 259 10.43 52.36 15.30
C ASP A 259 10.53 53.79 15.84
N VAL A 260 9.62 54.18 16.74
CA VAL A 260 9.46 55.60 17.19
C VAL A 260 9.21 55.67 18.70
N PHE A 261 9.80 56.67 19.33
CA PHE A 261 9.80 56.86 20.80
C PHE A 261 9.47 58.32 21.11
N THR A 262 8.94 58.57 22.32
CA THR A 262 8.63 59.91 22.88
C THR A 262 9.91 60.76 22.91
N GLU A 263 10.96 60.25 23.56
CA GLU A 263 12.35 60.79 23.49
C GLU A 263 13.12 59.93 22.49
N GLU A 264 13.82 60.57 21.54
CA GLU A 264 14.67 59.91 20.51
C GLU A 264 16.08 60.52 20.56
N PRO A 265 17.09 59.85 21.15
CA PRO A 265 16.98 58.47 21.67
C PRO A 265 16.34 58.35 23.04
N PRO A 266 15.72 57.19 23.37
CA PRO A 266 14.93 57.04 24.59
C PRO A 266 15.77 56.80 25.85
N ARG A 267 15.53 57.58 26.92
CA ARG A 267 16.10 57.41 28.26
C ARG A 267 15.39 56.26 28.99
N ASP A 268 14.06 56.22 28.91
CA ASP A 268 13.26 55.14 29.54
C ASP A 268 13.53 53.86 28.74
N ARG A 269 14.52 53.07 29.15
CA ARG A 269 14.93 51.81 28.48
C ARG A 269 14.24 50.63 29.17
N ALA A 270 12.96 50.77 29.50
CA ALA A 270 12.12 49.71 30.10
C ALA A 270 11.56 48.80 29.00
N LEU A 271 11.07 49.42 27.92
CA LEU A 271 10.37 48.76 26.78
C LEU A 271 11.38 48.00 25.93
N VAL A 272 12.24 48.75 25.24
CA VAL A 272 13.31 48.22 24.37
C VAL A 272 13.80 46.92 25.02
N ASP A 273 14.16 46.98 26.30
CA ASP A 273 14.84 45.90 27.06
C ASP A 273 13.93 44.68 27.24
N HIS A 274 12.60 44.81 27.19
CA HIS A 274 11.63 43.70 27.37
C HIS A 274 11.86 42.64 26.27
N GLU A 275 11.69 41.36 26.57
CA GLU A 275 12.14 40.25 25.66
C GLU A 275 11.21 40.11 24.44
N ASN A 276 10.01 40.68 24.49
CA ASN A 276 8.98 40.61 23.41
C ASN A 276 8.88 41.96 22.69
N VAL A 277 9.90 42.81 22.77
CA VAL A 277 9.91 44.12 22.05
C VAL A 277 10.98 44.10 20.97
N ILE A 278 10.52 44.14 19.73
CA ILE A 278 11.34 44.45 18.52
C ILE A 278 11.46 45.96 18.44
N SER A 279 12.66 46.48 18.19
CA SER A 279 12.99 47.93 18.25
C SER A 279 13.97 48.33 17.14
N CYS A 280 13.93 49.58 16.70
CA CYS A 280 14.77 50.14 15.62
C CYS A 280 15.01 51.63 15.85
N PRO A 281 16.25 52.13 15.68
CA PRO A 281 16.53 53.56 15.78
C PRO A 281 15.93 54.41 14.64
N HIS A 282 14.60 54.41 14.52
CA HIS A 282 13.84 55.24 13.54
C HIS A 282 14.39 55.03 12.12
N LEU A 283 14.12 53.85 11.55
CA LEU A 283 14.63 53.38 10.23
C LEU A 283 13.52 53.39 9.17
N GLY A 284 12.34 53.92 9.47
CA GLY A 284 11.19 53.95 8.55
C GLY A 284 11.53 54.65 7.24
N ALA A 285 12.41 55.64 7.28
CA ALA A 285 12.90 56.41 6.11
C ALA A 285 14.38 56.14 5.86
N SER A 286 14.94 55.10 6.49
CA SER A 286 16.36 54.66 6.37
C SER A 286 16.47 53.64 5.24
N THR A 287 16.42 54.15 3.99
CA THR A 287 16.68 53.39 2.74
C THR A 287 17.34 54.32 1.71
N LYS A 288 18.43 53.87 1.07
CA LYS A 288 19.12 54.61 -0.03
C LYS A 288 18.04 55.13 -0.99
N GLU A 289 17.05 54.30 -1.31
CA GLU A 289 15.97 54.61 -2.29
C GLU A 289 15.26 55.90 -1.86
N ALA A 290 14.81 56.00 -0.60
CA ALA A 290 14.00 57.11 -0.05
C ALA A 290 14.84 58.39 0.07
N GLN A 291 15.95 58.34 0.80
CA GLN A 291 16.78 59.52 1.12
C GLN A 291 17.19 60.25 -0.16
N SER A 292 17.32 59.54 -1.28
CA SER A 292 17.61 60.11 -2.60
C SER A 292 16.39 60.89 -3.10
N ARG A 293 15.20 60.30 -2.96
CA ARG A 293 13.91 60.90 -3.39
C ARG A 293 13.64 62.16 -2.56
N CYS A 294 13.84 62.10 -1.24
CA CYS A 294 13.80 63.25 -0.30
C CYS A 294 14.81 64.29 -0.76
N GLY A 295 16.12 63.99 -0.61
CA GLY A 295 17.24 64.84 -1.04
C GLY A 295 16.99 65.49 -2.40
N GLU A 296 16.36 64.77 -3.34
CA GLU A 296 16.02 65.27 -4.70
C GLU A 296 14.86 66.28 -4.58
N GLU A 297 13.82 65.90 -3.84
CA GLU A 297 12.52 66.64 -3.75
C GLU A 297 12.73 67.97 -3.00
N ILE A 298 13.71 68.05 -2.10
CA ILE A 298 14.04 69.27 -1.29
C ILE A 298 14.85 70.25 -2.16
N ALA A 299 15.88 69.75 -2.84
CA ALA A 299 16.78 70.55 -3.70
C ALA A 299 15.97 71.19 -4.84
N VAL A 300 14.95 70.49 -5.34
CA VAL A 300 13.96 71.00 -6.32
C VAL A 300 13.33 72.27 -5.74
N GLN A 301 12.69 72.15 -4.57
CA GLN A 301 11.92 73.22 -3.88
C GLN A 301 12.78 74.49 -3.74
N PHE A 302 14.07 74.34 -3.40
CA PHE A 302 15.04 75.47 -3.28
C PHE A 302 15.23 76.15 -4.64
N VAL A 303 15.54 75.38 -5.68
CA VAL A 303 15.81 75.88 -7.06
C VAL A 303 14.50 76.45 -7.64
N ASP A 304 13.37 75.79 -7.41
CA ASP A 304 12.03 76.20 -7.90
C ASP A 304 11.79 77.69 -7.61
N MET A 305 12.17 78.17 -6.42
CA MET A 305 11.84 79.55 -5.95
C MET A 305 12.96 80.53 -6.33
N VAL A 306 14.05 80.05 -6.94
CA VAL A 306 15.12 80.91 -7.53
C VAL A 306 14.72 81.30 -8.96
N LYS A 307 13.80 80.54 -9.59
CA LYS A 307 13.32 80.66 -11.00
C LYS A 307 14.41 80.22 -11.99
N LEU B 5 -64.26 -52.61 16.95
CA LEU B 5 -63.68 -51.28 16.56
C LEU B 5 -64.57 -50.14 17.08
N ARG B 6 -65.25 -50.31 18.23
CA ARG B 6 -66.52 -49.59 18.52
C ARG B 6 -66.64 -49.02 19.95
N LYS B 7 -65.65 -49.17 20.82
CA LYS B 7 -65.65 -48.54 22.18
C LYS B 7 -64.27 -47.95 22.50
N VAL B 8 -64.24 -46.63 22.76
CA VAL B 8 -63.03 -45.80 23.00
C VAL B 8 -62.97 -45.40 24.48
N LEU B 9 -61.77 -45.05 24.96
CA LEU B 9 -61.53 -44.51 26.32
C LEU B 9 -60.63 -43.29 26.21
N ILE B 10 -61.06 -42.12 26.71
CA ILE B 10 -60.20 -40.92 26.84
C ILE B 10 -59.68 -40.89 28.28
N SER B 11 -58.36 -41.06 28.46
CA SER B 11 -57.73 -41.37 29.77
C SER B 11 -57.17 -40.11 30.43
N ASP B 12 -57.24 -38.96 29.75
CA ASP B 12 -56.66 -37.68 30.26
C ASP B 12 -57.68 -36.54 30.15
N SER B 13 -57.45 -35.46 30.90
CA SER B 13 -58.17 -34.17 30.72
C SER B 13 -57.90 -33.69 29.29
N LEU B 14 -58.87 -33.92 28.38
CA LEU B 14 -58.87 -33.52 26.96
C LEU B 14 -60.18 -32.76 26.69
N ASP B 15 -60.14 -31.81 25.75
CA ASP B 15 -61.28 -30.90 25.42
C ASP B 15 -62.56 -31.72 25.31
N PRO B 16 -63.68 -31.28 25.91
CA PRO B 16 -64.96 -31.99 25.80
C PRO B 16 -65.30 -32.44 24.36
N CYS B 17 -65.00 -31.60 23.36
CA CYS B 17 -65.46 -31.74 21.95
C CYS B 17 -64.94 -33.04 21.33
N CYS B 18 -63.86 -33.62 21.85
CA CYS B 18 -63.35 -34.97 21.44
C CYS B 18 -64.45 -36.00 21.67
N ARG B 19 -64.78 -36.30 22.93
CA ARG B 19 -65.86 -37.25 23.32
C ARG B 19 -67.10 -37.01 22.43
N LYS B 20 -67.48 -35.76 22.22
CA LYS B 20 -68.67 -35.38 21.40
C LYS B 20 -68.52 -36.02 20.01
N ILE B 21 -67.52 -35.58 19.23
CA ILE B 21 -67.34 -35.96 17.80
C ILE B 21 -67.24 -37.48 17.67
N LEU B 22 -66.69 -38.17 18.69
CA LEU B 22 -66.61 -39.67 18.76
C LEU B 22 -68.02 -40.25 18.80
N GLN B 23 -68.82 -39.92 19.83
CA GLN B 23 -70.22 -40.38 19.97
C GLN B 23 -71.01 -39.92 18.74
N ASP B 24 -70.81 -38.67 18.32
CA ASP B 24 -71.33 -38.06 17.06
C ASP B 24 -71.05 -39.00 15.87
N GLY B 25 -69.84 -39.56 15.81
CA GLY B 25 -69.43 -40.55 14.79
C GLY B 25 -70.19 -41.87 14.94
N GLY B 26 -70.40 -42.32 16.19
CA GLY B 26 -71.31 -43.42 16.53
C GLY B 26 -70.61 -44.57 17.24
N LEU B 27 -69.97 -44.30 18.39
CA LEU B 27 -69.30 -45.32 19.25
C LEU B 27 -69.25 -44.84 20.71
N GLN B 28 -69.42 -45.77 21.67
CA GLN B 28 -69.43 -45.43 23.13
C GLN B 28 -68.06 -44.84 23.50
N VAL B 29 -68.03 -44.08 24.59
CA VAL B 29 -66.82 -43.36 25.11
C VAL B 29 -66.80 -43.45 26.64
N VAL B 30 -65.63 -43.25 27.27
CA VAL B 30 -65.44 -43.31 28.75
C VAL B 30 -64.44 -42.22 29.17
N GLU B 31 -64.95 -41.05 29.58
CA GLU B 31 -64.09 -39.93 30.07
C GLU B 31 -63.64 -40.25 31.50
N LYS B 32 -62.37 -40.61 31.66
CA LYS B 32 -61.70 -40.85 32.96
C LYS B 32 -60.45 -39.96 33.04
N GLN B 33 -59.82 -39.87 34.21
CA GLN B 33 -58.72 -38.90 34.46
C GLN B 33 -57.80 -39.42 35.56
N ASN B 34 -56.53 -38.99 35.53
CA ASN B 34 -55.47 -39.27 36.55
C ASN B 34 -55.62 -40.69 37.11
N LEU B 35 -55.93 -41.69 36.28
CA LEU B 35 -55.99 -43.11 36.75
C LEU B 35 -54.54 -43.62 36.91
N SER B 36 -54.30 -44.56 37.83
CA SER B 36 -53.03 -45.28 38.05
C SER B 36 -52.90 -46.43 37.03
N LYS B 37 -51.67 -46.91 36.81
CA LYS B 37 -51.30 -47.95 35.81
C LYS B 37 -52.26 -49.15 35.92
N GLU B 38 -52.38 -49.77 37.09
CA GLU B 38 -53.21 -50.96 37.39
C GLU B 38 -54.71 -50.61 37.14
N GLU B 39 -55.10 -49.40 37.55
CA GLU B 39 -56.48 -48.86 37.45
C GLU B 39 -56.82 -48.69 35.96
N LEU B 40 -55.85 -48.22 35.17
CA LEU B 40 -55.94 -48.02 33.70
C LEU B 40 -56.20 -49.37 33.03
N ILE B 41 -55.28 -50.33 33.20
CA ILE B 41 -55.30 -51.67 32.55
C ILE B 41 -56.70 -52.29 32.73
N ALA B 42 -57.16 -52.34 33.99
CA ALA B 42 -58.46 -52.93 34.40
C ALA B 42 -59.61 -52.26 33.64
N GLU B 43 -59.60 -50.92 33.56
CA GLU B 43 -60.61 -50.09 32.85
C GLU B 43 -60.55 -50.39 31.34
N LEU B 44 -59.35 -50.64 30.81
CA LEU B 44 -59.08 -50.78 29.35
C LEU B 44 -59.59 -52.12 28.80
N GLN B 45 -59.92 -53.08 29.67
CA GLN B 45 -60.02 -54.53 29.33
C GLN B 45 -61.20 -54.83 28.37
N ASP B 46 -62.03 -53.85 28.00
CA ASP B 46 -63.11 -54.04 26.98
C ASP B 46 -63.24 -52.79 26.09
N CYS B 47 -62.13 -52.05 25.92
CA CYS B 47 -62.07 -50.83 25.07
C CYS B 47 -61.18 -51.13 23.84
N GLU B 48 -61.74 -50.97 22.63
CA GLU B 48 -61.01 -51.21 21.36
C GLU B 48 -60.03 -50.05 21.09
N GLY B 49 -60.42 -48.82 21.45
CA GLY B 49 -59.65 -47.58 21.21
C GLY B 49 -59.15 -46.97 22.52
N LEU B 50 -58.09 -46.17 22.46
CA LEU B 50 -57.60 -45.35 23.60
C LEU B 50 -57.06 -44.03 23.07
N ILE B 51 -57.52 -42.90 23.62
CA ILE B 51 -56.93 -41.55 23.33
C ILE B 51 -56.22 -41.09 24.61
N VAL B 52 -55.05 -40.48 24.46
CA VAL B 52 -54.26 -39.97 25.61
C VAL B 52 -53.72 -38.58 25.27
N ARG B 53 -53.40 -37.82 26.32
CA ARG B 53 -52.73 -36.50 26.19
C ARG B 53 -51.24 -36.73 26.48
N SER B 54 -50.61 -35.78 27.15
CA SER B 54 -49.18 -35.75 27.54
C SER B 54 -48.99 -36.29 28.96
N ALA B 55 -50.08 -36.51 29.71
CA ALA B 55 -50.13 -36.89 31.13
C ALA B 55 -50.60 -38.34 31.29
N THR B 56 -49.78 -39.32 30.87
CA THR B 56 -50.20 -40.75 30.69
C THR B 56 -48.96 -41.60 30.37
N LYS B 57 -48.81 -42.77 31.01
CA LYS B 57 -47.66 -43.69 30.80
C LYS B 57 -48.17 -44.99 30.18
N VAL B 58 -47.90 -45.24 28.87
CA VAL B 58 -48.40 -46.43 28.08
C VAL B 58 -47.22 -47.35 27.74
N THR B 59 -46.79 -48.19 28.69
CA THR B 59 -45.61 -49.08 28.63
C THR B 59 -45.97 -50.44 28.01
N ALA B 60 -44.95 -51.30 27.91
CA ALA B 60 -45.00 -52.73 27.56
C ALA B 60 -46.20 -53.40 28.24
N ASP B 61 -46.31 -53.32 29.57
CA ASP B 61 -47.30 -54.10 30.38
C ASP B 61 -48.75 -53.82 29.96
N VAL B 62 -49.07 -52.53 29.81
CA VAL B 62 -50.45 -52.03 29.50
C VAL B 62 -50.94 -52.64 28.17
N ILE B 63 -50.10 -52.52 27.14
CA ILE B 63 -50.42 -52.93 25.75
C ILE B 63 -50.71 -54.45 25.72
N ASN B 64 -49.98 -55.22 26.51
CA ASN B 64 -49.99 -56.70 26.51
C ASN B 64 -51.14 -57.22 27.38
N ALA B 65 -51.72 -56.38 28.26
CA ALA B 65 -52.88 -56.72 29.11
C ALA B 65 -54.18 -56.29 28.42
N ALA B 66 -54.05 -55.65 27.24
CA ALA B 66 -55.17 -55.12 26.43
C ALA B 66 -55.35 -56.02 25.19
N GLU B 67 -55.95 -57.19 25.37
CA GLU B 67 -56.09 -58.22 24.28
C GLU B 67 -56.98 -57.65 23.14
N LYS B 68 -57.75 -56.59 23.39
CA LYS B 68 -58.73 -56.01 22.43
C LYS B 68 -58.24 -54.70 21.80
N LEU B 69 -57.08 -54.18 22.20
CA LEU B 69 -56.57 -52.83 21.80
C LEU B 69 -56.27 -52.82 20.29
N GLN B 70 -57.12 -52.17 19.50
CA GLN B 70 -56.93 -52.04 18.03
C GLN B 70 -56.16 -50.75 17.71
N VAL B 71 -56.36 -49.65 18.45
CA VAL B 71 -55.92 -48.28 17.99
C VAL B 71 -55.65 -47.34 19.17
N VAL B 72 -54.62 -46.50 19.07
CA VAL B 72 -54.15 -45.60 20.17
C VAL B 72 -53.91 -44.21 19.58
N GLY B 73 -54.79 -43.24 19.87
CA GLY B 73 -54.68 -41.84 19.45
C GLY B 73 -53.97 -40.99 20.48
N ARG B 74 -53.29 -39.93 20.03
CA ARG B 74 -52.69 -38.92 20.93
C ARG B 74 -53.18 -37.54 20.48
N ALA B 75 -53.85 -36.80 21.37
CA ALA B 75 -54.32 -35.41 21.09
C ALA B 75 -53.15 -34.45 21.32
N GLY B 76 -52.27 -34.33 20.33
CA GLY B 76 -51.04 -33.54 20.39
C GLY B 76 -50.09 -33.88 19.25
N THR B 77 -48.92 -33.26 19.21
CA THR B 77 -47.83 -33.56 18.25
C THR B 77 -46.74 -34.33 19.00
N GLY B 78 -46.35 -35.49 18.47
CA GLY B 78 -45.35 -36.37 19.09
C GLY B 78 -46.03 -37.41 19.94
N VAL B 79 -45.38 -38.56 20.16
CA VAL B 79 -45.95 -39.73 20.88
C VAL B 79 -44.87 -40.33 21.79
N ASP B 80 -44.00 -39.46 22.35
CA ASP B 80 -42.90 -39.83 23.29
C ASP B 80 -43.47 -40.31 24.62
N ASN B 81 -44.75 -40.70 24.66
CA ASN B 81 -45.49 -41.23 25.84
C ASN B 81 -46.07 -42.61 25.50
N VAL B 82 -45.72 -43.20 24.36
CA VAL B 82 -46.25 -44.53 23.90
C VAL B 82 -45.05 -45.37 23.44
N ASP B 83 -44.89 -46.57 24.00
CA ASP B 83 -43.90 -47.59 23.54
C ASP B 83 -44.30 -48.01 22.12
N LEU B 84 -43.63 -47.50 21.09
CA LEU B 84 -43.97 -47.76 19.66
C LEU B 84 -43.50 -49.18 19.31
N GLU B 85 -42.34 -49.61 19.80
CA GLU B 85 -41.82 -50.99 19.62
C GLU B 85 -42.89 -51.98 20.12
N ALA B 86 -43.30 -51.85 21.37
CA ALA B 86 -44.35 -52.72 21.99
C ALA B 86 -45.67 -52.58 21.23
N ALA B 87 -45.96 -51.38 20.72
CA ALA B 87 -47.21 -51.05 19.99
C ALA B 87 -47.28 -51.82 18.68
N THR B 88 -46.30 -51.64 17.78
CA THR B 88 -46.24 -52.30 16.45
C THR B 88 -46.23 -53.83 16.61
N ARG B 89 -45.71 -54.35 17.72
CA ARG B 89 -45.61 -55.82 18.00
C ARG B 89 -47.02 -56.43 18.05
N LYS B 90 -47.95 -55.79 18.77
CA LYS B 90 -49.35 -56.29 18.97
C LYS B 90 -50.28 -55.68 17.89
N GLY B 91 -49.72 -55.24 16.77
CA GLY B 91 -50.45 -54.87 15.54
C GLY B 91 -51.27 -53.60 15.71
N ILE B 92 -50.96 -52.78 16.72
CA ILE B 92 -51.75 -51.55 17.09
C ILE B 92 -51.47 -50.47 16.05
N LEU B 93 -52.47 -49.65 15.71
CA LEU B 93 -52.32 -48.38 14.95
C LEU B 93 -52.15 -47.24 15.94
N VAL B 94 -51.21 -46.32 15.70
CA VAL B 94 -50.90 -45.19 16.63
C VAL B 94 -51.01 -43.89 15.83
N MET B 95 -51.90 -42.97 16.23
CA MET B 95 -52.20 -41.72 15.48
C MET B 95 -51.92 -40.51 16.36
N ASN B 96 -51.64 -39.36 15.73
CA ASN B 96 -51.42 -38.07 16.41
C ASN B 96 -52.00 -36.95 15.54
N THR B 97 -51.76 -35.70 15.93
CA THR B 97 -52.38 -34.46 15.39
C THR B 97 -51.26 -33.44 15.22
N PRO B 98 -50.43 -33.61 14.16
CA PRO B 98 -49.20 -32.82 13.99
C PRO B 98 -49.44 -31.33 13.68
N ASN B 99 -50.58 -31.01 13.04
CA ASN B 99 -50.97 -29.63 12.62
C ASN B 99 -51.31 -28.76 13.83
N GLY B 100 -52.40 -29.12 14.52
CA GLY B 100 -53.06 -28.31 15.57
C GLY B 100 -52.14 -28.00 16.75
N ASN B 101 -51.20 -27.09 16.52
CA ASN B 101 -50.15 -26.73 17.53
C ASN B 101 -49.31 -25.55 17.04
N SER B 102 -49.04 -25.47 15.74
CA SER B 102 -48.13 -24.51 15.06
C SER B 102 -48.19 -23.14 15.77
N LEU B 103 -49.36 -22.48 15.75
CA LEU B 103 -49.44 -21.06 16.19
C LEU B 103 -49.07 -20.97 17.68
N SER B 104 -49.67 -21.83 18.49
CA SER B 104 -49.58 -21.75 19.97
C SER B 104 -48.10 -21.72 20.38
N ALA B 105 -47.30 -22.64 19.83
CA ALA B 105 -45.84 -22.77 20.13
C ALA B 105 -45.09 -21.50 19.68
N ALA B 106 -45.42 -20.98 18.50
CA ALA B 106 -44.76 -19.78 17.91
C ALA B 106 -44.96 -18.57 18.85
N GLU B 107 -46.15 -18.46 19.42
CA GLU B 107 -46.53 -17.29 20.27
C GLU B 107 -45.72 -17.38 21.57
N LEU B 108 -45.88 -18.47 22.33
CA LEU B 108 -45.08 -18.69 23.55
C LEU B 108 -43.61 -18.34 23.30
N THR B 109 -43.05 -18.68 22.12
CA THR B 109 -41.64 -18.45 21.76
C THR B 109 -41.34 -16.94 21.81
N CYS B 110 -42.14 -16.15 21.07
CA CYS B 110 -42.05 -14.67 21.03
C CYS B 110 -42.26 -14.08 22.44
N GLY B 111 -43.23 -14.62 23.18
CA GLY B 111 -43.33 -14.34 24.63
C GLY B 111 -41.96 -14.37 25.27
N MET B 112 -41.31 -15.55 25.20
CA MET B 112 -39.98 -15.83 25.81
C MET B 112 -38.99 -14.74 25.42
N ILE B 113 -38.90 -14.46 24.12
CA ILE B 113 -37.90 -13.49 23.61
C ILE B 113 -38.12 -12.15 24.32
N MET B 114 -39.34 -11.60 24.26
CA MET B 114 -39.71 -10.36 25.00
C MET B 114 -39.37 -10.52 26.48
N CYS B 115 -39.95 -11.55 27.11
CA CYS B 115 -39.68 -11.85 28.54
C CYS B 115 -38.17 -11.81 28.83
N LEU B 116 -37.33 -12.33 27.93
CA LEU B 116 -35.85 -12.36 28.11
C LEU B 116 -35.26 -10.96 27.98
N ALA B 117 -35.72 -10.21 26.98
CA ALA B 117 -35.24 -8.85 26.66
C ALA B 117 -35.47 -7.89 27.84
N ARG B 118 -36.56 -8.09 28.60
CA ARG B 118 -37.04 -7.10 29.61
C ARG B 118 -37.17 -7.70 31.02
N GLN B 119 -37.03 -9.01 31.16
CA GLN B 119 -36.94 -9.70 32.48
C GLN B 119 -38.28 -9.59 33.20
N ILE B 120 -39.37 -9.58 32.43
CA ILE B 120 -40.75 -9.42 32.99
C ILE B 120 -40.97 -10.44 34.10
N PRO B 121 -40.66 -11.74 33.91
CA PRO B 121 -40.87 -12.74 34.97
C PRO B 121 -40.08 -12.45 36.25
N GLN B 122 -38.87 -11.92 36.09
CA GLN B 122 -37.94 -11.54 37.20
C GLN B 122 -38.55 -10.38 38.01
N ALA B 123 -39.07 -9.37 37.31
CA ALA B 123 -39.75 -8.18 37.90
C ALA B 123 -41.00 -8.62 38.67
N THR B 124 -41.83 -9.48 38.07
CA THR B 124 -43.08 -10.00 38.68
C THR B 124 -42.73 -10.73 39.96
N ALA B 125 -41.83 -11.73 39.96
CA ALA B 125 -41.55 -12.52 41.19
C ALA B 125 -40.99 -11.55 42.26
N SER B 126 -40.19 -10.56 41.83
CA SER B 126 -39.39 -9.76 42.83
C SER B 126 -40.28 -8.59 43.28
N MET B 127 -40.67 -7.80 42.30
CA MET B 127 -41.75 -6.78 42.37
C MET B 127 -42.94 -7.36 43.16
N LYS B 128 -43.46 -8.51 42.76
CA LYS B 128 -44.64 -9.19 43.33
C LYS B 128 -44.43 -9.41 44.83
N ASP B 129 -43.19 -9.55 45.28
CA ASP B 129 -42.84 -9.75 46.71
C ASP B 129 -42.66 -8.40 47.40
N GLY B 130 -41.43 -8.08 47.85
CA GLY B 130 -41.12 -6.88 48.65
C GLY B 130 -40.68 -5.72 47.75
N LYS B 131 -40.10 -5.96 46.55
CA LYS B 131 -39.04 -5.11 45.98
C LYS B 131 -39.50 -4.18 44.84
N TRP B 132 -39.05 -2.93 44.88
CA TRP B 132 -39.03 -1.97 43.75
C TRP B 132 -37.54 -1.70 43.45
N GLU B 133 -36.94 -2.42 42.52
CA GLU B 133 -35.67 -2.02 41.81
C GLU B 133 -35.94 -1.37 40.44
N ARG B 134 -35.70 -0.05 40.24
CA ARG B 134 -35.75 0.56 38.88
C ARG B 134 -34.36 0.53 38.24
N LYS B 135 -33.33 0.70 39.07
CA LYS B 135 -31.92 0.89 38.62
C LYS B 135 -31.44 -0.43 38.00
N LYS B 136 -31.93 -1.54 38.56
CA LYS B 136 -31.35 -2.90 38.40
C LYS B 136 -31.66 -3.45 37.00
N PHE B 137 -32.94 -3.70 36.68
CA PHE B 137 -33.39 -4.55 35.54
C PHE B 137 -33.29 -3.79 34.21
N MET B 138 -32.11 -3.30 33.88
CA MET B 138 -31.83 -2.72 32.53
C MET B 138 -31.99 -3.80 31.46
N GLY B 139 -32.92 -3.61 30.51
CA GLY B 139 -33.33 -4.60 29.48
C GLY B 139 -32.84 -4.18 28.11
N THR B 140 -33.39 -4.78 27.05
CA THR B 140 -32.97 -4.53 25.64
C THR B 140 -34.15 -4.11 24.77
N GLU B 141 -33.89 -3.14 23.89
CA GLU B 141 -34.78 -2.76 22.76
C GLU B 141 -34.53 -3.76 21.61
N LEU B 142 -35.54 -4.53 21.23
CA LEU B 142 -35.47 -5.54 20.15
C LEU B 142 -35.20 -4.86 18.82
N ASN B 143 -35.71 -3.64 18.62
CA ASN B 143 -35.55 -2.92 17.33
C ASN B 143 -34.08 -3.01 16.90
N GLY B 144 -33.82 -3.48 15.68
CA GLY B 144 -32.49 -3.47 15.03
C GLY B 144 -31.55 -4.55 15.53
N LYS B 145 -31.96 -5.37 16.50
CA LYS B 145 -31.18 -6.53 17.03
C LYS B 145 -31.33 -7.72 16.07
N THR B 146 -30.52 -8.77 16.24
CA THR B 146 -30.50 -9.96 15.35
C THR B 146 -30.99 -11.19 16.12
N LEU B 147 -32.07 -11.80 15.61
CA LEU B 147 -32.57 -13.12 16.06
C LEU B 147 -32.12 -14.18 15.06
N GLY B 148 -31.57 -15.29 15.58
CA GLY B 148 -31.23 -16.51 14.81
C GLY B 148 -32.26 -17.61 15.02
N ILE B 149 -32.99 -17.96 13.98
CA ILE B 149 -33.98 -19.08 13.98
C ILE B 149 -33.35 -20.34 13.36
N LEU B 150 -33.14 -21.38 14.15
CA LEU B 150 -32.62 -22.71 13.70
C LEU B 150 -33.83 -23.65 13.57
N GLY B 151 -34.36 -23.82 12.36
CA GLY B 151 -35.44 -24.79 12.07
C GLY B 151 -36.61 -24.09 11.43
N LEU B 152 -36.47 -23.70 10.17
CA LEU B 152 -37.39 -22.79 9.45
C LEU B 152 -38.61 -23.56 8.91
N GLY B 153 -39.19 -24.40 9.75
CA GLY B 153 -40.41 -25.18 9.45
C GLY B 153 -41.64 -24.32 9.51
N ARG B 154 -42.76 -24.84 10.03
CA ARG B 154 -44.02 -24.08 10.20
C ARG B 154 -43.82 -23.01 11.29
N ILE B 155 -43.56 -23.50 12.50
CA ILE B 155 -43.32 -22.71 13.74
C ILE B 155 -42.23 -21.68 13.45
N GLY B 156 -41.18 -22.07 12.75
CA GLY B 156 -40.01 -21.20 12.54
C GLY B 156 -40.39 -19.95 11.78
N ARG B 157 -41.24 -20.10 10.75
CA ARG B 157 -41.75 -19.03 9.86
C ARG B 157 -42.65 -18.09 10.64
N GLU B 158 -43.51 -18.69 11.46
CA GLU B 158 -44.52 -17.91 12.22
C GLU B 158 -43.73 -17.03 13.22
N VAL B 159 -42.75 -17.61 13.94
CA VAL B 159 -41.84 -16.85 14.85
C VAL B 159 -41.16 -15.71 14.09
N ALA B 160 -40.73 -15.93 12.85
CA ALA B 160 -39.96 -14.94 12.07
C ALA B 160 -40.82 -13.71 11.70
N THR B 161 -42.02 -13.93 11.14
CA THR B 161 -42.94 -12.86 10.66
C THR B 161 -43.36 -11.97 11.83
N ARG B 162 -43.53 -12.55 13.03
CA ARG B 162 -43.90 -11.80 14.26
C ARG B 162 -42.74 -10.91 14.69
N MET B 163 -41.56 -11.48 14.92
CA MET B 163 -40.40 -10.75 15.46
C MET B 163 -39.83 -9.76 14.42
N GLN B 164 -40.16 -9.96 13.14
CA GLN B 164 -39.86 -8.98 12.08
C GLN B 164 -40.57 -7.66 12.42
N SER B 165 -41.82 -7.75 12.86
CA SER B 165 -42.71 -6.58 13.10
C SER B 165 -42.16 -5.69 14.22
N PHE B 166 -41.30 -6.24 15.09
CA PHE B 166 -40.55 -5.53 16.15
C PHE B 166 -39.26 -4.91 15.60
N GLY B 167 -38.94 -5.19 14.33
CA GLY B 167 -37.78 -4.61 13.62
C GLY B 167 -36.50 -5.37 13.91
N MET B 168 -36.59 -6.68 14.16
CA MET B 168 -35.43 -7.58 14.33
C MET B 168 -34.95 -8.07 12.96
N LYS B 169 -33.64 -8.28 12.81
CA LYS B 169 -33.07 -9.11 11.72
C LYS B 169 -33.31 -10.58 12.06
N THR B 170 -34.02 -11.29 11.18
CA THR B 170 -34.20 -12.76 11.26
C THR B 170 -33.24 -13.40 10.26
N ILE B 171 -32.07 -13.79 10.75
CA ILE B 171 -31.17 -14.75 10.05
C ILE B 171 -31.46 -16.13 10.65
N GLY B 172 -31.38 -17.20 9.85
CA GLY B 172 -31.62 -18.56 10.32
C GLY B 172 -30.86 -19.61 9.49
N TYR B 173 -30.99 -20.87 9.90
CA TYR B 173 -30.38 -22.03 9.23
C TYR B 173 -31.36 -23.21 9.21
N ASP B 174 -31.55 -23.83 8.06
CA ASP B 174 -32.27 -25.11 7.93
C ASP B 174 -31.84 -25.80 6.64
N PRO B 175 -31.30 -27.02 6.75
CA PRO B 175 -30.73 -27.72 5.61
C PRO B 175 -31.78 -28.29 4.64
N ILE B 176 -33.06 -28.31 5.01
CA ILE B 176 -34.17 -28.79 4.14
C ILE B 176 -34.67 -27.63 3.27
N ILE B 177 -34.87 -26.44 3.83
CA ILE B 177 -35.54 -25.32 3.12
C ILE B 177 -34.45 -24.52 2.37
N SER B 178 -34.73 -24.18 1.10
CA SER B 178 -33.80 -23.48 0.19
C SER B 178 -33.72 -22.02 0.59
N PRO B 179 -32.54 -21.38 0.47
CA PRO B 179 -32.42 -19.94 0.65
C PRO B 179 -33.52 -19.14 -0.08
N GLU B 180 -33.98 -19.62 -1.23
CA GLU B 180 -35.02 -18.93 -2.06
C GLU B 180 -36.36 -18.88 -1.34
N VAL B 181 -36.71 -19.91 -0.56
CA VAL B 181 -38.03 -20.00 0.15
C VAL B 181 -37.92 -19.27 1.51
N SER B 182 -36.82 -19.46 2.25
CA SER B 182 -36.58 -18.77 3.55
C SER B 182 -36.65 -17.24 3.33
N ALA B 183 -35.93 -16.75 2.32
CA ALA B 183 -35.88 -15.32 1.92
C ALA B 183 -37.31 -14.79 1.72
N SER B 184 -38.20 -15.64 1.21
CA SER B 184 -39.59 -15.30 0.84
C SER B 184 -40.44 -15.06 2.09
N PHE B 185 -39.95 -15.33 3.30
CA PHE B 185 -40.57 -14.81 4.56
C PHE B 185 -39.50 -14.11 5.41
N GLY B 186 -38.55 -13.46 4.72
CA GLY B 186 -37.68 -12.42 5.29
C GLY B 186 -36.60 -12.97 6.21
N VAL B 187 -36.48 -14.29 6.29
CA VAL B 187 -35.31 -14.96 6.94
C VAL B 187 -34.22 -15.16 5.88
N GLN B 188 -33.08 -14.50 6.05
CA GLN B 188 -31.85 -14.74 5.25
C GLN B 188 -31.16 -15.96 5.86
N GLN B 189 -30.75 -16.91 5.02
CA GLN B 189 -30.13 -18.18 5.47
C GLN B 189 -28.60 -18.08 5.40
N LEU B 190 -27.91 -18.64 6.38
CA LEU B 190 -26.41 -18.66 6.48
C LEU B 190 -25.98 -19.98 7.10
N PRO B 191 -24.72 -20.42 6.85
CA PRO B 191 -24.21 -21.62 7.49
C PRO B 191 -24.05 -21.32 8.99
N LEU B 192 -24.30 -22.34 9.83
CA LEU B 192 -24.26 -22.27 11.31
C LEU B 192 -23.01 -21.51 11.78
N GLU B 193 -21.81 -21.89 11.34
CA GLU B 193 -20.53 -21.31 11.84
C GLU B 193 -20.56 -19.78 11.71
N GLU B 194 -21.35 -19.23 10.76
CA GLU B 194 -21.41 -17.77 10.47
C GLU B 194 -22.58 -17.12 11.24
N ILE B 195 -23.50 -17.90 11.81
CA ILE B 195 -24.71 -17.40 12.52
C ILE B 195 -24.37 -17.04 13.98
N TRP B 196 -23.65 -17.89 14.71
CA TRP B 196 -23.43 -17.71 16.18
C TRP B 196 -23.02 -16.27 16.49
N PRO B 197 -21.98 -15.70 15.84
CA PRO B 197 -21.45 -14.39 16.23
C PRO B 197 -22.30 -13.16 15.87
N LEU B 198 -23.29 -13.32 14.99
CA LEU B 198 -24.19 -12.23 14.54
C LEU B 198 -25.38 -12.05 15.49
N CYS B 199 -25.76 -13.12 16.21
CA CYS B 199 -26.99 -13.23 17.02
C CYS B 199 -26.85 -12.52 18.37
N ASP B 200 -27.88 -11.74 18.74
CA ASP B 200 -28.15 -11.26 20.13
C ASP B 200 -29.17 -12.21 20.77
N PHE B 201 -29.97 -12.88 19.93
CA PHE B 201 -31.00 -13.86 20.34
C PHE B 201 -30.98 -15.04 19.37
N ILE B 202 -31.14 -16.24 19.90
CA ILE B 202 -31.24 -17.50 19.13
C ILE B 202 -32.41 -18.30 19.68
N THR B 203 -33.34 -18.73 18.83
CA THR B 203 -34.38 -19.74 19.15
C THR B 203 -34.20 -20.95 18.22
N VAL B 204 -34.67 -22.12 18.68
CA VAL B 204 -34.52 -23.42 17.96
C VAL B 204 -35.92 -24.01 17.74
N HIS B 205 -36.19 -24.48 16.52
CA HIS B 205 -37.50 -25.06 16.09
C HIS B 205 -37.25 -26.24 15.17
N THR B 206 -36.52 -27.24 15.66
CA THR B 206 -36.16 -28.47 14.93
C THR B 206 -36.71 -29.66 15.69
N PRO B 207 -36.93 -30.79 14.98
CA PRO B 207 -37.31 -32.05 15.62
C PRO B 207 -36.07 -32.59 16.34
N LEU B 208 -36.27 -33.50 17.29
CA LEU B 208 -35.13 -34.07 18.05
C LEU B 208 -34.46 -35.14 17.18
N LEU B 209 -33.27 -34.85 16.64
CA LEU B 209 -32.47 -35.79 15.80
C LEU B 209 -31.06 -35.87 16.38
N PRO B 210 -30.25 -36.85 15.94
CA PRO B 210 -28.83 -36.86 16.29
C PRO B 210 -28.08 -35.65 15.72
N SER B 211 -28.47 -35.17 14.53
CA SER B 211 -27.86 -33.99 13.83
C SER B 211 -28.25 -32.70 14.56
N THR B 212 -29.21 -32.77 15.48
CA THR B 212 -29.83 -31.62 16.21
C THR B 212 -29.49 -31.68 17.71
N THR B 213 -29.47 -32.87 18.30
CA THR B 213 -29.10 -33.10 19.73
C THR B 213 -27.81 -32.31 20.03
N GLY B 214 -27.80 -31.56 21.12
CA GLY B 214 -26.66 -30.73 21.57
C GLY B 214 -26.25 -29.70 20.52
N LEU B 215 -27.19 -29.21 19.70
CA LEU B 215 -26.92 -28.18 18.64
C LEU B 215 -26.22 -26.99 19.28
N LEU B 216 -26.70 -26.58 20.44
CA LEU B 216 -25.97 -25.64 21.33
C LEU B 216 -25.27 -26.48 22.40
N ASN B 217 -23.96 -26.36 22.42
CA ASN B 217 -23.00 -27.15 23.23
C ASN B 217 -21.87 -26.20 23.62
N ASP B 218 -20.92 -26.67 24.45
CA ASP B 218 -19.81 -25.81 24.94
C ASP B 218 -19.17 -25.07 23.75
N ASN B 219 -19.14 -25.68 22.56
CA ASN B 219 -18.33 -25.24 21.39
C ASN B 219 -19.05 -24.13 20.61
N THR B 220 -20.33 -24.32 20.28
CA THR B 220 -21.19 -23.31 19.60
C THR B 220 -21.33 -22.09 20.53
N PHE B 221 -21.77 -22.30 21.78
CA PHE B 221 -21.92 -21.26 22.82
C PHE B 221 -20.69 -20.31 22.82
N ALA B 222 -19.49 -20.87 22.64
CA ALA B 222 -18.24 -20.10 22.64
C ALA B 222 -18.09 -19.24 21.37
N GLN B 223 -18.71 -19.63 20.25
CA GLN B 223 -18.66 -18.87 18.98
C GLN B 223 -19.71 -17.75 18.95
N CYS B 224 -20.67 -17.78 19.89
CA CYS B 224 -21.77 -16.78 20.06
C CYS B 224 -21.22 -15.45 20.58
N LYS B 225 -21.95 -14.35 20.32
CA LYS B 225 -21.75 -13.01 20.96
C LYS B 225 -21.76 -13.17 22.48
N LYS B 226 -20.86 -12.50 23.19
CA LYS B 226 -20.91 -12.43 24.68
C LYS B 226 -22.26 -11.81 25.08
N GLY B 227 -23.09 -12.56 25.81
CA GLY B 227 -24.41 -12.10 26.29
C GLY B 227 -25.54 -12.42 25.33
N VAL B 228 -25.34 -13.39 24.45
CA VAL B 228 -26.43 -13.94 23.58
C VAL B 228 -27.50 -14.44 24.55
N ARG B 229 -28.74 -14.58 24.06
CA ARG B 229 -29.89 -15.13 24.84
C ARG B 229 -30.63 -16.16 24.00
N VAL B 230 -31.12 -17.22 24.62
CA VAL B 230 -31.52 -18.47 23.92
C VAL B 230 -32.92 -18.92 24.36
N VAL B 231 -33.72 -19.41 23.42
CA VAL B 231 -35.11 -19.90 23.66
C VAL B 231 -35.22 -21.32 23.11
N ASN B 232 -35.44 -22.32 23.97
CA ASN B 232 -35.83 -23.70 23.53
C ASN B 232 -37.30 -23.91 23.86
N CYS B 233 -38.18 -23.87 22.85
CA CYS B 233 -39.62 -24.18 22.93
C CYS B 233 -39.95 -25.39 22.04
N ALA B 234 -38.93 -26.09 21.55
CA ALA B 234 -39.07 -27.21 20.59
C ALA B 234 -38.97 -28.54 21.34
N ARG B 235 -37.75 -29.06 21.55
CA ARG B 235 -37.52 -30.38 22.20
C ARG B 235 -36.35 -30.24 23.18
N GLY B 236 -36.44 -30.97 24.30
CA GLY B 236 -35.41 -31.01 25.34
C GLY B 236 -34.12 -31.59 24.82
N GLY B 237 -33.03 -30.84 24.96
CA GLY B 237 -31.67 -31.31 24.64
C GLY B 237 -31.14 -30.79 23.31
N ILE B 238 -32.00 -30.19 22.47
CA ILE B 238 -31.52 -29.48 21.25
C ILE B 238 -30.46 -28.49 21.75
N VAL B 239 -30.76 -27.80 22.84
CA VAL B 239 -29.80 -27.03 23.66
C VAL B 239 -29.35 -27.94 24.79
N ASP B 240 -28.06 -28.30 24.79
CA ASP B 240 -27.40 -29.12 25.83
C ASP B 240 -27.59 -28.40 27.17
N GLU B 241 -28.38 -29.01 28.06
CA GLU B 241 -28.75 -28.41 29.38
C GLU B 241 -27.46 -28.09 30.14
N GLY B 242 -26.61 -29.09 30.42
CA GLY B 242 -25.29 -28.89 31.06
C GLY B 242 -24.52 -27.71 30.47
N ALA B 243 -24.50 -27.60 29.13
CA ALA B 243 -23.67 -26.62 28.38
C ALA B 243 -24.14 -25.20 28.69
N LEU B 244 -25.44 -24.96 28.51
CA LEU B 244 -26.16 -23.70 28.86
C LEU B 244 -25.80 -23.24 30.28
N LEU B 245 -26.01 -24.12 31.27
CA LEU B 245 -25.70 -23.84 32.70
C LEU B 245 -24.36 -23.11 32.83
N ARG B 246 -23.32 -23.61 32.17
CA ARG B 246 -21.94 -23.04 32.27
C ARG B 246 -21.88 -21.72 31.51
N ALA B 247 -22.69 -21.54 30.46
CA ALA B 247 -22.73 -20.32 29.63
C ALA B 247 -23.36 -19.18 30.41
N LEU B 248 -24.36 -19.49 31.24
CA LEU B 248 -25.03 -18.52 32.15
C LEU B 248 -24.03 -18.13 33.24
N GLN B 249 -23.27 -19.11 33.77
CA GLN B 249 -22.38 -18.93 34.94
C GLN B 249 -21.18 -18.07 34.52
N SER B 250 -20.73 -18.23 33.27
CA SER B 250 -19.58 -17.50 32.68
C SER B 250 -20.03 -16.10 32.26
N GLY B 251 -21.30 -15.96 31.86
CA GLY B 251 -21.85 -14.73 31.27
C GLY B 251 -21.80 -14.75 29.76
N GLN B 252 -21.24 -15.79 29.16
CA GLN B 252 -21.30 -16.00 27.69
C GLN B 252 -22.77 -15.94 27.26
N CYS B 253 -23.66 -16.54 28.05
CA CYS B 253 -25.14 -16.43 27.90
C CYS B 253 -25.72 -15.48 28.96
N ALA B 254 -26.40 -14.43 28.51
CA ALA B 254 -27.00 -13.37 29.36
C ALA B 254 -28.32 -13.85 29.97
N GLY B 255 -29.03 -14.77 29.33
CA GLY B 255 -30.23 -15.43 29.90
C GLY B 255 -30.86 -16.40 28.94
N ALA B 256 -31.80 -17.22 29.41
CA ALA B 256 -32.39 -18.33 28.63
C ALA B 256 -33.85 -18.57 29.01
N ALA B 257 -34.64 -19.03 28.05
CA ALA B 257 -36.07 -19.38 28.19
C ALA B 257 -36.29 -20.82 27.74
N LEU B 258 -36.84 -21.67 28.59
CA LEU B 258 -36.97 -23.13 28.33
C LEU B 258 -38.41 -23.58 28.57
N ASP B 259 -39.06 -24.16 27.56
CA ASP B 259 -40.39 -24.81 27.70
C ASP B 259 -40.21 -26.33 27.73
N VAL B 260 -39.01 -26.84 27.44
CA VAL B 260 -38.77 -28.30 27.21
C VAL B 260 -37.45 -28.72 27.87
N PHE B 261 -37.48 -29.92 28.46
CA PHE B 261 -36.37 -30.50 29.25
C PHE B 261 -36.13 -31.94 28.79
N THR B 262 -34.91 -32.46 29.04
CA THR B 262 -34.47 -33.85 28.77
C THR B 262 -35.34 -34.80 29.59
N GLU B 263 -35.42 -34.57 30.91
CA GLU B 263 -36.38 -35.23 31.84
C GLU B 263 -37.54 -34.26 32.06
N GLU B 264 -38.79 -34.71 31.88
CA GLU B 264 -40.03 -33.92 32.09
C GLU B 264 -40.95 -34.69 33.04
N PRO B 265 -41.04 -34.32 34.34
CA PRO B 265 -40.43 -33.11 34.90
C PRO B 265 -38.95 -33.24 35.25
N PRO B 266 -38.18 -32.12 35.25
CA PRO B 266 -36.72 -32.18 35.37
C PRO B 266 -36.22 -32.37 36.82
N ARG B 267 -35.34 -33.35 37.03
CA ARG B 267 -34.68 -33.62 38.32
C ARG B 267 -33.51 -32.64 38.49
N ASP B 268 -32.73 -32.41 37.44
CA ASP B 268 -31.63 -31.42 37.46
C ASP B 268 -32.24 -30.02 37.54
N ARG B 269 -32.45 -29.53 38.77
CA ARG B 269 -33.06 -28.19 39.03
C ARG B 269 -31.95 -27.16 39.25
N ALA B 270 -30.90 -27.22 38.43
CA ALA B 270 -29.77 -26.26 38.45
C ALA B 270 -30.14 -25.05 37.59
N LEU B 271 -30.72 -25.31 36.41
CA LEU B 271 -31.06 -24.30 35.36
C LEU B 271 -32.27 -23.49 35.81
N VAL B 272 -33.43 -24.15 35.86
CA VAL B 272 -34.71 -23.55 36.31
C VAL B 272 -34.38 -22.53 37.39
N ASP B 273 -33.64 -22.95 38.42
CA ASP B 273 -33.37 -22.18 39.66
C ASP B 273 -32.49 -20.95 39.38
N HIS B 274 -31.70 -20.91 38.30
CA HIS B 274 -30.81 -19.76 37.95
C HIS B 274 -31.65 -18.50 37.75
N GLU B 275 -31.15 -17.33 38.12
CA GLU B 275 -31.96 -16.08 38.21
C GLU B 275 -32.28 -15.53 36.81
N ASN B 276 -31.56 -15.97 35.76
CA ASN B 276 -31.73 -15.50 34.36
C ASN B 276 -32.41 -16.58 33.52
N VAL B 277 -33.11 -17.54 34.13
CA VAL B 277 -33.82 -18.61 33.39
C VAL B 277 -35.34 -18.44 33.58
N ILE B 278 -36.02 -18.10 32.51
CA ILE B 278 -37.49 -18.18 32.34
C ILE B 278 -37.83 -19.63 31.99
N SER B 279 -38.84 -20.21 32.63
CA SER B 279 -39.16 -21.67 32.55
C SER B 279 -40.68 -21.89 32.55
N CYS B 280 -41.14 -22.98 31.94
CA CYS B 280 -42.57 -23.36 31.84
C CYS B 280 -42.70 -24.88 31.76
N PRO B 281 -43.66 -25.49 32.48
CA PRO B 281 -43.89 -26.94 32.37
C PRO B 281 -44.52 -27.39 31.04
N HIS B 282 -43.82 -27.15 29.92
CA HIS B 282 -44.23 -27.54 28.56
C HIS B 282 -45.65 -27.00 28.26
N LEU B 283 -45.77 -25.69 28.04
CA LEU B 283 -47.05 -24.96 27.80
C LEU B 283 -47.18 -24.55 26.32
N GLY B 284 -46.28 -24.99 25.44
CA GLY B 284 -46.31 -24.65 24.01
C GLY B 284 -47.61 -25.04 23.35
N ALA B 285 -48.24 -26.13 23.80
CA ALA B 285 -49.54 -26.63 23.31
C ALA B 285 -50.61 -26.51 24.41
N SER B 286 -50.33 -25.75 25.47
CA SER B 286 -51.24 -25.45 26.60
C SER B 286 -52.05 -24.18 26.28
N THR B 287 -53.02 -24.30 25.36
CA THR B 287 -54.01 -23.22 25.06
C THR B 287 -55.37 -23.85 24.73
N LYS B 288 -56.46 -23.37 25.34
CA LYS B 288 -57.85 -23.82 25.04
C LYS B 288 -58.01 -23.90 23.52
N GLU B 289 -57.50 -22.89 22.79
CA GLU B 289 -57.64 -22.76 21.32
C GLU B 289 -57.07 -24.04 20.66
N ALA B 290 -55.84 -24.44 21.00
CA ALA B 290 -55.11 -25.57 20.37
C ALA B 290 -55.73 -26.92 20.74
N GLN B 291 -55.83 -27.21 22.04
CA GLN B 291 -56.28 -28.53 22.55
C GLN B 291 -57.64 -28.90 21.93
N SER B 292 -58.46 -27.91 21.59
CA SER B 292 -59.78 -28.12 20.93
C SER B 292 -59.53 -28.57 19.49
N ARG B 293 -58.59 -27.89 18.79
CA ARG B 293 -58.24 -28.19 17.38
C ARG B 293 -57.63 -29.60 17.30
N CYS B 294 -56.70 -29.91 18.20
CA CYS B 294 -56.11 -31.27 18.39
C CYS B 294 -57.24 -32.26 18.65
N GLY B 295 -57.86 -32.18 19.83
CA GLY B 295 -59.01 -33.02 20.25
C GLY B 295 -60.02 -33.23 19.12
N GLU B 296 -60.25 -32.21 18.30
CA GLU B 296 -61.19 -32.26 17.14
C GLU B 296 -60.55 -33.11 16.04
N GLU B 297 -59.29 -32.82 15.72
CA GLU B 297 -58.53 -33.39 14.56
C GLU B 297 -58.28 -34.89 14.78
N ILE B 298 -58.16 -35.34 16.03
CA ILE B 298 -57.92 -36.77 16.41
C ILE B 298 -59.23 -37.56 16.31
N ALA B 299 -60.31 -37.04 16.88
CA ALA B 299 -61.64 -37.66 16.91
C ALA B 299 -62.15 -37.85 15.48
N VAL B 300 -61.83 -36.91 14.59
CA VAL B 300 -62.11 -36.98 13.12
C VAL B 300 -61.45 -38.27 12.59
N GLN B 301 -60.13 -38.39 12.76
CA GLN B 301 -59.28 -39.50 12.22
C GLN B 301 -59.88 -40.86 12.64
N PHE B 302 -60.35 -41.01 13.89
CA PHE B 302 -60.98 -42.25 14.41
C PHE B 302 -62.25 -42.56 13.62
N VAL B 303 -63.17 -41.58 13.52
CA VAL B 303 -64.49 -41.73 12.87
C VAL B 303 -64.27 -41.91 11.36
N ASP B 304 -63.34 -41.16 10.76
CA ASP B 304 -63.01 -41.21 9.31
C ASP B 304 -62.85 -42.67 8.84
N MET B 305 -62.18 -43.51 9.63
CA MET B 305 -61.78 -44.88 9.20
C MET B 305 -62.86 -45.90 9.61
N VAL B 306 -63.92 -45.47 10.31
CA VAL B 306 -65.13 -46.29 10.61
C VAL B 306 -66.09 -46.24 9.42
N LYS B 307 -65.96 -45.20 8.55
CA LYS B 307 -66.70 -45.02 7.27
C LYS B 307 -68.17 -44.63 7.55
N LEU C 5 89.72 14.78 -15.84
CA LEU C 5 88.62 13.96 -15.24
C LEU C 5 87.59 14.87 -14.56
N ARG C 6 87.30 16.05 -15.12
CA ARG C 6 86.78 17.20 -14.32
C ARG C 6 85.61 17.97 -14.98
N LYS C 7 85.19 17.66 -16.23
CA LYS C 7 84.06 18.38 -16.88
C LYS C 7 83.19 17.41 -17.68
N VAL C 8 81.89 17.37 -17.37
CA VAL C 8 80.85 16.46 -17.96
C VAL C 8 79.90 17.27 -18.85
N LEU C 9 79.21 16.61 -19.77
CA LEU C 9 78.15 17.20 -20.63
C LEU C 9 76.95 16.26 -20.62
N ILE C 10 75.77 16.75 -20.23
CA ILE C 10 74.48 15.99 -20.32
C ILE C 10 73.80 16.44 -21.62
N SER C 11 73.65 15.54 -22.58
CA SER C 11 73.28 15.86 -23.98
C SER C 11 71.78 15.65 -24.20
N ASP C 12 71.05 15.14 -23.20
CA ASP C 12 69.60 14.84 -23.33
C ASP C 12 68.80 15.44 -22.18
N SER C 13 67.48 15.51 -22.39
CA SER C 13 66.47 15.77 -21.34
C SER C 13 66.65 14.73 -20.24
N LEU C 14 67.32 15.11 -19.16
CA LEU C 14 67.59 14.26 -17.97
C LEU C 14 67.15 15.02 -16.73
N ASP C 15 66.61 14.30 -15.74
CA ASP C 15 66.15 14.83 -14.44
C ASP C 15 67.19 15.83 -13.91
N PRO C 16 66.74 17.01 -13.40
CA PRO C 16 67.65 17.99 -12.81
C PRO C 16 68.68 17.39 -11.84
N CYS C 17 68.28 16.39 -11.04
CA CYS C 17 69.05 15.85 -9.89
C CYS C 17 70.39 15.25 -10.35
N CYS C 18 70.51 14.86 -11.62
CA CYS C 18 71.79 14.37 -12.22
C CYS C 18 72.82 15.51 -12.11
N ARG C 19 72.62 16.61 -12.86
CA ARG C 19 73.52 17.79 -12.85
C ARG C 19 73.87 18.17 -11.41
N LYS C 20 72.88 18.16 -10.50
CA LYS C 20 73.08 18.51 -9.07
C LYS C 20 74.18 17.62 -8.49
N ILE C 21 73.94 16.30 -8.40
CA ILE C 21 74.83 15.32 -7.70
C ILE C 21 76.24 15.39 -8.32
N LEU C 22 76.35 15.69 -9.62
CA LEU C 22 77.65 15.87 -10.34
C LEU C 22 78.40 17.07 -9.75
N GLN C 23 77.81 18.27 -9.82
CA GLN C 23 78.39 19.53 -9.26
C GLN C 23 78.61 19.32 -7.76
N ASP C 24 77.62 18.73 -7.08
CA ASP C 24 77.67 18.27 -5.66
C ASP C 24 78.94 17.45 -5.41
N GLY C 25 79.28 16.54 -6.34
CA GLY C 25 80.53 15.74 -6.32
C GLY C 25 81.76 16.61 -6.50
N GLY C 26 81.70 17.59 -7.40
CA GLY C 26 82.70 18.67 -7.53
C GLY C 26 83.32 18.73 -8.92
N LEU C 27 82.50 18.87 -9.97
CA LEU C 27 82.95 19.00 -11.38
C LEU C 27 81.91 19.79 -12.21
N GLN C 28 82.39 20.62 -13.15
CA GLN C 28 81.59 21.42 -14.12
C GLN C 28 80.60 20.49 -14.86
N VAL C 29 79.48 21.04 -15.33
CA VAL C 29 78.41 20.34 -16.10
C VAL C 29 77.85 21.30 -17.16
N VAL C 30 77.23 20.77 -18.22
CA VAL C 30 76.63 21.56 -19.34
C VAL C 30 75.34 20.87 -19.80
N GLU C 31 74.18 21.28 -19.28
CA GLU C 31 72.86 20.73 -19.73
C GLU C 31 72.52 21.35 -21.09
N LYS C 32 72.59 20.53 -22.14
CA LYS C 32 72.17 20.86 -23.52
C LYS C 32 71.17 19.80 -24.00
N GLN C 33 70.54 20.00 -25.16
CA GLN C 33 69.41 19.17 -25.65
C GLN C 33 69.33 19.23 -27.18
N ASN C 34 68.74 18.20 -27.80
CA ASN C 34 68.47 18.07 -29.26
C ASN C 34 69.59 18.71 -30.09
N LEU C 35 70.86 18.50 -29.70
CA LEU C 35 72.06 19.04 -30.39
C LEU C 35 72.25 18.30 -31.72
N SER C 36 72.77 19.01 -32.73
CA SER C 36 73.13 18.44 -34.05
C SER C 36 74.53 17.83 -33.99
N LYS C 37 74.86 16.91 -34.89
CA LYS C 37 76.11 16.09 -34.85
C LYS C 37 77.34 17.00 -34.72
N GLU C 38 77.50 17.98 -35.63
CA GLU C 38 78.66 18.92 -35.63
C GLU C 38 78.61 19.82 -34.39
N GLU C 39 77.40 20.20 -33.95
CA GLU C 39 77.14 21.04 -32.75
C GLU C 39 77.61 20.27 -31.51
N LEU C 40 77.34 18.96 -31.47
CA LEU C 40 77.74 18.02 -30.39
C LEU C 40 79.26 17.97 -30.30
N ILE C 41 79.93 17.56 -31.40
CA ILE C 41 81.41 17.36 -31.48
C ILE C 41 82.10 18.62 -30.93
N ALA C 42 81.72 19.79 -31.44
CA ALA C 42 82.30 21.12 -31.10
C ALA C 42 82.17 21.36 -29.59
N GLU C 43 81.00 21.09 -29.02
CA GLU C 43 80.69 21.25 -27.57
C GLU C 43 81.54 20.26 -26.76
N LEU C 44 81.79 19.06 -27.30
CA LEU C 44 82.46 17.93 -26.61
C LEU C 44 83.97 18.16 -26.47
N GLN C 45 84.55 19.12 -27.21
CA GLN C 45 86.01 19.19 -27.49
C GLN C 45 86.83 19.52 -26.24
N ASP C 46 86.20 19.82 -25.09
CA ASP C 46 86.91 20.02 -23.80
C ASP C 46 86.08 19.42 -22.64
N CYS C 47 85.30 18.38 -22.92
CA CYS C 47 84.50 17.60 -21.93
C CYS C 47 85.10 16.21 -21.75
N GLU C 48 85.48 15.86 -20.51
CA GLU C 48 86.05 14.55 -20.13
C GLU C 48 84.95 13.50 -20.10
N GLY C 49 83.75 13.86 -19.65
CA GLY C 49 82.58 12.95 -19.54
C GLY C 49 81.47 13.32 -20.51
N LEU C 50 80.57 12.38 -20.78
CA LEU C 50 79.30 12.59 -21.53
C LEU C 50 78.24 11.67 -20.94
N ILE C 51 77.08 12.20 -20.56
CA ILE C 51 75.90 11.41 -20.13
C ILE C 51 74.80 11.57 -21.20
N VAL C 52 74.11 10.49 -21.53
CA VAL C 52 73.07 10.47 -22.60
C VAL C 52 71.88 9.64 -22.14
N ARG C 53 70.73 9.89 -22.76
CA ARG C 53 69.49 9.09 -22.64
C ARG C 53 69.46 8.19 -23.90
N SER C 54 68.29 8.09 -24.56
CA SER C 54 68.07 7.28 -25.79
C SER C 54 68.21 8.16 -27.05
N ALA C 55 68.06 9.48 -26.91
CA ALA C 55 67.97 10.43 -28.05
C ALA C 55 69.33 10.51 -28.75
N THR C 56 70.34 11.03 -28.04
CA THR C 56 71.74 11.21 -28.53
C THR C 56 72.23 9.89 -29.10
N LYS C 57 72.80 9.91 -30.32
CA LYS C 57 73.48 8.77 -30.97
C LYS C 57 75.00 9.03 -30.99
N VAL C 58 75.76 8.25 -30.21
CA VAL C 58 77.23 8.42 -30.05
C VAL C 58 77.91 7.57 -31.13
N THR C 59 77.92 8.06 -32.37
CA THR C 59 78.40 7.34 -33.59
C THR C 59 79.92 7.13 -33.51
N ALA C 60 80.46 6.38 -34.47
CA ALA C 60 81.92 6.21 -34.70
C ALA C 60 82.61 7.59 -34.75
N ASP C 61 82.08 8.48 -35.59
CA ASP C 61 82.64 9.82 -35.95
C ASP C 61 82.79 10.68 -34.70
N VAL C 62 81.73 10.73 -33.88
CA VAL C 62 81.62 11.59 -32.67
C VAL C 62 82.76 11.25 -31.70
N ILE C 63 82.93 9.97 -31.39
CA ILE C 63 83.92 9.47 -30.39
C ILE C 63 85.33 9.89 -30.82
N ASN C 64 85.60 9.86 -32.13
CA ASN C 64 86.95 10.08 -32.71
C ASN C 64 87.23 11.57 -32.87
N ALA C 65 86.19 12.42 -32.80
CA ALA C 65 86.32 13.90 -32.86
C ALA C 65 86.39 14.47 -31.44
N ALA C 66 86.27 13.62 -30.43
CA ALA C 66 86.22 13.97 -28.99
C ALA C 66 87.54 13.55 -28.32
N GLU C 67 88.61 14.31 -28.54
CA GLU C 67 90.01 13.92 -28.21
C GLU C 67 90.16 13.66 -26.70
N LYS C 68 89.29 14.23 -25.86
CA LYS C 68 89.45 14.23 -24.38
C LYS C 68 88.43 13.31 -23.70
N LEU C 69 87.50 12.72 -24.47
CA LEU C 69 86.37 11.92 -23.95
C LEU C 69 86.88 10.64 -23.26
N GLN C 70 86.87 10.60 -21.93
CA GLN C 70 87.35 9.47 -21.10
C GLN C 70 86.23 8.51 -20.73
N VAL C 71 84.98 8.97 -20.63
CA VAL C 71 83.82 8.14 -20.13
C VAL C 71 82.49 8.59 -20.77
N VAL C 72 81.60 7.64 -21.04
CA VAL C 72 80.25 7.85 -21.63
C VAL C 72 79.24 7.08 -20.75
N GLY C 73 78.46 7.81 -19.95
CA GLY C 73 77.38 7.25 -19.11
C GLY C 73 76.05 7.25 -19.85
N ARG C 74 75.19 6.29 -19.54
CA ARG C 74 73.81 6.26 -20.08
C ARG C 74 72.86 6.13 -18.89
N ALA C 75 71.94 7.10 -18.74
CA ALA C 75 70.83 7.09 -17.77
C ALA C 75 69.73 6.20 -18.32
N GLY C 76 69.88 4.89 -18.06
CA GLY C 76 68.93 3.85 -18.50
C GLY C 76 69.59 2.49 -18.45
N THR C 77 68.87 1.46 -18.90
CA THR C 77 69.40 0.07 -19.05
C THR C 77 69.61 -0.15 -20.55
N GLY C 78 70.81 -0.57 -20.94
CA GLY C 78 71.17 -0.82 -22.35
C GLY C 78 71.78 0.40 -23.00
N VAL C 79 72.61 0.20 -24.02
CA VAL C 79 73.48 1.25 -24.63
C VAL C 79 73.50 1.06 -26.16
N ASP C 80 72.36 0.66 -26.73
CA ASP C 80 72.18 0.36 -28.17
C ASP C 80 72.24 1.65 -28.99
N ASN C 81 72.72 2.76 -28.40
CA ASN C 81 72.86 4.08 -29.08
C ASN C 81 74.30 4.59 -28.90
N VAL C 82 75.23 3.72 -28.52
CA VAL C 82 76.69 4.02 -28.42
C VAL C 82 77.46 2.93 -29.17
N ASP C 83 78.30 3.32 -30.14
CA ASP C 83 79.26 2.44 -30.85
C ASP C 83 80.25 1.89 -29.82
N LEU C 84 80.06 0.64 -29.38
CA LEU C 84 80.91 -0.01 -28.35
C LEU C 84 82.27 -0.37 -28.95
N GLU C 85 82.29 -0.83 -30.21
CA GLU C 85 83.55 -1.13 -30.96
C GLU C 85 84.41 0.15 -30.95
N ALA C 86 83.88 1.27 -31.44
CA ALA C 86 84.58 2.57 -31.50
C ALA C 86 84.95 3.03 -30.07
N ALA C 87 84.10 2.71 -29.08
CA ALA C 87 84.28 3.11 -27.66
C ALA C 87 85.51 2.39 -27.07
N THR C 88 85.53 1.06 -27.07
CA THR C 88 86.63 0.22 -26.51
C THR C 88 87.95 0.55 -27.23
N ARG C 89 87.91 0.99 -28.50
CA ARG C 89 89.11 1.31 -29.32
C ARG C 89 89.88 2.47 -28.67
N LYS C 90 89.19 3.54 -28.25
CA LYS C 90 89.82 4.75 -27.66
C LYS C 90 89.92 4.61 -26.14
N GLY C 91 89.78 3.39 -25.59
CA GLY C 91 89.98 3.06 -24.17
C GLY C 91 88.92 3.71 -23.26
N ILE C 92 87.81 4.17 -23.86
CA ILE C 92 86.70 4.89 -23.18
C ILE C 92 85.93 3.87 -22.32
N LEU C 93 85.44 4.32 -21.15
CA LEU C 93 84.49 3.59 -20.28
C LEU C 93 83.06 3.88 -20.76
N VAL C 94 82.20 2.86 -20.78
CA VAL C 94 80.74 3.04 -21.02
C VAL C 94 80.01 2.48 -19.80
N MET C 95 79.24 3.32 -19.11
CA MET C 95 78.44 2.93 -17.91
C MET C 95 76.96 3.06 -18.19
N ASN C 96 76.16 2.27 -17.45
CA ASN C 96 74.68 2.33 -17.50
C ASN C 96 74.15 2.12 -16.08
N THR C 97 72.83 1.99 -15.96
CA THR C 97 72.04 2.00 -14.69
C THR C 97 71.01 0.90 -14.81
N PRO C 98 71.45 -0.38 -14.65
CA PRO C 98 70.63 -1.53 -14.98
C PRO C 98 69.44 -1.76 -14.03
N ASN C 99 69.58 -1.31 -12.77
CA ASN C 99 68.59 -1.45 -11.68
C ASN C 99 67.38 -0.53 -11.94
N GLY C 100 67.61 0.79 -11.88
CA GLY C 100 66.56 1.81 -11.69
C GLY C 100 65.65 1.91 -12.91
N ASN C 101 64.75 0.91 -13.05
CA ASN C 101 63.89 0.79 -14.25
C ASN C 101 62.85 -0.32 -14.08
N SER C 102 63.22 -1.43 -13.43
CA SER C 102 62.36 -2.64 -13.31
C SER C 102 60.89 -2.22 -13.01
N LEU C 103 60.68 -1.50 -11.92
CA LEU C 103 59.31 -1.21 -11.43
C LEU C 103 58.51 -0.47 -12.50
N SER C 104 59.07 0.58 -13.10
CA SER C 104 58.36 1.38 -14.11
C SER C 104 57.78 0.47 -15.19
N ALA C 105 58.60 -0.43 -15.73
CA ALA C 105 58.22 -1.38 -16.81
C ALA C 105 57.10 -2.33 -16.34
N ALA C 106 57.20 -2.83 -15.11
CA ALA C 106 56.23 -3.80 -14.54
C ALA C 106 54.85 -3.15 -14.47
N GLU C 107 54.82 -1.86 -14.09
CA GLU C 107 53.54 -1.12 -13.88
C GLU C 107 52.90 -0.91 -15.25
N LEU C 108 53.58 -0.24 -16.17
CA LEU C 108 53.07 -0.07 -17.56
C LEU C 108 52.49 -1.39 -18.08
N THR C 109 53.11 -2.54 -17.77
CA THR C 109 52.66 -3.89 -18.24
C THR C 109 51.24 -4.14 -17.70
N CYS C 110 51.07 -4.04 -16.38
CA CYS C 110 49.76 -4.17 -15.68
C CYS C 110 48.74 -3.15 -16.22
N GLY C 111 49.18 -1.92 -16.43
CA GLY C 111 48.41 -0.93 -17.19
C GLY C 111 47.79 -1.57 -18.41
N MET C 112 48.66 -2.08 -19.31
CA MET C 112 48.30 -2.69 -20.61
C MET C 112 47.23 -3.74 -20.38
N ILE C 113 47.47 -4.65 -19.43
CA ILE C 113 46.55 -5.80 -19.19
C ILE C 113 45.17 -5.24 -18.89
N MET C 114 45.05 -4.35 -17.88
CA MET C 114 43.78 -3.66 -17.54
C MET C 114 43.25 -2.98 -18.80
N CYS C 115 44.03 -2.09 -19.41
CA CYS C 115 43.64 -1.37 -20.65
C CYS C 115 43.08 -2.35 -21.68
N LEU C 116 43.66 -3.55 -21.81
CA LEU C 116 43.21 -4.59 -22.79
C LEU C 116 41.87 -5.18 -22.35
N ALA C 117 41.75 -5.49 -21.06
CA ALA C 117 40.55 -6.13 -20.47
C ALA C 117 39.32 -5.24 -20.66
N ARG C 118 39.48 -3.91 -20.66
CA ARG C 118 38.36 -2.94 -20.59
C ARG C 118 38.34 -1.94 -21.76
N GLN C 119 39.41 -1.90 -22.56
CA GLN C 119 39.48 -1.11 -23.82
C GLN C 119 39.43 0.37 -23.49
N ILE C 120 39.99 0.76 -22.34
CA ILE C 120 39.95 2.17 -21.85
C ILE C 120 40.46 3.09 -22.95
N PRO C 121 41.61 2.84 -23.60
CA PRO C 121 42.12 3.76 -24.63
C PRO C 121 41.18 3.90 -25.83
N GLN C 122 40.52 2.79 -26.20
CA GLN C 122 39.56 2.69 -27.33
C GLN C 122 38.32 3.52 -27.02
N ALA C 123 37.81 3.38 -25.78
CA ALA C 123 36.62 4.09 -25.27
C ALA C 123 36.89 5.59 -25.21
N THR C 124 38.05 6.02 -24.72
CA THR C 124 38.45 7.46 -24.68
C THR C 124 38.46 8.01 -26.10
N ALA C 125 39.20 7.41 -27.04
CA ALA C 125 39.29 7.88 -28.43
C ALA C 125 37.87 7.99 -29.03
N SER C 126 36.98 7.06 -28.66
CA SER C 126 35.54 7.04 -29.06
C SER C 126 34.76 8.20 -28.42
N MET C 127 34.66 8.22 -27.09
CA MET C 127 34.06 9.33 -26.31
C MET C 127 34.63 10.67 -26.84
N LYS C 128 35.96 10.81 -26.95
CA LYS C 128 36.62 12.06 -27.40
C LYS C 128 36.08 12.51 -28.77
N ASP C 129 35.63 11.57 -29.60
CA ASP C 129 35.04 11.83 -30.96
C ASP C 129 33.54 12.12 -30.80
N GLY C 130 33.00 11.97 -29.60
CA GLY C 130 31.62 12.33 -29.23
C GLY C 130 30.66 11.17 -29.40
N LYS C 131 31.10 9.95 -29.10
CA LYS C 131 30.32 8.70 -29.32
C LYS C 131 30.07 7.99 -27.98
N TRP C 132 28.84 7.50 -27.81
CA TRP C 132 28.37 6.72 -26.61
C TRP C 132 28.06 5.27 -27.01
N GLU C 133 29.10 4.46 -27.20
CA GLU C 133 28.99 3.07 -27.76
C GLU C 133 29.25 2.08 -26.60
N ARG C 134 28.23 1.85 -25.78
CA ARG C 134 28.34 1.08 -24.51
C ARG C 134 28.09 -0.41 -24.78
N LYS C 135 27.29 -0.71 -25.83
CA LYS C 135 26.99 -2.08 -26.29
C LYS C 135 28.28 -2.72 -26.79
N LYS C 136 29.15 -1.90 -27.38
CA LYS C 136 30.43 -2.33 -28.00
C LYS C 136 31.45 -2.67 -26.90
N PHE C 137 31.87 -1.69 -26.09
CA PHE C 137 33.05 -1.76 -25.19
C PHE C 137 32.80 -2.60 -23.93
N MET C 138 32.00 -3.67 -24.00
CA MET C 138 31.91 -4.70 -22.93
C MET C 138 33.28 -5.40 -22.79
N GLY C 139 33.89 -5.32 -21.60
CA GLY C 139 35.22 -5.85 -21.32
C GLY C 139 35.19 -7.09 -20.43
N THR C 140 36.29 -7.39 -19.73
CA THR C 140 36.51 -8.64 -18.94
C THR C 140 36.89 -8.31 -17.49
N GLU C 141 36.39 -9.15 -16.59
CA GLU C 141 36.82 -9.21 -15.16
C GLU C 141 38.09 -10.06 -15.09
N LEU C 142 39.21 -9.47 -14.65
CA LEU C 142 40.51 -10.17 -14.46
C LEU C 142 40.37 -11.28 -13.41
N ASN C 143 39.53 -11.07 -12.39
CA ASN C 143 39.39 -12.06 -11.28
C ASN C 143 39.23 -13.45 -11.90
N GLY C 144 40.06 -14.40 -11.48
CA GLY C 144 39.91 -15.84 -11.80
C GLY C 144 40.38 -16.20 -13.20
N LYS C 145 40.82 -15.22 -14.00
CA LYS C 145 41.39 -15.43 -15.36
C LYS C 145 42.86 -15.88 -15.22
N THR C 146 43.45 -16.36 -16.31
CA THR C 146 44.83 -16.92 -16.34
C THR C 146 45.74 -16.01 -17.17
N LEU C 147 46.78 -15.48 -16.53
CA LEU C 147 47.88 -14.72 -17.17
C LEU C 147 49.09 -15.65 -17.28
N GLY C 148 49.69 -15.69 -18.47
CA GLY C 148 50.93 -16.41 -18.77
C GLY C 148 52.10 -15.45 -18.87
N ILE C 149 53.04 -15.52 -17.93
CA ILE C 149 54.27 -14.69 -17.90
C ILE C 149 55.45 -15.53 -18.42
N LEU C 150 55.97 -15.16 -19.60
CA LEU C 150 57.13 -15.80 -20.26
C LEU C 150 58.33 -14.89 -20.01
N GLY C 151 59.16 -15.25 -19.02
CA GLY C 151 60.41 -14.54 -18.70
C GLY C 151 60.40 -14.06 -17.26
N LEU C 152 60.57 -15.00 -16.33
CA LEU C 152 60.32 -14.82 -14.88
C LEU C 152 61.56 -14.21 -14.23
N GLY C 153 62.04 -13.12 -14.82
CA GLY C 153 63.16 -12.33 -14.29
C GLY C 153 62.73 -11.46 -13.13
N ARG C 154 63.28 -10.25 -13.02
CA ARG C 154 62.85 -9.29 -11.96
C ARG C 154 61.48 -8.73 -12.33
N ILE C 155 61.38 -8.08 -13.49
CA ILE C 155 60.14 -7.49 -14.06
C ILE C 155 59.04 -8.54 -14.08
N GLY C 156 59.37 -9.78 -14.44
CA GLY C 156 58.37 -10.84 -14.59
C GLY C 156 57.66 -11.11 -13.28
N ARG C 157 58.42 -11.14 -12.18
CA ARG C 157 57.91 -11.48 -10.82
C ARG C 157 57.19 -10.26 -10.26
N GLU C 158 57.64 -9.04 -10.58
CA GLU C 158 56.95 -7.81 -10.10
C GLU C 158 55.56 -7.79 -10.76
N VAL C 159 55.47 -8.02 -12.07
CA VAL C 159 54.17 -8.15 -12.80
C VAL C 159 53.30 -9.22 -12.14
N ALA C 160 53.86 -10.35 -11.71
CA ALA C 160 53.12 -11.51 -11.16
C ALA C 160 52.47 -11.15 -9.82
N THR C 161 53.24 -10.59 -8.87
CA THR C 161 52.78 -10.27 -7.48
C THR C 161 51.66 -9.22 -7.55
N ARG C 162 51.72 -8.29 -8.50
CA ARG C 162 50.67 -7.25 -8.69
C ARG C 162 49.39 -7.89 -9.20
N MET C 163 49.46 -8.62 -10.32
CA MET C 163 48.26 -9.20 -11.00
C MET C 163 47.67 -10.35 -10.17
N GLN C 164 48.46 -10.90 -9.25
CA GLN C 164 47.95 -11.86 -8.22
C GLN C 164 46.87 -11.16 -7.41
N SER C 165 47.11 -9.92 -7.00
CA SER C 165 46.25 -9.13 -6.09
C SER C 165 44.87 -8.87 -6.73
N PHE C 166 44.78 -8.94 -8.06
CA PHE C 166 43.52 -8.87 -8.85
C PHE C 166 42.85 -10.24 -8.95
N GLY C 167 43.50 -11.29 -8.44
CA GLY C 167 42.97 -12.66 -8.37
C GLY C 167 43.16 -13.42 -9.67
N MET C 168 44.22 -13.12 -10.41
CA MET C 168 44.60 -13.86 -11.65
C MET C 168 45.46 -15.07 -11.29
N LYS C 169 45.31 -16.15 -12.05
CA LYS C 169 46.28 -17.29 -12.05
C LYS C 169 47.50 -16.85 -12.87
N THR C 170 48.67 -16.83 -12.24
CA THR C 170 49.98 -16.54 -12.90
C THR C 170 50.67 -17.88 -13.12
N ILE C 171 50.47 -18.47 -14.30
CA ILE C 171 51.31 -19.58 -14.83
C ILE C 171 52.35 -18.92 -15.74
N GLY C 172 53.56 -19.47 -15.80
CA GLY C 172 54.63 -18.91 -16.65
C GLY C 172 55.66 -19.96 -17.05
N TYR C 173 56.66 -19.56 -17.81
CA TYR C 173 57.76 -20.43 -18.30
C TYR C 173 59.06 -19.63 -18.31
N ASP C 174 60.10 -20.21 -17.74
CA ASP C 174 61.48 -19.65 -17.89
C ASP C 174 62.48 -20.79 -17.64
N PRO C 175 63.34 -21.08 -18.63
CA PRO C 175 64.25 -22.21 -18.55
C PRO C 175 65.43 -21.99 -17.59
N ILE C 176 65.67 -20.76 -17.13
CA ILE C 176 66.78 -20.46 -16.17
C ILE C 176 66.28 -20.68 -14.73
N ILE C 177 65.09 -20.20 -14.40
CA ILE C 177 64.62 -20.22 -12.97
C ILE C 177 63.86 -21.52 -12.73
N SER C 178 64.14 -22.17 -11.60
CA SER C 178 63.62 -23.51 -11.22
C SER C 178 62.15 -23.38 -10.83
N PRO C 179 61.30 -24.39 -11.14
CA PRO C 179 59.94 -24.45 -10.59
C PRO C 179 59.85 -24.12 -9.09
N GLU C 180 60.87 -24.48 -8.31
CA GLU C 180 60.92 -24.27 -6.83
C GLU C 180 60.95 -22.77 -6.49
N VAL C 181 61.63 -21.94 -7.30
CA VAL C 181 61.80 -20.48 -7.05
C VAL C 181 60.63 -19.70 -7.65
N SER C 182 60.16 -20.08 -8.84
CA SER C 182 58.97 -19.46 -9.50
C SER C 182 57.76 -19.60 -8.56
N ALA C 183 57.54 -20.82 -8.06
CA ALA C 183 56.43 -21.17 -7.12
C ALA C 183 56.45 -20.20 -5.93
N SER C 184 57.66 -19.82 -5.49
CA SER C 184 57.92 -19.00 -4.29
C SER C 184 57.47 -17.55 -4.50
N PHE C 185 57.08 -17.14 -5.72
CA PHE C 185 56.33 -15.87 -5.92
C PHE C 185 55.06 -16.16 -6.74
N GLY C 186 54.49 -17.35 -6.52
CA GLY C 186 53.08 -17.65 -6.87
C GLY C 186 52.89 -17.92 -8.35
N VAL C 187 53.97 -17.90 -9.15
CA VAL C 187 53.95 -18.36 -10.56
C VAL C 187 54.22 -19.87 -10.58
N GLN C 188 53.25 -20.67 -11.01
CA GLN C 188 53.43 -22.12 -11.30
C GLN C 188 54.03 -22.22 -12.70
N GLN C 189 55.07 -23.04 -12.88
CA GLN C 189 55.80 -23.16 -14.17
C GLN C 189 55.29 -24.38 -14.96
N LEU C 190 55.16 -24.25 -16.28
CA LEU C 190 54.76 -25.33 -17.21
C LEU C 190 55.57 -25.23 -18.50
N PRO C 191 55.69 -26.34 -19.28
CA PRO C 191 56.33 -26.25 -20.60
C PRO C 191 55.44 -25.41 -21.52
N LEU C 192 56.06 -24.66 -22.43
CA LEU C 192 55.40 -23.75 -23.39
C LEU C 192 54.20 -24.42 -24.06
N GLU C 193 54.36 -25.61 -24.63
CA GLU C 193 53.27 -26.27 -25.42
C GLU C 193 52.02 -26.45 -24.55
N GLU C 194 52.16 -26.48 -23.22
CA GLU C 194 51.04 -26.66 -22.24
C GLU C 194 50.49 -25.31 -21.77
N ILE C 195 51.19 -24.20 -22.02
CA ILE C 195 50.83 -22.83 -21.55
C ILE C 195 49.82 -22.19 -22.52
N TRP C 196 50.04 -22.24 -23.83
CA TRP C 196 49.21 -21.48 -24.82
C TRP C 196 47.72 -21.67 -24.53
N PRO C 197 47.20 -22.92 -24.41
CA PRO C 197 45.75 -23.14 -24.31
C PRO C 197 45.09 -22.76 -22.97
N LEU C 198 45.88 -22.55 -21.92
CA LEU C 198 45.37 -22.19 -20.56
C LEU C 198 45.18 -20.69 -20.43
N CYS C 199 45.92 -19.89 -21.20
CA CYS C 199 46.03 -18.42 -21.05
C CYS C 199 44.85 -17.70 -21.68
N ASP C 200 44.30 -16.71 -20.97
CA ASP C 200 43.38 -15.65 -21.49
C ASP C 200 44.22 -14.40 -21.76
N PHE C 201 45.36 -14.29 -21.09
CA PHE C 201 46.34 -13.19 -21.24
C PHE C 201 47.75 -13.77 -21.19
N ILE C 202 48.62 -13.26 -22.05
CA ILE C 202 50.06 -13.63 -22.10
C ILE C 202 50.85 -12.33 -22.18
N THR C 203 51.82 -12.14 -21.28
CA THR C 203 52.84 -11.06 -21.38
C THR C 203 54.22 -11.72 -21.48
N VAL C 204 55.18 -11.02 -22.09
CA VAL C 204 56.54 -11.54 -22.36
C VAL C 204 57.53 -10.57 -21.70
N HIS C 205 58.51 -11.13 -20.99
CA HIS C 205 59.58 -10.38 -20.28
C HIS C 205 60.91 -11.13 -20.45
N THR C 206 61.33 -11.32 -21.70
CA THR C 206 62.57 -12.01 -22.09
C THR C 206 63.44 -11.05 -22.90
N PRO C 207 64.77 -11.29 -22.94
CA PRO C 207 65.66 -10.54 -23.82
C PRO C 207 65.41 -11.04 -25.25
N LEU C 208 65.83 -10.26 -26.24
CA LEU C 208 65.68 -10.67 -27.65
C LEU C 208 66.78 -11.67 -27.99
N LEU C 209 66.43 -12.95 -28.16
CA LEU C 209 67.35 -14.05 -28.56
C LEU C 209 66.76 -14.78 -29.76
N PRO C 210 67.51 -15.67 -30.44
CA PRO C 210 66.93 -16.53 -31.46
C PRO C 210 65.86 -17.50 -30.91
N SER C 211 66.04 -17.96 -29.66
CA SER C 211 65.10 -18.89 -28.96
C SER C 211 63.81 -18.15 -28.57
N THR C 212 63.83 -16.81 -28.66
CA THR C 212 62.76 -15.89 -28.20
C THR C 212 62.16 -15.14 -29.39
N THR C 213 62.94 -14.75 -30.40
CA THR C 213 62.46 -14.11 -31.66
C THR C 213 61.27 -14.91 -32.20
N GLY C 214 60.16 -14.21 -32.52
CA GLY C 214 58.92 -14.82 -33.02
C GLY C 214 58.35 -15.89 -32.10
N LEU C 215 58.54 -15.73 -30.78
CA LEU C 215 58.05 -16.69 -29.74
C LEU C 215 56.56 -16.89 -29.93
N LEU C 216 55.84 -15.80 -30.19
CA LEU C 216 54.46 -15.86 -30.71
C LEU C 216 54.52 -15.65 -32.22
N ASN C 217 54.06 -16.67 -32.94
CA ASN C 217 54.11 -16.84 -34.41
C ASN C 217 52.83 -17.53 -34.84
N ASP C 218 52.60 -17.70 -36.14
CA ASP C 218 51.36 -18.33 -36.66
C ASP C 218 51.05 -19.61 -35.90
N ASN C 219 52.09 -20.35 -35.44
CA ASN C 219 51.98 -21.74 -34.92
C ASN C 219 51.56 -21.75 -33.44
N THR C 220 52.23 -20.96 -32.61
CA THR C 220 51.87 -20.77 -31.16
C THR C 220 50.49 -20.13 -31.07
N PHE C 221 50.27 -18.99 -31.74
CA PHE C 221 48.96 -18.27 -31.79
C PHE C 221 47.82 -19.27 -32.03
N ALA C 222 48.02 -20.29 -32.85
CA ALA C 222 46.99 -21.30 -33.18
C ALA C 222 46.75 -22.24 -31.98
N GLN C 223 47.75 -22.47 -31.11
CA GLN C 223 47.63 -23.35 -29.91
C GLN C 223 46.98 -22.59 -28.74
N CYS C 224 46.90 -21.26 -28.83
CA CYS C 224 46.31 -20.33 -27.81
C CYS C 224 44.78 -20.47 -27.79
N LYS C 225 44.16 -20.13 -26.65
CA LYS C 225 42.68 -19.94 -26.51
C LYS C 225 42.19 -18.95 -27.56
N LYS C 226 41.05 -19.21 -28.20
CA LYS C 226 40.39 -18.24 -29.12
C LYS C 226 40.08 -16.97 -28.31
N GLY C 227 40.69 -15.84 -28.68
CA GLY C 227 40.48 -14.53 -28.02
C GLY C 227 41.49 -14.27 -26.90
N VAL C 228 42.63 -14.94 -26.93
CA VAL C 228 43.76 -14.64 -26.02
C VAL C 228 44.12 -13.18 -26.27
N ARG C 229 44.80 -12.53 -25.33
CA ARG C 229 45.28 -11.13 -25.44
C ARG C 229 46.74 -11.08 -25.00
N VAL C 230 47.55 -10.22 -25.64
CA VAL C 230 49.04 -10.29 -25.54
C VAL C 230 49.58 -8.90 -25.22
N VAL C 231 50.61 -8.85 -24.36
CA VAL C 231 51.32 -7.60 -23.97
C VAL C 231 52.82 -7.78 -24.23
N ASN C 232 53.38 -7.02 -25.17
CA ASN C 232 54.84 -6.93 -25.35
C ASN C 232 55.32 -5.57 -24.85
N CYS C 233 55.96 -5.55 -23.67
CA CYS C 233 56.63 -4.38 -23.04
C CYS C 233 58.14 -4.65 -22.91
N ALA C 234 58.64 -5.72 -23.53
CA ALA C 234 60.04 -6.18 -23.41
C ALA C 234 60.85 -5.74 -24.63
N ARG C 235 60.84 -6.51 -25.71
CA ARG C 235 61.60 -6.20 -26.95
C ARG C 235 60.73 -6.45 -28.17
N GLY C 236 60.92 -5.62 -29.21
CA GLY C 236 60.21 -5.72 -30.49
C GLY C 236 60.54 -7.03 -31.19
N GLY C 237 59.49 -7.82 -31.51
CA GLY C 237 59.63 -9.03 -32.34
C GLY C 237 59.61 -10.31 -31.53
N ILE C 238 59.67 -10.24 -30.20
CA ILE C 238 59.42 -11.42 -29.34
C ILE C 238 58.07 -11.97 -29.78
N VAL C 239 57.10 -11.08 -29.96
CA VAL C 239 55.82 -11.37 -30.68
C VAL C 239 56.02 -10.94 -32.13
N ASP C 240 55.97 -11.91 -33.05
CA ASP C 240 56.07 -11.70 -34.51
C ASP C 240 54.97 -10.74 -34.93
N GLU C 241 55.37 -9.53 -35.34
CA GLU C 241 54.44 -8.42 -35.69
C GLU C 241 53.47 -8.93 -36.75
N GLY C 242 53.96 -9.33 -37.93
CA GLY C 242 53.15 -9.92 -39.01
C GLY C 242 52.15 -10.97 -38.49
N ALA C 243 52.60 -11.85 -37.59
CA ALA C 243 51.82 -13.02 -37.12
C ALA C 243 50.60 -12.55 -36.33
N LEU C 244 50.84 -11.69 -35.34
CA LEU C 244 49.83 -10.98 -34.51
C LEU C 244 48.75 -10.35 -35.41
N LEU C 245 49.14 -9.50 -36.36
CA LEU C 245 48.23 -8.83 -37.32
C LEU C 245 47.15 -9.79 -37.81
N ARG C 246 47.53 -10.99 -38.24
CA ARG C 246 46.59 -11.98 -38.84
C ARG C 246 45.75 -12.60 -37.72
N ALA C 247 46.29 -12.68 -36.50
CA ALA C 247 45.60 -13.27 -35.32
C ALA C 247 44.47 -12.34 -34.85
N LEU C 248 44.69 -11.03 -34.96
CA LEU C 248 43.68 -10.00 -34.65
C LEU C 248 42.58 -10.05 -35.72
N GLN C 249 42.97 -10.22 -36.98
CA GLN C 249 42.05 -10.15 -38.15
C GLN C 249 41.14 -11.39 -38.14
N SER C 250 41.67 -12.53 -37.71
CA SER C 250 40.94 -13.82 -37.62
C SER C 250 40.07 -13.83 -36.37
N GLY C 251 40.49 -13.15 -35.31
CA GLY C 251 39.85 -13.19 -33.99
C GLY C 251 40.51 -14.19 -33.07
N GLN C 252 41.49 -14.96 -33.54
CA GLN C 252 42.30 -15.85 -32.67
C GLN C 252 42.88 -15.00 -31.53
N CYS C 253 43.32 -13.78 -31.83
CA CYS C 253 43.72 -12.76 -30.83
C CYS C 253 42.64 -11.68 -30.68
N ALA C 254 42.13 -11.48 -29.47
CA ALA C 254 41.05 -10.53 -29.13
C ALA C 254 41.60 -9.10 -29.04
N GLY C 255 42.87 -8.93 -28.66
CA GLY C 255 43.54 -7.63 -28.67
C GLY C 255 44.96 -7.72 -28.19
N ALA C 256 45.74 -6.66 -28.36
CA ALA C 256 47.18 -6.64 -28.04
C ALA C 256 47.62 -5.25 -27.58
N ALA C 257 48.63 -5.22 -26.72
CA ALA C 257 49.25 -4.00 -26.16
C ALA C 257 50.76 -4.04 -26.42
N LEU C 258 51.31 -3.03 -27.08
CA LEU C 258 52.72 -3.02 -27.55
C LEU C 258 53.39 -1.73 -27.09
N ASP C 259 54.50 -1.84 -26.35
CA ASP C 259 55.37 -0.70 -26.00
C ASP C 259 56.64 -0.74 -26.86
N VAL C 260 56.84 -1.82 -27.62
CA VAL C 260 58.12 -2.08 -28.35
C VAL C 260 57.83 -2.63 -29.74
N PHE C 261 58.63 -2.16 -30.70
CA PHE C 261 58.48 -2.47 -32.14
C PHE C 261 59.85 -2.86 -32.70
N THR C 262 59.84 -3.60 -33.82
CA THR C 262 61.04 -4.02 -34.59
C THR C 262 61.79 -2.76 -35.06
N GLU C 263 61.09 -1.87 -35.77
CA GLU C 263 61.54 -0.50 -36.11
C GLU C 263 60.90 0.48 -35.11
N GLU C 264 61.69 1.36 -34.49
CA GLU C 264 61.21 2.40 -33.53
C GLU C 264 61.71 3.77 -34.00
N PRO C 265 60.91 4.62 -34.67
CA PRO C 265 59.45 4.41 -34.82
C PRO C 265 59.06 3.46 -35.94
N PRO C 266 57.88 2.80 -35.86
CA PRO C 266 57.51 1.75 -36.81
C PRO C 266 56.94 2.29 -38.13
N ARG C 267 57.47 1.84 -39.26
CA ARG C 267 57.01 2.25 -40.63
C ARG C 267 55.82 1.38 -41.02
N ASP C 268 55.84 0.09 -40.72
CA ASP C 268 54.66 -0.81 -40.88
C ASP C 268 53.59 -0.36 -39.88
N ARG C 269 52.70 0.54 -40.30
CA ARG C 269 51.61 1.09 -39.45
C ARG C 269 50.33 0.31 -39.70
N ALA C 270 50.42 -1.01 -39.81
CA ALA C 270 49.28 -1.94 -39.97
C ALA C 270 48.70 -2.27 -38.60
N LEU C 271 49.58 -2.56 -37.63
CA LEU C 271 49.22 -3.02 -36.26
C LEU C 271 48.66 -1.85 -35.44
N VAL C 272 49.53 -0.89 -35.13
CA VAL C 272 49.18 0.34 -34.37
C VAL C 272 47.76 0.72 -34.78
N ASP C 273 47.51 0.83 -36.09
CA ASP C 273 46.24 1.35 -36.66
C ASP C 273 45.04 0.43 -36.38
N HIS C 274 45.25 -0.87 -36.12
CA HIS C 274 44.16 -1.86 -35.87
C HIS C 274 43.39 -1.41 -34.62
N GLU C 275 42.06 -1.63 -34.58
CA GLU C 275 41.18 -1.04 -33.54
C GLU C 275 41.38 -1.72 -32.18
N ASN C 276 41.97 -2.91 -32.14
CA ASN C 276 42.21 -3.70 -30.90
C ASN C 276 43.68 -3.64 -30.45
N VAL C 277 44.44 -2.64 -30.92
CA VAL C 277 45.87 -2.50 -30.53
C VAL C 277 46.05 -1.22 -29.73
N ILE C 278 46.38 -1.39 -28.45
CA ILE C 278 46.91 -0.33 -27.55
C ILE C 278 48.41 -0.25 -27.83
N SER C 279 48.94 0.97 -27.96
CA SER C 279 50.33 1.25 -28.39
C SER C 279 50.90 2.43 -27.60
N CYS C 280 52.22 2.47 -27.44
CA CYS C 280 52.98 3.52 -26.72
C CYS C 280 54.35 3.68 -27.33
N PRO C 281 54.84 4.91 -27.55
CA PRO C 281 56.19 5.12 -28.07
C PRO C 281 57.31 4.78 -27.06
N HIS C 282 57.38 3.51 -26.65
CA HIS C 282 58.44 2.96 -25.75
C HIS C 282 58.55 3.81 -24.47
N LEU C 283 57.54 3.70 -23.59
CA LEU C 283 57.37 4.51 -22.36
C LEU C 283 57.62 3.66 -21.10
N GLY C 284 58.13 2.43 -21.24
CA GLY C 284 58.38 1.53 -20.10
C GLY C 284 59.30 2.15 -19.04
N ALA C 285 60.23 3.00 -19.45
CA ALA C 285 61.18 3.74 -18.58
C ALA C 285 60.89 5.24 -18.64
N SER C 286 59.75 5.64 -19.23
CA SER C 286 59.34 7.06 -19.43
C SER C 286 58.47 7.50 -18.23
N THR C 287 59.13 7.69 -17.07
CA THR C 287 58.48 8.11 -15.80
C THR C 287 59.44 9.02 -15.04
N LYS C 288 58.97 10.19 -14.57
CA LYS C 288 59.76 11.12 -13.70
C LYS C 288 60.42 10.28 -12.60
N GLU C 289 59.68 9.33 -12.02
CA GLU C 289 60.13 8.49 -10.88
C GLU C 289 61.43 7.76 -11.28
N ALA C 290 61.45 7.08 -12.43
CA ALA C 290 62.58 6.24 -12.91
C ALA C 290 63.77 7.09 -13.32
N GLN C 291 63.58 8.02 -14.26
CA GLN C 291 64.68 8.83 -14.85
C GLN C 291 65.46 9.55 -13.75
N SER C 292 64.84 9.85 -12.62
CA SER C 292 65.49 10.44 -11.42
C SER C 292 66.41 9.40 -10.79
N ARG C 293 65.91 8.17 -10.64
CA ARG C 293 66.64 7.05 -10.00
C ARG C 293 67.84 6.67 -10.87
N CYS C 294 67.62 6.57 -12.19
CA CYS C 294 68.68 6.38 -13.22
C CYS C 294 69.66 7.54 -13.12
N GLY C 295 69.25 8.74 -13.51
CA GLY C 295 70.03 9.99 -13.43
C GLY C 295 70.82 10.12 -12.14
N GLU C 296 70.25 9.66 -11.01
CA GLU C 296 70.91 9.67 -9.68
C GLU C 296 71.99 8.60 -9.67
N GLU C 297 71.66 7.38 -10.11
CA GLU C 297 72.51 6.16 -10.01
C GLU C 297 73.73 6.30 -10.94
N ILE C 298 73.62 7.04 -12.04
CA ILE C 298 74.71 7.28 -13.03
C ILE C 298 75.66 8.35 -12.51
N ALA C 299 75.14 9.47 -12.02
CA ALA C 299 75.91 10.62 -11.47
C ALA C 299 76.74 10.17 -10.28
N VAL C 300 76.20 9.23 -9.49
CA VAL C 300 76.92 8.55 -8.36
C VAL C 300 78.18 7.91 -8.94
N GLN C 301 78.01 6.99 -9.91
CA GLN C 301 79.08 6.17 -10.54
C GLN C 301 80.21 7.07 -11.03
N PHE C 302 79.91 8.23 -11.64
CA PHE C 302 80.90 9.23 -12.13
C PHE C 302 81.70 9.79 -10.94
N VAL C 303 81.01 10.28 -9.91
CA VAL C 303 81.64 10.92 -8.71
C VAL C 303 82.38 9.85 -7.91
N ASP C 304 81.81 8.64 -7.78
CA ASP C 304 82.41 7.49 -7.04
C ASP C 304 83.86 7.29 -7.45
N MET C 305 84.19 7.39 -8.75
CA MET C 305 85.53 7.06 -9.29
C MET C 305 86.44 8.31 -9.30
N VAL C 306 85.92 9.47 -8.93
CA VAL C 306 86.72 10.72 -8.70
C VAL C 306 87.29 10.70 -7.27
N LYS C 307 86.70 9.89 -6.37
CA LYS C 307 87.13 9.61 -4.96
C LYS C 307 86.83 10.81 -4.07
N LEU D 5 -40.51 -48.63 12.58
CA LEU D 5 -39.31 -47.81 12.24
C LEU D 5 -38.24 -48.69 11.57
N ARG D 6 -38.64 -49.70 10.78
CA ARG D 6 -37.82 -50.93 10.55
C ARG D 6 -37.75 -51.40 9.09
N LYS D 7 -38.41 -50.75 8.11
CA LYS D 7 -38.32 -51.14 6.68
C LYS D 7 -38.25 -49.90 5.79
N VAL D 8 -37.18 -49.78 4.99
CA VAL D 8 -36.87 -48.63 4.09
C VAL D 8 -37.03 -49.07 2.63
N LEU D 9 -37.25 -48.11 1.73
CA LEU D 9 -37.33 -48.32 0.27
C LEU D 9 -36.45 -47.27 -0.41
N ILE D 10 -35.46 -47.70 -1.20
CA ILE D 10 -34.62 -46.80 -2.05
C ILE D 10 -35.24 -46.83 -3.45
N SER D 11 -35.77 -45.70 -3.91
CA SER D 11 -36.64 -45.60 -5.11
C SER D 11 -35.84 -45.17 -6.34
N ASP D 12 -34.55 -44.85 -6.17
CA ASP D 12 -33.70 -44.33 -7.28
C ASP D 12 -32.38 -45.10 -7.37
N SER D 13 -31.70 -44.99 -8.52
CA SER D 13 -30.30 -45.41 -8.73
C SER D 13 -29.44 -44.72 -7.67
N LEU D 14 -29.10 -45.46 -6.61
CA LEU D 14 -28.24 -44.99 -5.50
C LEU D 14 -27.10 -45.99 -5.33
N ASP D 15 -25.91 -45.49 -5.00
CA ASP D 15 -24.69 -46.28 -4.70
C ASP D 15 -25.07 -47.49 -3.85
N PRO D 16 -24.55 -48.70 -4.18
CA PRO D 16 -24.82 -49.89 -3.37
C PRO D 16 -24.64 -49.67 -1.85
N CYS D 17 -23.65 -48.88 -1.44
CA CYS D 17 -23.20 -48.70 -0.03
C CYS D 17 -24.32 -48.18 0.87
N CYS D 18 -25.32 -47.50 0.30
CA CYS D 18 -26.53 -47.03 1.03
C CYS D 18 -27.23 -48.26 1.61
N ARG D 19 -27.82 -49.11 0.74
CA ARG D 19 -28.54 -50.34 1.15
C ARG D 19 -27.69 -51.11 2.18
N LYS D 20 -26.37 -51.21 1.96
CA LYS D 20 -25.44 -51.94 2.86
C LYS D 20 -25.57 -51.36 4.27
N ILE D 21 -25.20 -50.08 4.47
CA ILE D 21 -25.10 -49.43 5.81
C ILE D 21 -26.46 -49.51 6.51
N LEU D 22 -27.57 -49.49 5.76
CA LEU D 22 -28.96 -49.64 6.28
C LEU D 22 -29.12 -51.02 6.90
N GLN D 23 -28.96 -52.08 6.11
CA GLN D 23 -29.05 -53.50 6.57
C GLN D 23 -28.01 -53.72 7.67
N ASP D 24 -26.79 -53.20 7.46
CA ASP D 24 -25.67 -53.13 8.44
C ASP D 24 -26.18 -52.57 9.78
N GLY D 25 -26.99 -51.50 9.73
CA GLY D 25 -27.64 -50.89 10.90
C GLY D 25 -28.68 -51.82 11.52
N GLY D 26 -29.46 -52.53 10.69
CA GLY D 26 -30.34 -53.63 11.12
C GLY D 26 -31.79 -53.40 10.75
N LEU D 27 -32.10 -53.18 9.46
CA LEU D 27 -33.48 -53.01 8.93
C LEU D 27 -33.55 -53.43 7.45
N GLN D 28 -34.66 -54.05 7.05
CA GLN D 28 -34.98 -54.50 5.66
C GLN D 28 -34.83 -53.32 4.70
N VAL D 29 -34.53 -53.60 3.43
CA VAL D 29 -34.37 -52.58 2.34
C VAL D 29 -34.97 -53.13 1.04
N VAL D 30 -35.33 -52.26 0.09
CA VAL D 30 -35.95 -52.63 -1.22
C VAL D 30 -35.39 -51.71 -2.31
N GLU D 31 -34.32 -52.11 -3.00
CA GLU D 31 -33.73 -51.32 -4.11
C GLU D 31 -34.60 -51.51 -5.36
N LYS D 32 -35.34 -50.46 -5.73
CA LYS D 32 -36.18 -50.37 -6.96
C LYS D 32 -35.76 -49.12 -7.73
N GLN D 33 -36.28 -48.93 -8.95
CA GLN D 33 -35.81 -47.88 -9.89
C GLN D 33 -36.93 -47.52 -10.88
N ASN D 34 -36.89 -46.30 -11.44
CA ASN D 34 -37.82 -45.75 -12.46
C ASN D 34 -39.25 -46.24 -12.24
N LEU D 35 -39.72 -46.28 -10.98
CA LEU D 35 -41.09 -46.74 -10.61
C LEU D 35 -42.10 -45.69 -11.05
N SER D 36 -43.31 -46.12 -11.43
CA SER D 36 -44.46 -45.26 -11.78
C SER D 36 -45.21 -44.87 -10.49
N LYS D 37 -46.02 -43.80 -10.55
CA LYS D 37 -46.67 -43.18 -9.37
C LYS D 37 -47.46 -44.26 -8.59
N GLU D 38 -48.38 -44.99 -9.25
CA GLU D 38 -49.24 -46.03 -8.62
C GLU D 38 -48.36 -47.20 -8.18
N GLU D 39 -47.30 -47.53 -8.93
CA GLU D 39 -46.33 -48.62 -8.63
C GLU D 39 -45.59 -48.26 -7.33
N LEU D 40 -45.23 -46.98 -7.17
CA LEU D 40 -44.55 -46.42 -5.97
C LEU D 40 -45.46 -46.60 -4.75
N ILE D 41 -46.66 -46.00 -4.78
CA ILE D 41 -47.65 -45.99 -3.67
C ILE D 41 -47.84 -47.42 -3.14
N ALA D 42 -48.12 -48.36 -4.06
CA ALA D 42 -48.39 -49.79 -3.77
C ALA D 42 -47.19 -50.41 -3.04
N GLU D 43 -45.97 -50.14 -3.51
CA GLU D 43 -44.69 -50.62 -2.92
C GLU D 43 -44.51 -50.01 -1.53
N LEU D 44 -44.93 -48.75 -1.34
CA LEU D 44 -44.70 -47.95 -0.12
C LEU D 44 -45.59 -48.41 1.05
N GLN D 45 -46.63 -49.22 0.79
CA GLN D 45 -47.79 -49.42 1.69
C GLN D 45 -47.40 -50.17 2.98
N ASP D 46 -46.16 -50.66 3.10
CA ASP D 46 -45.65 -51.28 4.36
C ASP D 46 -44.17 -50.90 4.58
N CYS D 47 -43.76 -49.73 4.09
CA CYS D 47 -42.39 -49.15 4.24
C CYS D 47 -42.45 -47.95 5.19
N GLU D 48 -41.69 -47.99 6.28
CA GLU D 48 -41.59 -46.89 7.29
C GLU D 48 -40.73 -45.75 6.73
N GLY D 49 -39.69 -46.08 5.97
CA GLY D 49 -38.74 -45.10 5.38
C GLY D 49 -38.83 -45.05 3.86
N LEU D 50 -38.36 -43.97 3.26
CA LEU D 50 -38.18 -43.81 1.80
C LEU D 50 -36.95 -42.94 1.56
N ILE D 51 -36.00 -43.41 0.75
CA ILE D 51 -34.78 -42.64 0.32
C ILE D 51 -34.93 -42.40 -1.19
N VAL D 52 -34.60 -41.19 -1.65
CA VAL D 52 -34.78 -40.78 -3.07
C VAL D 52 -33.58 -39.95 -3.51
N ARG D 53 -33.37 -39.88 -4.82
CA ARG D 53 -32.43 -38.94 -5.50
C ARG D 53 -33.30 -37.77 -6.02
N SER D 54 -33.07 -37.32 -7.26
CA SER D 54 -33.82 -36.22 -7.91
C SER D 54 -34.91 -36.77 -8.84
N ALA D 55 -34.83 -38.05 -9.21
CA ALA D 55 -35.74 -38.69 -10.19
C ALA D 55 -37.15 -38.80 -9.59
N THR D 56 -37.31 -39.58 -8.51
CA THR D 56 -38.58 -39.80 -7.79
C THR D 56 -39.18 -38.43 -7.42
N LYS D 57 -40.47 -38.22 -7.69
CA LYS D 57 -41.20 -37.00 -7.28
C LYS D 57 -42.24 -37.39 -6.21
N VAL D 58 -42.02 -36.98 -4.95
CA VAL D 58 -42.87 -37.35 -3.77
C VAL D 58 -43.97 -36.28 -3.66
N THR D 59 -45.00 -36.42 -4.51
CA THR D 59 -46.13 -35.47 -4.68
C THR D 59 -47.01 -35.48 -3.42
N ALA D 60 -47.98 -34.56 -3.37
CA ALA D 60 -49.06 -34.52 -2.36
C ALA D 60 -49.71 -35.89 -2.22
N ASP D 61 -50.14 -36.47 -3.36
CA ASP D 61 -50.94 -37.72 -3.47
C ASP D 61 -50.20 -38.90 -2.83
N VAL D 62 -48.91 -39.05 -3.16
CA VAL D 62 -48.03 -40.16 -2.74
C VAL D 62 -47.97 -40.23 -1.21
N ILE D 63 -47.68 -39.10 -0.57
CA ILE D 63 -47.48 -39.00 0.92
C ILE D 63 -48.77 -39.45 1.63
N ASN D 64 -49.93 -39.10 1.06
CA ASN D 64 -51.26 -39.31 1.68
C ASN D 64 -51.75 -40.75 1.42
N ALA D 65 -51.15 -41.47 0.46
CA ALA D 65 -51.46 -42.87 0.13
C ALA D 65 -50.51 -43.80 0.90
N ALA D 66 -49.55 -43.24 1.64
CA ALA D 66 -48.46 -43.96 2.33
C ALA D 66 -48.69 -43.96 3.85
N GLU D 67 -49.61 -44.81 4.30
CA GLU D 67 -50.21 -44.79 5.66
C GLU D 67 -49.12 -44.94 6.73
N LYS D 68 -47.97 -45.54 6.41
CA LYS D 68 -46.95 -45.95 7.42
C LYS D 68 -45.70 -45.05 7.33
N LEU D 69 -45.63 -44.16 6.33
CA LEU D 69 -44.40 -43.41 5.98
C LEU D 69 -44.02 -42.43 7.10
N GLN D 70 -42.98 -42.75 7.88
CA GLN D 70 -42.51 -41.95 9.05
C GLN D 70 -41.40 -40.98 8.63
N VAL D 71 -40.59 -41.29 7.61
CA VAL D 71 -39.37 -40.50 7.24
C VAL D 71 -39.07 -40.61 5.74
N VAL D 72 -38.59 -39.51 5.15
CA VAL D 72 -38.22 -39.38 3.72
C VAL D 72 -36.81 -38.75 3.65
N GLY D 73 -35.80 -39.56 3.32
CA GLY D 73 -34.41 -39.12 3.10
C GLY D 73 -34.16 -38.75 1.65
N ARG D 74 -33.26 -37.79 1.41
CA ARG D 74 -32.80 -37.45 0.04
C ARG D 74 -31.27 -37.51 0.03
N ALA D 75 -30.71 -38.36 -0.84
CA ALA D 75 -29.26 -38.49 -1.09
C ALA D 75 -28.87 -37.35 -2.04
N GLY D 76 -28.60 -36.19 -1.44
CA GLY D 76 -28.23 -34.95 -2.15
C GLY D 76 -28.44 -33.73 -1.27
N THR D 77 -28.16 -32.56 -1.81
CA THR D 77 -28.44 -31.24 -1.16
C THR D 77 -29.65 -30.65 -1.89
N GLY D 78 -30.69 -30.26 -1.16
CA GLY D 78 -31.92 -29.71 -1.75
C GLY D 78 -32.94 -30.80 -1.99
N VAL D 79 -34.23 -30.44 -1.91
CA VAL D 79 -35.38 -31.37 -1.81
C VAL D 79 -36.53 -30.80 -2.66
N ASP D 80 -36.21 -30.18 -3.79
CA ASP D 80 -37.16 -29.51 -4.72
C ASP D 80 -38.04 -30.57 -5.41
N ASN D 81 -38.03 -31.83 -4.93
CA ASN D 81 -38.82 -32.96 -5.49
C ASN D 81 -39.64 -33.62 -4.37
N VAL D 82 -39.81 -32.94 -3.24
CA VAL D 82 -40.64 -33.43 -2.10
C VAL D 82 -41.58 -32.30 -1.66
N ASP D 83 -42.90 -32.54 -1.67
CA ASP D 83 -43.93 -31.61 -1.13
C ASP D 83 -43.71 -31.48 0.38
N LEU D 84 -43.09 -30.39 0.82
CA LEU D 84 -42.76 -30.16 2.25
C LEU D 84 -44.04 -29.80 3.01
N GLU D 85 -44.94 -29.02 2.42
CA GLU D 85 -46.27 -28.68 3.02
C GLU D 85 -46.98 -30.01 3.34
N ALA D 86 -47.17 -30.88 2.35
CA ALA D 86 -47.83 -32.20 2.53
C ALA D 86 -47.03 -33.06 3.52
N ALA D 87 -45.70 -32.93 3.54
CA ALA D 87 -44.78 -33.72 4.40
C ALA D 87 -45.02 -33.34 5.87
N THR D 88 -44.85 -32.06 6.24
CA THR D 88 -45.02 -31.57 7.63
C THR D 88 -46.44 -31.85 8.14
N ARG D 89 -47.43 -31.92 7.25
CA ARG D 89 -48.86 -32.18 7.60
C ARG D 89 -49.01 -33.56 8.25
N LYS D 90 -48.37 -34.60 7.71
CA LYS D 90 -48.47 -35.99 8.24
C LYS D 90 -47.36 -36.27 9.25
N GLY D 91 -46.71 -35.21 9.78
CA GLY D 91 -45.71 -35.28 10.86
C GLY D 91 -44.43 -35.96 10.40
N ILE D 92 -44.23 -36.13 9.08
CA ILE D 92 -43.10 -36.89 8.46
C ILE D 92 -41.83 -36.05 8.64
N LEU D 93 -40.70 -36.74 8.84
CA LEU D 93 -39.32 -36.16 8.83
C LEU D 93 -38.81 -36.16 7.40
N VAL D 94 -38.16 -35.08 6.97
CA VAL D 94 -37.44 -35.01 5.67
C VAL D 94 -36.00 -34.67 5.96
N MET D 95 -35.07 -35.57 5.57
CA MET D 95 -33.61 -35.39 5.76
C MET D 95 -32.92 -35.27 4.41
N ASN D 96 -31.77 -34.59 4.43
CA ASN D 96 -30.89 -34.45 3.25
C ASN D 96 -29.44 -34.56 3.74
N THR D 97 -28.49 -34.32 2.82
CA THR D 97 -27.04 -34.56 2.96
C THR D 97 -26.34 -33.34 2.38
N PRO D 98 -26.32 -32.22 3.14
CA PRO D 98 -25.91 -30.92 2.62
C PRO D 98 -24.40 -30.82 2.33
N ASN D 99 -23.58 -31.59 3.04
CA ASN D 99 -22.10 -31.61 2.92
C ASN D 99 -21.67 -32.26 1.58
N GLY D 100 -21.93 -33.56 1.44
CA GLY D 100 -21.28 -34.45 0.46
C GLY D 100 -21.67 -34.10 -0.96
N ASN D 101 -21.10 -33.01 -1.47
CA ASN D 101 -21.46 -32.48 -2.82
C ASN D 101 -20.51 -31.37 -3.25
N SER D 102 -20.11 -30.49 -2.32
CA SER D 102 -19.34 -29.25 -2.63
C SER D 102 -18.25 -29.54 -3.68
N LEU D 103 -17.34 -30.47 -3.38
CA LEU D 103 -16.15 -30.71 -4.23
C LEU D 103 -16.57 -31.04 -5.66
N SER D 104 -17.50 -31.97 -5.85
CA SER D 104 -17.92 -32.42 -7.19
C SER D 104 -18.31 -31.21 -8.03
N ALA D 105 -19.12 -30.32 -7.49
CA ALA D 105 -19.62 -29.10 -8.17
C ALA D 105 -18.46 -28.15 -8.53
N ALA D 106 -17.50 -27.97 -7.61
CA ALA D 106 -16.35 -27.07 -7.79
C ALA D 106 -15.51 -27.56 -8.98
N GLU D 107 -15.35 -28.87 -9.11
CA GLU D 107 -14.49 -29.48 -10.16
C GLU D 107 -15.17 -29.24 -11.51
N LEU D 108 -16.39 -29.74 -11.69
CA LEU D 108 -17.16 -29.49 -12.94
C LEU D 108 -17.05 -28.02 -13.35
N THR D 109 -17.05 -27.07 -12.40
CA THR D 109 -16.99 -25.61 -12.68
C THR D 109 -15.66 -25.31 -13.39
N CYS D 110 -14.54 -25.71 -12.79
CA CYS D 110 -13.17 -25.58 -13.37
C CYS D 110 -13.07 -26.31 -14.73
N GLY D 111 -13.65 -27.50 -14.82
CA GLY D 111 -13.89 -28.15 -16.12
C GLY D 111 -14.37 -27.14 -17.15
N MET D 112 -15.54 -26.54 -16.86
CA MET D 112 -16.25 -25.58 -17.75
C MET D 112 -15.28 -24.49 -18.17
N ILE D 113 -14.60 -23.89 -17.20
CA ILE D 113 -13.71 -22.73 -17.47
C ILE D 113 -12.68 -23.17 -18.52
N MET D 114 -11.93 -24.25 -18.26
CA MET D 114 -10.98 -24.82 -19.23
C MET D 114 -11.70 -25.09 -20.55
N CYS D 115 -12.75 -25.90 -20.52
CA CYS D 115 -13.57 -26.22 -21.72
C CYS D 115 -13.90 -24.94 -22.50
N LEU D 116 -14.21 -23.84 -21.82
CA LEU D 116 -14.56 -22.54 -22.46
C LEU D 116 -13.33 -21.91 -23.11
N ALA D 117 -12.21 -21.92 -22.38
CA ALA D 117 -10.94 -21.31 -22.79
C ALA D 117 -10.41 -21.94 -24.08
N ARG D 118 -10.68 -23.24 -24.30
CA ARG D 118 -10.04 -24.04 -25.37
C ARG D 118 -11.06 -24.69 -26.32
N GLN D 119 -12.34 -24.68 -25.97
CA GLN D 119 -13.45 -25.11 -26.85
C GLN D 119 -13.35 -26.62 -27.07
N ILE D 120 -12.86 -27.35 -26.08
CA ILE D 120 -12.64 -28.81 -26.20
C ILE D 120 -13.91 -29.49 -26.68
N PRO D 121 -15.10 -29.22 -26.10
CA PRO D 121 -16.32 -29.91 -26.53
C PRO D 121 -16.68 -29.62 -28.00
N GLN D 122 -16.42 -28.37 -28.43
CA GLN D 122 -16.69 -27.87 -29.80
C GLN D 122 -15.77 -28.59 -30.80
N ALA D 123 -14.49 -28.70 -30.43
CA ALA D 123 -13.43 -29.35 -31.24
C ALA D 123 -13.73 -30.84 -31.39
N THR D 124 -14.14 -31.53 -30.32
CA THR D 124 -14.55 -32.96 -30.35
C THR D 124 -15.72 -33.12 -31.32
N ALA D 125 -16.82 -32.39 -31.15
CA ALA D 125 -18.01 -32.49 -32.02
C ALA D 125 -17.59 -32.26 -33.48
N SER D 126 -16.63 -31.35 -33.72
CA SER D 126 -16.03 -31.06 -35.04
C SER D 126 -15.18 -32.23 -35.57
N MET D 127 -14.10 -32.58 -34.86
CA MET D 127 -13.28 -33.79 -35.16
C MET D 127 -14.22 -34.99 -35.39
N LYS D 128 -15.16 -35.25 -34.47
CA LYS D 128 -16.10 -36.41 -34.57
C LYS D 128 -16.87 -36.40 -35.89
N ASP D 129 -17.09 -35.22 -36.48
CA ASP D 129 -17.78 -35.02 -37.79
C ASP D 129 -16.76 -35.14 -38.94
N GLY D 130 -15.47 -35.30 -38.59
CA GLY D 130 -14.36 -35.59 -39.54
C GLY D 130 -13.70 -34.33 -40.05
N LYS D 131 -13.60 -33.29 -39.22
CA LYS D 131 -13.14 -31.94 -39.63
C LYS D 131 -11.87 -31.55 -38.87
N TRP D 132 -10.91 -30.98 -39.61
CA TRP D 132 -9.61 -30.48 -39.10
C TRP D 132 -9.55 -28.95 -39.25
N GLU D 133 -10.31 -28.23 -38.43
CA GLU D 133 -10.49 -26.74 -38.47
C GLU D 133 -9.74 -26.17 -37.26
N ARG D 134 -8.42 -26.05 -37.41
CA ARG D 134 -7.48 -25.63 -36.34
C ARG D 134 -7.29 -24.11 -36.41
N LYS D 135 -7.54 -23.50 -37.58
CA LYS D 135 -7.55 -22.02 -37.79
C LYS D 135 -8.66 -21.42 -36.94
N LYS D 136 -9.77 -22.15 -36.77
CA LYS D 136 -10.95 -21.72 -35.98
C LYS D 136 -10.63 -21.79 -34.49
N PHE D 137 -10.40 -22.99 -33.94
CA PHE D 137 -10.42 -23.31 -32.50
C PHE D 137 -9.21 -22.79 -31.72
N MET D 138 -8.62 -21.64 -32.10
CA MET D 138 -7.63 -20.92 -31.26
C MET D 138 -8.31 -20.48 -29.94
N GLY D 139 -7.77 -20.92 -28.80
CA GLY D 139 -8.31 -20.66 -27.46
C GLY D 139 -7.45 -19.70 -26.67
N THR D 140 -7.55 -19.73 -25.34
CA THR D 140 -6.92 -18.76 -24.40
C THR D 140 -6.09 -19.49 -23.34
N GLU D 141 -4.96 -18.88 -22.98
CA GLU D 141 -4.13 -19.24 -21.81
C GLU D 141 -4.76 -18.60 -20.56
N LEU D 142 -5.19 -19.42 -19.60
CA LEU D 142 -5.77 -18.97 -18.31
C LEU D 142 -4.72 -18.19 -17.51
N ASN D 143 -3.44 -18.54 -17.63
CA ASN D 143 -2.36 -17.88 -16.86
C ASN D 143 -2.56 -16.36 -16.99
N GLY D 144 -2.62 -15.66 -15.84
CA GLY D 144 -2.61 -14.18 -15.77
C GLY D 144 -3.93 -13.53 -16.13
N LYS D 145 -4.95 -14.32 -16.50
CA LYS D 145 -6.33 -13.84 -16.79
C LYS D 145 -7.07 -13.63 -15.46
N THR D 146 -8.22 -12.96 -15.50
CA THR D 146 -9.02 -12.58 -14.29
C THR D 146 -10.34 -13.36 -14.29
N LEU D 147 -10.55 -14.16 -13.24
CA LEU D 147 -11.82 -14.85 -12.96
C LEU D 147 -12.54 -14.09 -11.85
N GLY D 148 -13.83 -13.84 -12.06
CA GLY D 148 -14.74 -13.23 -11.08
C GLY D 148 -15.65 -14.28 -10.48
N ILE D 149 -15.50 -14.56 -9.18
CA ILE D 149 -16.35 -15.51 -8.43
C ILE D 149 -17.39 -14.72 -7.62
N LEU D 150 -18.66 -14.85 -7.98
CA LEU D 150 -19.82 -14.22 -7.29
C LEU D 150 -20.46 -15.31 -6.44
N GLY D 151 -20.14 -15.35 -5.15
CA GLY D 151 -20.75 -16.26 -4.16
C GLY D 151 -19.67 -17.09 -3.48
N LEU D 152 -18.94 -16.47 -2.56
CA LEU D 152 -17.72 -17.02 -1.93
C LEU D 152 -18.13 -17.91 -0.76
N GLY D 153 -19.04 -18.86 -1.02
CA GLY D 153 -19.43 -19.92 -0.08
C GLY D 153 -18.35 -20.99 0.05
N ARG D 154 -18.73 -22.26 0.22
CA ARG D 154 -17.75 -23.37 0.24
C ARG D 154 -17.29 -23.61 -1.21
N ILE D 155 -18.21 -23.92 -2.11
CA ILE D 155 -17.99 -24.15 -3.56
C ILE D 155 -17.16 -23.00 -4.14
N GLY D 156 -17.48 -21.77 -3.77
CA GLY D 156 -16.83 -20.59 -4.37
C GLY D 156 -15.35 -20.59 -4.08
N ARG D 157 -14.97 -20.94 -2.84
CA ARG D 157 -13.56 -20.90 -2.38
C ARG D 157 -12.83 -22.14 -2.93
N GLU D 158 -13.51 -23.27 -3.10
CA GLU D 158 -12.86 -24.47 -3.67
C GLU D 158 -12.51 -24.15 -5.12
N VAL D 159 -13.44 -23.56 -5.89
CA VAL D 159 -13.19 -23.09 -7.29
C VAL D 159 -11.99 -22.12 -7.29
N ALA D 160 -11.88 -21.23 -6.31
CA ALA D 160 -10.84 -20.17 -6.28
C ALA D 160 -9.44 -20.78 -6.09
N THR D 161 -9.25 -21.65 -5.10
CA THR D 161 -7.94 -22.27 -4.74
C THR D 161 -7.42 -23.11 -5.92
N ARG D 162 -8.31 -23.77 -6.66
CA ARG D 162 -7.95 -24.59 -7.86
C ARG D 162 -7.47 -23.66 -8.98
N MET D 163 -8.28 -22.69 -9.39
CA MET D 163 -7.99 -21.81 -10.56
C MET D 163 -6.83 -20.84 -10.23
N GLN D 164 -6.54 -20.65 -8.94
CA GLN D 164 -5.31 -19.93 -8.50
C GLN D 164 -4.09 -20.68 -9.05
N SER D 165 -4.09 -22.01 -8.95
CA SER D 165 -2.95 -22.89 -9.30
C SER D 165 -2.62 -22.81 -10.80
N PHE D 166 -3.60 -22.38 -11.63
CA PHE D 166 -3.44 -22.10 -13.08
C PHE D 166 -2.93 -20.67 -13.31
N GLY D 167 -2.81 -19.87 -12.24
CA GLY D 167 -2.26 -18.52 -12.27
C GLY D 167 -3.28 -17.48 -12.68
N MET D 168 -4.54 -17.70 -12.34
CA MET D 168 -5.65 -16.72 -12.56
C MET D 168 -5.74 -15.75 -11.38
N LYS D 169 -6.09 -14.50 -11.65
CA LYS D 169 -6.56 -13.54 -10.61
C LYS D 169 -8.00 -13.90 -10.24
N THR D 170 -8.24 -14.24 -8.97
CA THR D 170 -9.59 -14.49 -8.42
C THR D 170 -10.02 -13.24 -7.66
N ILE D 171 -10.73 -12.34 -8.34
CA ILE D 171 -11.53 -11.25 -7.70
C ILE D 171 -12.97 -11.77 -7.59
N GLY D 172 -13.70 -11.40 -6.55
CA GLY D 172 -15.08 -11.84 -6.33
C GLY D 172 -15.89 -10.88 -5.48
N TYR D 173 -17.16 -11.21 -5.25
CA TYR D 173 -18.11 -10.40 -4.43
C TYR D 173 -19.01 -11.34 -3.64
N ASP D 174 -19.15 -11.09 -2.35
CA ASP D 174 -20.16 -11.78 -1.52
C ASP D 174 -20.45 -10.90 -0.29
N PRO D 175 -21.73 -10.49 -0.12
CA PRO D 175 -22.10 -9.55 0.92
C PRO D 175 -22.10 -10.15 2.33
N ILE D 176 -22.05 -11.49 2.46
CA ILE D 176 -22.02 -12.15 3.79
C ILE D 176 -20.56 -12.24 4.29
N ILE D 177 -19.63 -12.65 3.44
CA ILE D 177 -18.25 -12.96 3.92
C ILE D 177 -17.39 -11.69 3.78
N SER D 178 -16.60 -11.40 4.81
CA SER D 178 -15.83 -10.15 4.98
C SER D 178 -14.64 -10.16 4.04
N PRO D 179 -14.24 -9.00 3.47
CA PRO D 179 -12.97 -8.90 2.74
C PRO D 179 -11.78 -9.58 3.45
N GLU D 180 -11.75 -9.58 4.78
CA GLU D 180 -10.67 -10.17 5.61
C GLU D 180 -10.60 -11.70 5.41
N VAL D 181 -11.76 -12.37 5.26
CA VAL D 181 -11.84 -13.85 5.16
C VAL D 181 -11.68 -14.27 3.69
N SER D 182 -12.27 -13.53 2.74
CA SER D 182 -12.12 -13.78 1.28
C SER D 182 -10.64 -13.73 0.92
N ALA D 183 -9.95 -12.67 1.34
CA ALA D 183 -8.51 -12.43 1.12
C ALA D 183 -7.72 -13.67 1.55
N SER D 184 -8.16 -14.32 2.63
CA SER D 184 -7.48 -15.46 3.30
C SER D 184 -7.57 -16.73 2.45
N PHE D 185 -8.33 -16.75 1.34
CA PHE D 185 -8.19 -17.80 0.30
C PHE D 185 -8.03 -17.13 -1.06
N GLY D 186 -7.33 -15.99 -1.07
CA GLY D 186 -6.71 -15.41 -2.28
C GLY D 186 -7.71 -14.74 -3.19
N VAL D 187 -8.98 -14.68 -2.81
CA VAL D 187 -10.01 -13.87 -3.52
C VAL D 187 -10.01 -12.46 -2.93
N GLN D 188 -9.63 -11.46 -3.73
CA GLN D 188 -9.80 -10.02 -3.36
C GLN D 188 -11.25 -9.64 -3.66
N GLN D 189 -11.93 -8.96 -2.74
CA GLN D 189 -13.36 -8.60 -2.88
C GLN D 189 -13.51 -7.17 -3.41
N LEU D 190 -14.48 -6.95 -4.29
CA LEU D 190 -14.83 -5.61 -4.86
C LEU D 190 -16.34 -5.48 -5.01
N PRO D 191 -16.87 -4.24 -5.09
CA PRO D 191 -18.29 -4.06 -5.36
C PRO D 191 -18.57 -4.50 -6.81
N LEU D 192 -19.76 -5.07 -7.04
CA LEU D 192 -20.21 -5.60 -8.34
C LEU D 192 -19.90 -4.64 -9.49
N GLU D 193 -20.31 -3.37 -9.39
CA GLU D 193 -20.14 -2.37 -10.49
C GLU D 193 -18.66 -2.29 -10.91
N GLU D 194 -17.71 -2.65 -10.03
CA GLU D 194 -16.26 -2.57 -10.29
C GLU D 194 -15.72 -3.91 -10.82
N ILE D 195 -16.49 -5.01 -10.71
CA ILE D 195 -16.07 -6.39 -11.09
C ILE D 195 -16.26 -6.62 -12.59
N TRP D 196 -17.41 -6.27 -13.16
CA TRP D 196 -17.77 -6.60 -14.57
C TRP D 196 -16.59 -6.31 -15.50
N PRO D 197 -16.02 -5.08 -15.51
CA PRO D 197 -15.03 -4.69 -16.51
C PRO D 197 -13.63 -5.31 -16.37
N LEU D 198 -13.31 -5.89 -15.20
CA LEU D 198 -11.99 -6.49 -14.90
C LEU D 198 -11.93 -7.95 -15.36
N CYS D 199 -13.09 -8.62 -15.44
CA CYS D 199 -13.23 -10.08 -15.67
C CYS D 199 -13.05 -10.44 -17.14
N ASP D 200 -12.28 -11.50 -17.41
CA ASP D 200 -12.27 -12.26 -18.69
C ASP D 200 -13.16 -13.50 -18.52
N PHE D 201 -13.35 -13.92 -17.28
CA PHE D 201 -14.22 -15.08 -16.90
C PHE D 201 -14.98 -14.71 -15.62
N ILE D 202 -16.25 -15.10 -15.57
CA ILE D 202 -17.14 -14.92 -14.39
C ILE D 202 -17.84 -16.26 -14.16
N THR D 203 -17.76 -16.80 -12.95
CA THR D 203 -18.60 -17.93 -12.49
C THR D 203 -19.44 -17.46 -11.29
N VAL D 204 -20.60 -18.08 -11.10
CA VAL D 204 -21.60 -17.67 -10.07
C VAL D 204 -21.84 -18.88 -9.16
N HIS D 205 -21.83 -18.66 -7.85
CA HIS D 205 -22.02 -19.70 -6.81
C HIS D 205 -22.86 -19.13 -5.66
N THR D 206 -24.07 -18.68 -5.99
CA THR D 206 -25.06 -18.07 -5.06
C THR D 206 -26.33 -18.91 -5.14
N PRO D 207 -27.19 -18.84 -4.09
CA PRO D 207 -28.51 -19.47 -4.15
C PRO D 207 -29.39 -18.60 -5.04
N LEU D 208 -30.50 -19.15 -5.53
CA LEU D 208 -31.46 -18.36 -6.33
C LEU D 208 -32.29 -17.48 -5.38
N LEU D 209 -32.05 -16.17 -5.38
CA LEU D 209 -32.81 -15.15 -4.58
C LEU D 209 -33.28 -14.05 -5.52
N PRO D 210 -34.15 -13.12 -5.09
CA PRO D 210 -34.49 -11.95 -5.90
C PRO D 210 -33.26 -11.04 -6.15
N SER D 211 -32.34 -10.95 -5.18
CA SER D 211 -31.10 -10.12 -5.25
C SER D 211 -30.11 -10.75 -6.24
N THR D 212 -30.36 -11.99 -6.63
CA THR D 212 -29.45 -12.86 -7.45
C THR D 212 -30.10 -13.16 -8.80
N THR D 213 -31.41 -13.39 -8.87
CA THR D 213 -32.16 -13.64 -10.14
C THR D 213 -31.74 -12.58 -11.17
N GLY D 214 -31.40 -13.01 -12.39
CA GLY D 214 -30.96 -12.13 -13.50
C GLY D 214 -29.76 -11.27 -13.12
N LEU D 215 -28.87 -11.76 -12.26
CA LEU D 215 -27.65 -11.04 -11.78
C LEU D 215 -26.85 -10.61 -13.00
N LEU D 216 -26.73 -11.50 -13.98
CA LEU D 216 -26.26 -11.14 -15.33
C LEU D 216 -27.50 -10.96 -16.22
N ASN D 217 -27.64 -9.75 -16.75
CA ASN D 217 -28.81 -9.23 -17.52
C ASN D 217 -28.25 -8.31 -18.59
N ASP D 218 -29.09 -7.79 -19.47
CA ASP D 218 -28.64 -6.90 -20.58
C ASP D 218 -27.70 -5.81 -20.05
N ASN D 219 -27.92 -5.36 -18.80
CA ASN D 219 -27.28 -4.13 -18.22
C ASN D 219 -25.87 -4.44 -17.70
N THR D 220 -25.73 -5.49 -16.88
CA THR D 220 -24.42 -5.99 -16.36
C THR D 220 -23.57 -6.45 -17.55
N PHE D 221 -24.08 -7.35 -18.40
CA PHE D 221 -23.41 -7.86 -19.62
C PHE D 221 -22.74 -6.70 -20.38
N ALA D 222 -23.39 -5.53 -20.45
CA ALA D 222 -22.88 -4.35 -21.16
C ALA D 222 -21.69 -3.71 -20.41
N GLN D 223 -21.61 -3.85 -19.08
CA GLN D 223 -20.50 -3.30 -18.25
C GLN D 223 -19.29 -4.22 -18.26
N CYS D 224 -19.46 -5.48 -18.72
CA CYS D 224 -18.41 -6.53 -18.84
C CYS D 224 -17.44 -6.19 -19.98
N LYS D 225 -16.21 -6.74 -19.90
CA LYS D 225 -15.20 -6.77 -21.01
C LYS D 225 -15.85 -7.38 -22.25
N LYS D 226 -15.61 -6.81 -23.44
CA LYS D 226 -16.01 -7.43 -24.72
C LYS D 226 -15.34 -8.82 -24.81
N GLY D 227 -16.13 -9.89 -24.85
CA GLY D 227 -15.66 -11.28 -24.96
C GLY D 227 -15.46 -11.94 -23.61
N VAL D 228 -16.10 -11.44 -22.57
CA VAL D 228 -16.14 -12.11 -21.24
C VAL D 228 -16.75 -13.49 -21.50
N ARG D 229 -16.52 -14.44 -20.60
CA ARG D 229 -17.10 -15.81 -20.66
C ARG D 229 -17.67 -16.17 -19.28
N VAL D 230 -18.77 -16.92 -19.25
CA VAL D 230 -19.59 -17.12 -18.02
C VAL D 230 -19.83 -18.61 -17.78
N VAL D 231 -19.79 -19.02 -16.52
CA VAL D 231 -20.09 -20.39 -16.06
C VAL D 231 -21.21 -20.33 -15.00
N ASN D 232 -22.38 -20.89 -15.29
CA ASN D 232 -23.44 -21.11 -14.29
C ASN D 232 -23.51 -22.61 -13.98
N CYS D 233 -23.00 -23.01 -12.81
CA CYS D 233 -23.08 -24.37 -12.24
C CYS D 233 -23.86 -24.35 -10.90
N ALA D 234 -24.53 -23.23 -10.60
CA ALA D 234 -25.23 -22.99 -9.32
C ALA D 234 -26.74 -23.21 -9.51
N ARG D 235 -27.48 -22.19 -9.95
CA ARG D 235 -28.95 -22.28 -10.14
C ARG D 235 -29.33 -21.61 -11.46
N GLY D 236 -30.35 -22.17 -12.10
CA GLY D 236 -30.91 -21.67 -13.37
C GLY D 236 -31.48 -20.27 -13.20
N GLY D 237 -30.99 -19.31 -13.99
CA GLY D 237 -31.55 -17.96 -14.05
C GLY D 237 -30.74 -16.93 -13.27
N ILE D 238 -29.75 -17.35 -12.47
CA ILE D 238 -28.79 -16.40 -11.86
C ILE D 238 -28.23 -15.57 -13.02
N VAL D 239 -27.88 -16.25 -14.11
CA VAL D 239 -27.62 -15.62 -15.43
C VAL D 239 -28.92 -15.71 -16.23
N ASP D 240 -29.48 -14.54 -16.55
CA ASP D 240 -30.71 -14.40 -17.37
C ASP D 240 -30.46 -15.09 -18.71
N GLU D 241 -31.16 -16.19 -18.96
CA GLU D 241 -30.99 -17.05 -20.16
C GLU D 241 -31.16 -16.16 -21.41
N GLY D 242 -32.31 -15.54 -21.60
CA GLY D 242 -32.59 -14.59 -22.71
C GLY D 242 -31.44 -13.60 -22.91
N ALA D 243 -30.91 -13.03 -21.81
CA ALA D 243 -29.93 -11.93 -21.84
C ALA D 243 -28.62 -12.42 -22.46
N LEU D 244 -28.10 -13.52 -21.92
CA LEU D 244 -26.92 -14.29 -22.41
C LEU D 244 -27.02 -14.52 -23.93
N LEU D 245 -28.10 -15.15 -24.38
CA LEU D 245 -28.36 -15.44 -25.82
C LEU D 245 -27.95 -14.25 -26.69
N ARG D 246 -28.38 -13.05 -26.33
CA ARG D 246 -28.14 -11.84 -27.17
C ARG D 246 -26.67 -11.42 -27.02
N ALA D 247 -26.04 -11.70 -25.88
CA ALA D 247 -24.65 -11.34 -25.57
C ALA D 247 -23.70 -12.21 -26.41
N LEU D 248 -24.07 -13.47 -26.62
CA LEU D 248 -23.33 -14.41 -27.48
C LEU D 248 -23.45 -13.98 -28.93
N GLN D 249 -24.65 -13.54 -29.33
CA GLN D 249 -24.99 -13.22 -30.75
C GLN D 249 -24.27 -11.92 -31.14
N SER D 250 -24.13 -10.99 -30.19
CA SER D 250 -23.46 -9.68 -30.39
C SER D 250 -21.93 -9.87 -30.33
N GLY D 251 -21.47 -10.84 -29.54
CA GLY D 251 -20.04 -11.05 -29.25
C GLY D 251 -19.62 -10.37 -27.96
N GLN D 252 -20.52 -9.63 -27.28
CA GLN D 252 -20.24 -9.09 -25.92
C GLN D 252 -19.82 -10.26 -25.03
N CYS D 253 -20.47 -11.42 -25.17
CA CYS D 253 -20.07 -12.70 -24.52
C CYS D 253 -19.42 -13.63 -25.56
N ALA D 254 -18.18 -14.05 -25.31
CA ALA D 254 -17.36 -14.92 -26.20
C ALA D 254 -17.80 -16.39 -26.07
N GLY D 255 -18.34 -16.80 -24.91
CA GLY D 255 -18.91 -18.15 -24.76
C GLY D 255 -19.42 -18.37 -23.35
N ALA D 256 -20.18 -19.44 -23.14
CA ALA D 256 -20.82 -19.74 -21.84
C ALA D 256 -20.89 -21.25 -21.60
N ALA D 257 -20.84 -21.63 -20.33
CA ALA D 257 -20.96 -23.01 -19.84
C ALA D 257 -22.10 -23.09 -18.81
N LEU D 258 -23.08 -23.96 -19.02
CA LEU D 258 -24.32 -24.04 -18.21
C LEU D 258 -24.54 -25.48 -17.75
N ASP D 259 -24.64 -25.70 -16.44
CA ASP D 259 -25.05 -27.00 -15.84
C ASP D 259 -26.49 -26.90 -15.35
N VAL D 260 -27.07 -25.69 -15.36
CA VAL D 260 -28.38 -25.41 -14.71
C VAL D 260 -29.22 -24.50 -15.60
N PHE D 261 -30.52 -24.81 -15.65
CA PHE D 261 -31.51 -24.14 -16.51
C PHE D 261 -32.74 -23.82 -15.67
N THR D 262 -33.52 -22.82 -16.11
CA THR D 262 -34.81 -22.40 -15.50
C THR D 262 -35.79 -23.58 -15.53
N GLU D 263 -36.00 -24.16 -16.72
CA GLU D 263 -36.70 -25.45 -16.95
C GLU D 263 -35.65 -26.54 -17.13
N GLU D 264 -35.76 -27.65 -16.38
CA GLU D 264 -34.84 -28.82 -16.47
C GLU D 264 -35.66 -30.09 -16.72
N PRO D 265 -35.75 -30.64 -17.95
CA PRO D 265 -34.97 -30.18 -19.11
C PRO D 265 -35.50 -28.95 -19.82
N PRO D 266 -34.64 -28.16 -20.50
CA PRO D 266 -35.02 -26.88 -21.07
C PRO D 266 -35.75 -26.99 -22.40
N ARG D 267 -36.90 -26.32 -22.53
CA ARG D 267 -37.70 -26.21 -23.78
C ARG D 267 -37.10 -25.13 -24.67
N ASP D 268 -36.67 -24.00 -24.13
CA ASP D 268 -35.96 -22.95 -24.90
C ASP D 268 -34.60 -23.52 -25.31
N ARG D 269 -34.53 -24.16 -26.47
CA ARG D 269 -33.28 -24.80 -27.00
C ARG D 269 -32.62 -23.84 -27.98
N ALA D 270 -32.59 -22.55 -27.64
CA ALA D 270 -31.89 -21.49 -28.39
C ALA D 270 -30.44 -21.45 -27.94
N LEU D 271 -30.20 -21.52 -26.61
CA LEU D 271 -28.87 -21.39 -25.97
C LEU D 271 -28.05 -22.67 -26.25
N VAL D 272 -28.47 -23.77 -25.64
CA VAL D 272 -27.79 -25.09 -25.80
C VAL D 272 -27.26 -25.17 -27.22
N ASP D 273 -28.12 -24.91 -28.21
CA ASP D 273 -27.86 -25.12 -29.65
C ASP D 273 -26.79 -24.14 -30.17
N HIS D 274 -26.56 -22.99 -29.54
CA HIS D 274 -25.59 -21.94 -29.98
C HIS D 274 -24.19 -22.56 -29.98
N GLU D 275 -23.31 -22.17 -30.92
CA GLU D 275 -22.02 -22.88 -31.16
C GLU D 275 -21.02 -22.60 -30.03
N ASN D 276 -21.23 -21.54 -29.21
CA ASN D 276 -20.32 -21.14 -28.11
C ASN D 276 -20.88 -21.55 -26.74
N VAL D 277 -21.83 -22.48 -26.69
CA VAL D 277 -22.44 -22.89 -25.39
C VAL D 277 -22.11 -24.35 -25.10
N ILE D 278 -21.31 -24.55 -24.06
CA ILE D 278 -21.08 -25.86 -23.40
C ILE D 278 -22.24 -26.05 -22.42
N SER D 279 -22.82 -27.25 -22.38
CA SER D 279 -24.06 -27.59 -21.64
C SER D 279 -23.95 -29.00 -21.07
N CYS D 280 -24.65 -29.26 -19.96
CA CYS D 280 -24.67 -30.54 -19.21
C CYS D 280 -26.01 -30.72 -18.51
N PRO D 281 -26.62 -31.92 -18.59
CA PRO D 281 -27.88 -32.17 -17.88
C PRO D 281 -27.75 -32.24 -16.34
N HIS D 282 -27.31 -31.14 -15.72
CA HIS D 282 -27.18 -30.98 -14.24
C HIS D 282 -26.35 -32.15 -13.67
N LEU D 283 -25.02 -32.12 -13.91
CA LEU D 283 -24.05 -33.18 -13.55
C LEU D 283 -23.15 -32.73 -12.39
N GLY D 284 -23.45 -31.59 -11.75
CA GLY D 284 -22.64 -31.05 -10.63
C GLY D 284 -22.46 -32.06 -9.50
N ALA D 285 -23.45 -32.91 -9.24
CA ALA D 285 -23.43 -33.97 -8.20
C ALA D 285 -23.48 -35.36 -8.87
N SER D 286 -23.26 -35.43 -10.19
CA SER D 286 -23.29 -36.68 -11.00
C SER D 286 -21.89 -37.29 -11.05
N THR D 287 -21.44 -37.86 -9.93
CA THR D 287 -20.10 -38.52 -9.79
C THR D 287 -20.21 -39.69 -8.81
N LYS D 288 -19.72 -40.87 -9.18
CA LYS D 288 -19.65 -42.07 -8.29
C LYS D 288 -19.14 -41.62 -6.91
N GLU D 289 -18.12 -40.76 -6.89
CA GLU D 289 -17.44 -40.28 -5.66
C GLU D 289 -18.49 -39.64 -4.73
N ALA D 290 -19.30 -38.70 -5.24
CA ALA D 290 -20.29 -37.90 -4.44
C ALA D 290 -21.45 -38.78 -3.97
N GLN D 291 -22.15 -39.42 -4.91
CA GLN D 291 -23.40 -40.18 -4.62
C GLN D 291 -23.12 -41.24 -3.54
N SER D 292 -21.90 -41.74 -3.43
CA SER D 292 -21.46 -42.69 -2.37
C SER D 292 -21.41 -41.95 -1.04
N ARG D 293 -20.84 -40.74 -1.02
CA ARG D 293 -20.67 -39.91 0.19
C ARG D 293 -22.05 -39.49 0.71
N CYS D 294 -22.92 -39.05 -0.21
CA CYS D 294 -24.35 -38.74 0.07
C CYS D 294 -25.02 -40.00 0.59
N GLY D 295 -25.21 -41.00 -0.27
CA GLY D 295 -25.79 -42.33 0.07
C GLY D 295 -25.30 -42.86 1.40
N GLU D 296 -24.02 -42.63 1.74
CA GLU D 296 -23.41 -43.06 3.02
C GLU D 296 -23.94 -42.17 4.14
N GLU D 297 -23.93 -40.84 3.93
CA GLU D 297 -24.25 -39.81 4.95
C GLU D 297 -25.74 -39.87 5.32
N ILE D 298 -26.61 -40.29 4.39
CA ILE D 298 -28.08 -40.41 4.59
C ILE D 298 -28.40 -41.68 5.37
N ALA D 299 -27.82 -42.81 4.97
CA ALA D 299 -28.04 -44.14 5.60
C ALA D 299 -27.58 -44.11 7.05
N VAL D 300 -26.52 -43.35 7.34
CA VAL D 300 -26.01 -43.07 8.71
C VAL D 300 -27.17 -42.47 9.51
N GLN D 301 -27.70 -41.32 9.05
CA GLN D 301 -28.76 -40.51 9.71
C GLN D 301 -29.95 -41.40 10.07
N PHE D 302 -30.37 -42.32 9.18
CA PHE D 302 -31.48 -43.27 9.40
C PHE D 302 -31.15 -44.20 10.58
N VAL D 303 -29.98 -44.86 10.53
CA VAL D 303 -29.53 -45.84 11.55
C VAL D 303 -29.25 -45.11 12.87
N ASP D 304 -28.66 -43.91 12.81
CA ASP D 304 -28.32 -43.06 14.00
C ASP D 304 -29.54 -42.96 14.93
N MET D 305 -30.75 -42.79 14.38
CA MET D 305 -31.98 -42.49 15.18
C MET D 305 -32.70 -43.79 15.55
N VAL D 306 -32.21 -44.96 15.08
CA VAL D 306 -32.69 -46.30 15.53
C VAL D 306 -31.95 -46.71 16.81
N LYS D 307 -30.80 -46.08 17.10
CA LYS D 307 -30.00 -46.22 18.37
C LYS D 307 -29.26 -47.57 18.39
N ARG E 6 -3.85 -1.95 14.16
CA ARG E 6 -4.84 -1.54 15.22
C ARG E 6 -4.19 -0.83 16.43
N LYS E 7 -2.86 -0.67 16.52
CA LYS E 7 -2.22 0.07 17.65
C LYS E 7 -1.06 0.94 17.15
N VAL E 8 -1.12 2.25 17.45
CA VAL E 8 -0.16 3.31 16.99
C VAL E 8 0.64 3.81 18.20
N LEU E 9 1.80 4.40 17.94
CA LEU E 9 2.65 5.09 18.96
C LEU E 9 3.05 6.47 18.40
N ILE E 10 2.75 7.55 19.12
CA ILE E 10 3.23 8.93 18.79
C ILE E 10 4.46 9.19 19.66
N SER E 11 5.63 9.33 19.03
CA SER E 11 6.94 9.30 19.73
C SER E 11 7.46 10.71 20.02
N ASP E 12 6.75 11.76 19.56
CA ASP E 12 7.21 13.17 19.70
C ASP E 12 6.09 14.06 20.25
N SER E 13 6.45 15.24 20.76
CA SER E 13 5.52 16.36 21.05
C SER E 13 4.76 16.69 19.75
N LEU E 14 3.52 16.20 19.65
CA LEU E 14 2.59 16.45 18.54
C LEU E 14 1.29 17.01 19.12
N ASP E 15 0.63 17.91 18.38
CA ASP E 15 -0.68 18.52 18.73
C ASP E 15 -1.60 17.45 19.30
N PRO E 16 -2.29 17.73 20.44
CA PRO E 16 -3.22 16.77 21.04
C PRO E 16 -4.18 16.12 20.02
N CYS E 17 -4.65 16.89 19.03
CA CYS E 17 -5.74 16.50 18.10
C CYS E 17 -5.38 15.25 17.29
N CYS E 18 -4.09 14.95 17.12
CA CYS E 18 -3.60 13.70 16.47
C CYS E 18 -4.14 12.50 17.25
N ARG E 19 -3.67 12.30 18.48
CA ARG E 19 -4.10 11.18 19.37
C ARG E 19 -5.63 11.07 19.33
N LYS E 20 -6.34 12.21 19.42
CA LYS E 20 -7.82 12.26 19.43
C LYS E 20 -8.34 11.53 18.18
N ILE E 21 -8.07 12.07 16.99
CA ILE E 21 -8.65 11.61 15.69
C ILE E 21 -8.32 10.12 15.49
N LEU E 22 -7.17 9.65 16.00
CA LEU E 22 -6.75 8.22 15.95
C LEU E 22 -7.73 7.38 16.77
N GLN E 23 -7.85 7.64 18.08
CA GLN E 23 -8.79 6.93 18.99
C GLN E 23 -10.21 7.11 18.46
N ASP E 24 -10.55 8.34 18.05
CA ASP E 24 -11.81 8.74 17.35
C ASP E 24 -12.07 7.76 16.18
N GLY E 25 -11.03 7.44 15.40
CA GLY E 25 -11.09 6.45 14.31
C GLY E 25 -11.34 5.05 14.82
N GLY E 26 -10.69 4.68 15.93
CA GLY E 26 -10.99 3.44 16.68
C GLY E 26 -9.78 2.52 16.80
N LEU E 27 -8.67 3.01 17.36
CA LEU E 27 -7.43 2.22 17.61
C LEU E 27 -6.64 2.82 18.78
N GLN E 28 -5.98 1.96 19.57
CA GLN E 28 -5.16 2.32 20.76
C GLN E 28 -4.07 3.30 20.32
N VAL E 29 -3.58 4.14 21.24
CA VAL E 29 -2.49 5.14 21.01
C VAL E 29 -1.60 5.19 22.25
N VAL E 30 -0.35 5.66 22.11
CA VAL E 30 0.63 5.78 23.22
C VAL E 30 1.43 7.07 23.04
N GLU E 31 1.01 8.18 23.67
CA GLU E 31 1.76 9.46 23.63
C GLU E 31 2.97 9.34 24.57
N LYS E 32 4.17 9.25 23.97
CA LYS E 32 5.48 9.29 24.66
C LYS E 32 6.33 10.40 24.04
N GLN E 33 7.49 10.70 24.63
CA GLN E 33 8.32 11.88 24.24
C GLN E 33 9.80 11.64 24.55
N ASN E 34 10.68 12.33 23.82
CA ASN E 34 12.17 12.29 23.95
C ASN E 34 12.68 10.90 24.34
N LEU E 35 12.14 9.84 23.74
CA LEU E 35 12.49 8.42 24.04
C LEU E 35 13.90 8.11 23.54
N SER E 36 14.60 7.22 24.23
CA SER E 36 15.93 6.69 23.84
C SER E 36 15.74 5.54 22.84
N LYS E 37 16.77 5.24 22.05
CA LYS E 37 16.71 4.26 20.93
C LYS E 37 16.18 2.91 21.43
N GLU E 38 16.80 2.32 22.46
CA GLU E 38 16.40 1.01 23.04
C GLU E 38 15.02 1.13 23.70
N GLU E 39 14.71 2.27 24.31
CA GLU E 39 13.41 2.58 24.96
C GLU E 39 12.31 2.59 23.88
N LEU E 40 12.62 3.15 22.71
CA LEU E 40 11.73 3.20 21.52
C LEU E 40 11.41 1.78 21.05
N ILE E 41 12.44 1.01 20.68
CA ILE E 41 12.32 -0.37 20.11
C ILE E 41 11.42 -1.20 21.02
N ALA E 42 11.70 -1.22 22.32
CA ALA E 42 10.98 -1.99 23.37
C ALA E 42 9.50 -1.61 23.36
N GLU E 43 9.20 -0.31 23.31
CA GLU E 43 7.81 0.25 23.27
C GLU E 43 7.13 -0.16 21.96
N LEU E 44 7.88 -0.23 20.87
CA LEU E 44 7.38 -0.48 19.49
C LEU E 44 6.96 -1.94 19.28
N GLN E 45 7.34 -2.86 20.18
CA GLN E 45 7.37 -4.32 19.93
C GLN E 45 5.95 -4.91 19.80
N ASP E 46 4.88 -4.12 20.00
CA ASP E 46 3.49 -4.57 19.74
C ASP E 46 2.65 -3.41 19.14
N CYS E 47 3.31 -2.49 18.43
CA CYS E 47 2.68 -1.32 17.75
C CYS E 47 2.76 -1.53 16.24
N GLU E 48 1.61 -1.52 15.56
CA GLU E 48 1.49 -1.66 14.08
C GLU E 48 1.93 -0.36 13.40
N GLY E 49 1.60 0.80 14.01
CA GLY E 49 1.92 2.13 13.46
C GLY E 49 2.92 2.88 14.32
N LEU E 50 3.60 3.87 13.73
CA LEU E 50 4.45 4.87 14.44
C LEU E 50 4.30 6.22 13.76
N ILE E 51 3.97 7.28 14.52
CA ILE E 51 3.95 8.68 14.00
C ILE E 51 5.09 9.46 14.68
N VAL E 52 5.78 10.31 13.93
CA VAL E 52 6.97 11.04 14.43
C VAL E 52 6.95 12.48 13.91
N ARG E 53 7.66 13.35 14.62
CA ARG E 53 7.94 14.75 14.20
C ARG E 53 9.36 14.77 13.65
N SER E 54 10.21 15.74 14.03
CA SER E 54 11.62 15.84 13.55
C SER E 54 12.60 15.24 14.58
N ALA E 55 12.18 15.09 15.83
CA ALA E 55 13.04 14.65 16.96
C ALA E 55 13.46 13.17 16.75
N THR E 56 12.49 12.26 16.80
CA THR E 56 12.66 10.80 16.61
C THR E 56 13.39 10.55 15.29
N LYS E 57 14.45 9.73 15.32
CA LYS E 57 15.20 9.30 14.11
C LYS E 57 14.94 7.79 13.91
N VAL E 58 14.23 7.43 12.84
CA VAL E 58 13.82 6.01 12.53
C VAL E 58 14.94 5.35 11.75
N THR E 59 16.00 4.93 12.46
CA THR E 59 17.26 4.37 11.89
C THR E 59 16.99 3.01 11.25
N ALA E 60 18.01 2.47 10.58
CA ALA E 60 18.05 1.09 10.05
C ALA E 60 17.66 0.10 11.16
N ASP E 61 18.34 0.20 12.31
CA ASP E 61 18.27 -0.73 13.48
C ASP E 61 16.83 -0.81 14.01
N VAL E 62 16.19 0.34 14.20
CA VAL E 62 14.83 0.51 14.79
C VAL E 62 13.82 -0.29 13.97
N ILE E 63 13.81 -0.09 12.65
CA ILE E 63 12.83 -0.71 11.70
C ILE E 63 12.94 -2.24 11.79
N ASN E 64 14.16 -2.76 11.94
CA ASN E 64 14.46 -4.21 11.88
C ASN E 64 14.22 -4.86 13.26
N ALA E 65 14.11 -4.08 14.32
CA ALA E 65 13.81 -4.56 15.70
C ALA E 65 12.30 -4.49 15.96
N ALA E 66 11.55 -3.96 14.99
CA ALA E 66 10.09 -3.74 15.06
C ALA E 66 9.37 -4.75 14.16
N GLU E 67 9.25 -5.99 14.62
CA GLU E 67 8.72 -7.15 13.85
C GLU E 67 7.29 -6.87 13.36
N LYS E 68 6.54 -5.95 13.99
CA LYS E 68 5.09 -5.75 13.70
C LYS E 68 4.85 -4.44 12.94
N LEU E 69 5.88 -3.61 12.76
CA LEU E 69 5.76 -2.22 12.23
C LEU E 69 5.32 -2.25 10.77
N GLN E 70 4.05 -1.92 10.48
CA GLN E 70 3.46 -1.93 9.12
C GLN E 70 3.57 -0.54 8.47
N VAL E 71 3.58 0.55 9.24
CA VAL E 71 3.47 1.94 8.69
C VAL E 71 4.18 2.95 9.61
N VAL E 72 4.81 3.97 9.00
CA VAL E 72 5.54 5.07 9.71
C VAL E 72 5.07 6.39 9.12
N GLY E 73 4.24 7.14 9.87
CA GLY E 73 3.75 8.47 9.48
C GLY E 73 4.67 9.57 10.00
N ARG E 74 4.78 10.67 9.27
CA ARG E 74 5.56 11.85 9.71
C ARG E 74 4.65 13.08 9.60
N ALA E 75 4.37 13.72 10.74
CA ALA E 75 3.58 14.97 10.83
C ALA E 75 4.51 16.14 10.52
N GLY E 76 4.83 16.37 9.25
CA GLY E 76 5.66 17.50 8.79
C GLY E 76 5.84 17.47 7.29
N THR E 77 6.82 18.22 6.77
CA THR E 77 7.17 18.25 5.33
C THR E 77 8.47 17.45 5.15
N GLY E 78 8.45 16.44 4.27
CA GLY E 78 9.59 15.54 4.03
C GLY E 78 9.65 14.39 5.02
N VAL E 79 10.64 13.52 4.86
CA VAL E 79 10.87 12.32 5.71
C VAL E 79 12.37 12.15 5.97
N ASP E 80 13.10 13.27 6.07
CA ASP E 80 14.61 13.29 6.11
C ASP E 80 15.12 12.67 7.43
N ASN E 81 14.24 12.03 8.21
CA ASN E 81 14.59 11.43 9.52
C ASN E 81 14.11 9.97 9.55
N VAL E 82 13.80 9.38 8.39
CA VAL E 82 13.40 7.94 8.24
C VAL E 82 14.26 7.32 7.14
N ASP E 83 14.95 6.23 7.46
CA ASP E 83 15.72 5.39 6.50
C ASP E 83 14.73 4.79 5.49
N LEU E 84 14.68 5.37 4.29
CA LEU E 84 13.73 4.94 3.22
C LEU E 84 14.19 3.60 2.63
N GLU E 85 15.52 3.41 2.45
CA GLU E 85 16.10 2.13 1.99
C GLU E 85 15.65 1.02 2.94
N ALA E 86 15.90 1.15 4.24
CA ALA E 86 15.51 0.16 5.27
C ALA E 86 13.98 0.01 5.30
N ALA E 87 13.24 1.10 5.04
CA ALA E 87 11.76 1.15 5.06
C ALA E 87 11.20 0.26 3.93
N THR E 88 11.55 0.57 2.68
CA THR E 88 11.06 -0.17 1.48
C THR E 88 11.45 -1.66 1.55
N ARG E 89 12.56 -1.98 2.24
CA ARG E 89 13.07 -3.38 2.37
C ARG E 89 12.04 -4.24 3.11
N LYS E 90 11.46 -3.76 4.21
CA LYS E 90 10.50 -4.53 5.04
C LYS E 90 9.06 -4.27 4.57
N GLY E 91 8.88 -3.70 3.36
CA GLY E 91 7.58 -3.44 2.73
C GLY E 91 6.74 -2.42 3.47
N ILE E 92 7.36 -1.64 4.36
CA ILE E 92 6.69 -0.65 5.26
C ILE E 92 6.22 0.52 4.42
N LEU E 93 5.08 1.11 4.81
CA LEU E 93 4.50 2.35 4.24
C LEU E 93 5.10 3.54 5.00
N VAL E 94 5.41 4.61 4.27
CA VAL E 94 5.83 5.91 4.87
C VAL E 94 4.83 6.98 4.41
N MET E 95 4.18 7.64 5.36
CA MET E 95 3.11 8.63 5.18
C MET E 95 3.61 10.02 5.60
N ASN E 96 3.00 11.04 5.02
CA ASN E 96 3.55 12.41 4.88
C ASN E 96 2.38 13.38 5.04
N THR E 97 2.66 14.69 5.16
CA THR E 97 1.65 15.75 5.36
C THR E 97 2.00 16.92 4.43
N PRO E 98 1.75 16.74 3.12
CA PRO E 98 2.34 17.60 2.10
C PRO E 98 1.76 19.02 2.08
N ASN E 99 0.45 19.17 2.39
CA ASN E 99 -0.24 20.49 2.35
C ASN E 99 0.10 21.21 3.67
N GLY E 100 -0.37 20.66 4.79
CA GLY E 100 -0.55 21.36 6.08
C GLY E 100 0.74 21.76 6.72
N ASN E 101 1.47 22.71 6.12
CA ASN E 101 2.75 23.23 6.63
C ASN E 101 3.29 24.35 5.71
N SER E 102 3.07 24.20 4.40
CA SER E 102 3.38 25.17 3.34
C SER E 102 3.26 26.60 3.83
N LEU E 103 2.08 27.03 4.25
CA LEU E 103 1.82 28.47 4.57
C LEU E 103 2.80 28.96 5.63
N SER E 104 2.94 28.23 6.73
CA SER E 104 3.80 28.66 7.86
C SER E 104 5.21 28.93 7.34
N ALA E 105 5.76 28.04 6.52
CA ALA E 105 7.12 28.15 5.93
C ALA E 105 7.21 29.38 5.01
N ALA E 106 6.18 29.62 4.19
CA ALA E 106 6.12 30.75 3.24
C ALA E 106 6.21 32.07 3.99
N GLU E 107 5.54 32.16 5.14
CA GLU E 107 5.48 33.41 5.93
C GLU E 107 6.86 33.69 6.51
N LEU E 108 7.38 32.77 7.32
CA LEU E 108 8.75 32.91 7.88
C LEU E 108 9.72 33.37 6.78
N THR E 109 9.58 32.86 5.54
CA THR E 109 10.47 33.19 4.39
C THR E 109 10.40 34.69 4.12
N CYS E 110 9.18 35.21 3.90
CA CYS E 110 8.90 36.65 3.66
C CYS E 110 9.39 37.49 4.84
N GLY E 111 9.15 37.00 6.06
CA GLY E 111 9.79 37.57 7.26
C GLY E 111 11.25 37.84 6.97
N MET E 112 12.00 36.77 6.67
CA MET E 112 13.47 36.78 6.41
C MET E 112 13.81 37.87 5.39
N ILE E 113 13.10 37.88 4.27
CA ILE E 113 13.40 38.81 3.16
C ILE E 113 13.33 40.25 3.71
N MET E 114 12.20 40.62 4.31
CA MET E 114 12.02 41.95 4.97
C MET E 114 13.14 42.13 6.00
N CYS E 115 13.26 41.22 6.96
CA CYS E 115 14.32 41.27 7.99
C CYS E 115 15.68 41.53 7.34
N LEU E 116 15.97 40.94 6.18
CA LEU E 116 17.27 41.11 5.47
C LEU E 116 17.37 42.51 4.87
N ALA E 117 16.27 42.98 4.26
CA ALA E 117 16.19 44.30 3.58
C ALA E 117 16.47 45.43 4.57
N ARG E 118 16.07 45.27 5.84
CA ARG E 118 16.04 46.37 6.84
C ARG E 118 16.86 46.07 8.09
N GLN E 119 17.31 44.83 8.27
CA GLN E 119 18.25 44.42 9.34
C GLN E 119 17.55 44.53 10.68
N ILE E 120 16.24 44.27 10.70
CA ILE E 120 15.39 44.38 11.91
C ILE E 120 16.05 43.62 13.05
N PRO E 121 16.47 42.34 12.88
CA PRO E 121 17.04 41.58 14.00
C PRO E 121 18.35 42.19 14.53
N GLN E 122 19.14 42.76 13.62
CA GLN E 122 20.45 43.42 13.90
C GLN E 122 20.21 44.70 14.72
N ALA E 123 19.19 45.48 14.33
CA ALA E 123 18.80 46.74 14.99
C ALA E 123 18.27 46.44 16.40
N THR E 124 17.44 45.41 16.56
CA THR E 124 16.93 44.96 17.89
C THR E 124 18.13 44.58 18.78
N ALA E 125 19.00 43.67 18.35
CA ALA E 125 20.17 43.21 19.13
C ALA E 125 21.02 44.42 19.51
N SER E 126 21.12 45.44 18.64
CA SER E 126 21.83 46.72 18.87
C SER E 126 21.10 47.57 19.91
N MET E 127 19.87 47.99 19.63
CA MET E 127 19.00 48.70 20.61
C MET E 127 19.03 47.95 21.96
N LYS E 128 18.79 46.64 21.96
CA LYS E 128 18.76 45.80 23.21
C LYS E 128 20.06 45.94 24.00
N ASP E 129 21.19 46.24 23.32
CA ASP E 129 22.53 46.43 23.95
C ASP E 129 22.69 47.90 24.35
N GLY E 130 21.69 48.74 24.03
CA GLY E 130 21.58 50.14 24.47
C GLY E 130 22.22 51.11 23.50
N LYS E 131 22.13 50.82 22.20
CA LYS E 131 22.83 51.60 21.13
C LYS E 131 21.81 52.22 20.17
N TRP E 132 22.04 53.50 19.84
CA TRP E 132 21.26 54.30 18.87
C TRP E 132 22.13 54.60 17.64
N GLU E 133 22.17 53.63 16.70
CA GLU E 133 23.04 53.70 15.49
C GLU E 133 22.17 53.98 14.25
N ARG E 134 21.66 55.20 14.14
CA ARG E 134 20.82 55.73 13.03
C ARG E 134 21.74 56.44 12.02
N LYS E 135 22.99 56.73 12.37
CA LYS E 135 24.10 57.12 11.46
C LYS E 135 24.23 56.16 10.27
N LYS E 136 23.99 54.83 10.47
CA LYS E 136 24.42 53.82 9.45
C LYS E 136 23.59 52.57 9.17
N PHE E 137 22.48 52.26 9.87
CA PHE E 137 21.68 51.00 9.67
C PHE E 137 20.84 50.99 8.35
N MET E 138 21.38 51.54 7.29
CA MET E 138 20.61 51.91 6.07
C MET E 138 20.21 50.63 5.35
N GLY E 139 18.91 50.40 5.13
CA GLY E 139 18.35 49.21 4.44
C GLY E 139 17.87 49.47 3.02
N THR E 140 16.99 48.61 2.49
CA THR E 140 16.52 48.63 1.07
C THR E 140 14.98 48.66 1.00
N GLU E 141 14.47 49.39 0.02
CA GLU E 141 13.05 49.39 -0.42
C GLU E 141 12.83 48.17 -1.34
N LEU E 142 11.96 47.24 -0.96
CA LEU E 142 11.60 46.04 -1.77
C LEU E 142 10.98 46.45 -3.09
N ASN E 143 10.20 47.54 -3.11
CA ASN E 143 9.45 47.94 -4.33
C ASN E 143 10.43 47.93 -5.50
N GLY E 144 10.09 47.23 -6.60
CA GLY E 144 10.79 47.33 -7.88
C GLY E 144 12.08 46.51 -7.91
N LYS E 145 12.43 45.85 -6.80
CA LYS E 145 13.61 44.94 -6.71
C LYS E 145 13.21 43.59 -7.32
N THR E 146 14.21 42.74 -7.59
CA THR E 146 14.02 41.41 -8.24
C THR E 146 14.35 40.28 -7.23
N LEU E 147 13.35 39.44 -6.96
CA LEU E 147 13.46 38.23 -6.13
C LEU E 147 13.50 37.02 -7.06
N GLY E 148 14.46 36.13 -6.82
CA GLY E 148 14.62 34.82 -7.50
C GLY E 148 14.14 33.68 -6.63
N ILE E 149 13.05 33.01 -7.01
CA ILE E 149 12.53 31.81 -6.31
C ILE E 149 12.96 30.55 -7.05
N LEU E 150 13.80 29.74 -6.41
CA LEU E 150 14.26 28.41 -6.93
C LEU E 150 13.44 27.33 -6.23
N GLY E 151 12.41 26.82 -6.90
CA GLY E 151 11.58 25.71 -6.39
C GLY E 151 10.13 26.10 -6.26
N LEU E 152 9.47 26.17 -7.41
CA LEU E 152 8.09 26.67 -7.61
C LEU E 152 7.12 25.53 -7.28
N GLY E 153 7.29 24.92 -6.11
CA GLY E 153 6.32 24.02 -5.47
C GLY E 153 5.17 24.80 -4.87
N ARG E 154 4.60 24.30 -3.77
CA ARG E 154 3.48 25.02 -3.09
C ARG E 154 4.07 26.23 -2.36
N ILE E 155 5.01 26.01 -1.43
CA ILE E 155 5.72 27.05 -0.64
C ILE E 155 6.25 28.13 -1.57
N GLY E 156 6.82 27.74 -2.71
CA GLY E 156 7.48 28.68 -3.61
C GLY E 156 6.51 29.69 -4.17
N ARG E 157 5.30 29.23 -4.53
CA ARG E 157 4.26 30.09 -5.16
C ARG E 157 3.61 30.93 -4.06
N GLU E 158 3.48 30.41 -2.83
CA GLU E 158 2.88 31.21 -1.72
C GLU E 158 3.85 32.37 -1.43
N VAL E 159 5.15 32.12 -1.36
CA VAL E 159 6.20 33.17 -1.19
C VAL E 159 6.08 34.20 -2.33
N ALA E 160 5.82 33.76 -3.56
CA ALA E 160 5.81 34.64 -4.75
C ALA E 160 4.61 35.62 -4.70
N THR E 161 3.40 35.11 -4.45
CA THR E 161 2.14 35.91 -4.43
C THR E 161 2.20 36.98 -3.33
N ARG E 162 2.84 36.67 -2.20
CA ARG E 162 3.02 37.63 -1.07
C ARG E 162 3.97 38.74 -1.49
N MET E 163 5.19 38.39 -1.91
CA MET E 163 6.25 39.39 -2.23
C MET E 163 5.92 40.16 -3.51
N GLN E 164 5.01 39.64 -4.33
CA GLN E 164 4.43 40.39 -5.48
C GLN E 164 3.76 41.65 -4.95
N SER E 165 3.00 41.51 -3.85
CA SER E 165 2.14 42.58 -3.29
C SER E 165 3.00 43.75 -2.78
N PHE E 166 4.29 43.51 -2.51
CA PHE E 166 5.29 44.54 -2.15
C PHE E 166 5.92 45.17 -3.39
N GLY E 167 5.58 44.65 -4.58
CA GLY E 167 6.01 45.21 -5.88
C GLY E 167 7.38 44.70 -6.29
N MET E 168 7.73 43.47 -5.88
CA MET E 168 8.97 42.78 -6.32
C MET E 168 8.71 42.03 -7.62
N LYS E 169 9.71 41.99 -8.50
CA LYS E 169 9.74 41.08 -9.67
C LYS E 169 10.10 39.68 -9.17
N THR E 170 9.22 38.71 -9.39
CA THR E 170 9.44 37.28 -9.05
C THR E 170 9.82 36.55 -10.32
N ILE E 171 11.12 36.45 -10.60
CA ILE E 171 11.68 35.48 -11.59
C ILE E 171 12.13 34.25 -10.79
N GLY E 172 12.05 33.06 -11.38
CA GLY E 172 12.44 31.80 -10.70
C GLY E 172 12.77 30.69 -11.68
N TYR E 173 13.12 29.52 -11.14
CA TYR E 173 13.50 28.32 -11.93
C TYR E 173 12.98 27.07 -11.24
N ASP E 174 12.33 26.18 -11.98
CA ASP E 174 11.97 24.82 -11.48
C ASP E 174 11.81 23.89 -12.68
N PRO E 175 12.62 22.81 -12.70
CA PRO E 175 12.68 21.90 -13.85
C PRO E 175 11.44 21.01 -14.02
N ILE E 176 10.56 20.93 -13.01
CA ILE E 176 9.32 20.11 -13.11
C ILE E 176 8.20 20.95 -13.70
N ILE E 177 8.03 22.19 -13.24
CA ILE E 177 6.83 23.02 -13.56
C ILE E 177 7.12 23.81 -14.84
N SER E 178 6.13 23.83 -15.74
CA SER E 178 6.22 24.49 -17.08
C SER E 178 6.19 25.99 -16.90
N PRO E 179 6.93 26.76 -17.74
CA PRO E 179 6.77 28.22 -17.79
C PRO E 179 5.30 28.69 -17.78
N GLU E 180 4.39 27.92 -18.39
CA GLU E 180 2.95 28.25 -18.52
C GLU E 180 2.28 28.27 -17.13
N VAL E 181 2.68 27.39 -16.22
CA VAL E 181 2.05 27.24 -14.87
C VAL E 181 2.73 28.18 -13.87
N SER E 182 4.06 28.35 -13.95
CA SER E 182 4.82 29.31 -13.11
C SER E 182 4.26 30.73 -13.36
N ALA E 183 4.13 31.10 -14.63
CA ALA E 183 3.59 32.39 -15.10
C ALA E 183 2.22 32.65 -14.45
N SER E 184 1.45 31.58 -14.25
CA SER E 184 0.07 31.62 -13.71
C SER E 184 0.05 31.99 -12.22
N PHE E 185 1.19 32.07 -11.55
CA PHE E 185 1.29 32.76 -10.23
C PHE E 185 2.44 33.78 -10.28
N GLY E 186 2.60 34.40 -11.44
CA GLY E 186 3.34 35.66 -11.64
C GLY E 186 4.84 35.50 -11.57
N VAL E 187 5.32 34.27 -11.42
CA VAL E 187 6.78 33.94 -11.54
C VAL E 187 7.09 33.65 -13.01
N GLN E 188 7.91 34.49 -13.64
CA GLN E 188 8.47 34.25 -14.99
C GLN E 188 9.67 33.33 -14.80
N GLN E 189 9.77 32.27 -15.62
CA GLN E 189 10.83 31.25 -15.47
C GLN E 189 11.98 31.55 -16.45
N LEU E 190 13.22 31.34 -16.00
CA LEU E 190 14.45 31.45 -16.83
C LEU E 190 15.43 30.33 -16.47
N PRO E 191 16.40 30.01 -17.35
CA PRO E 191 17.45 29.05 -16.98
C PRO E 191 18.34 29.70 -15.90
N LEU E 192 18.84 28.88 -14.99
CA LEU E 192 19.66 29.30 -13.82
C LEU E 192 20.73 30.31 -14.23
N GLU E 193 21.54 30.00 -15.24
CA GLU E 193 22.71 30.85 -15.64
C GLU E 193 22.23 32.30 -15.93
N GLU E 194 20.95 32.50 -16.29
CA GLU E 194 20.39 33.82 -16.64
C GLU E 194 19.76 34.50 -15.42
N ILE E 195 19.53 33.76 -14.32
CA ILE E 195 18.82 34.25 -13.09
C ILE E 195 19.82 34.99 -12.17
N TRP E 196 20.99 34.42 -11.92
CA TRP E 196 21.94 34.95 -10.87
C TRP E 196 22.11 36.47 -11.02
N PRO E 197 22.45 37.00 -12.21
CA PRO E 197 22.80 38.42 -12.33
C PRO E 197 21.63 39.42 -12.25
N LEU E 198 20.38 38.95 -12.37
CA LEU E 198 19.17 39.81 -12.33
C LEU E 198 18.70 40.02 -10.88
N CYS E 199 19.02 39.09 -9.98
CA CYS E 199 18.49 39.00 -8.59
C CYS E 199 19.20 39.99 -7.66
N ASP E 200 18.41 40.70 -6.84
CA ASP E 200 18.86 41.44 -5.62
C ASP E 200 18.57 40.56 -4.40
N PHE E 201 17.63 39.64 -4.54
CA PHE E 201 17.23 38.66 -3.51
C PHE E 201 16.98 37.31 -4.15
N ILE E 202 17.40 36.24 -3.49
CA ILE E 202 17.17 34.83 -3.92
C ILE E 202 16.69 34.06 -2.69
N THR E 203 15.59 33.33 -2.80
CA THR E 203 15.16 32.30 -1.81
C THR E 203 15.07 30.94 -2.53
N VAL E 204 15.21 29.85 -1.79
CA VAL E 204 15.22 28.46 -2.33
C VAL E 204 14.11 27.66 -1.64
N HIS E 205 13.31 26.90 -2.40
CA HIS E 205 12.15 26.09 -1.93
C HIS E 205 12.11 24.77 -2.67
N THR E 206 13.18 23.99 -2.58
CA THR E 206 13.33 22.65 -3.21
C THR E 206 13.59 21.62 -2.14
N PRO E 207 13.30 20.33 -2.38
CA PRO E 207 13.71 19.26 -1.46
C PRO E 207 15.23 19.08 -1.62
N LEU E 208 15.89 18.48 -0.63
CA LEU E 208 17.35 18.24 -0.72
C LEU E 208 17.58 17.00 -1.61
N LEU E 209 18.07 17.23 -2.84
CA LEU E 209 18.41 16.19 -3.82
C LEU E 209 19.83 16.42 -4.31
N PRO E 210 20.41 15.44 -5.04
CA PRO E 210 21.70 15.65 -5.71
C PRO E 210 21.63 16.77 -6.76
N SER E 211 20.48 16.93 -7.45
CA SER E 211 20.25 17.98 -8.48
C SER E 211 20.21 19.37 -7.85
N THR E 212 20.07 19.43 -6.52
CA THR E 212 19.77 20.64 -5.72
C THR E 212 20.93 20.97 -4.76
N THR E 213 21.59 19.93 -4.20
CA THR E 213 22.72 20.10 -3.24
C THR E 213 23.70 21.15 -3.79
N GLY E 214 24.12 22.09 -2.95
CA GLY E 214 25.12 23.13 -3.30
C GLY E 214 24.68 23.98 -4.49
N LEU E 215 23.37 24.18 -4.66
CA LEU E 215 22.80 24.96 -5.78
C LEU E 215 23.43 26.35 -5.82
N LEU E 216 23.58 26.95 -4.65
CA LEU E 216 24.44 28.13 -4.45
C LEU E 216 25.78 27.64 -3.88
N ASN E 217 26.83 27.92 -4.64
CA ASN E 217 28.23 27.45 -4.45
C ASN E 217 29.14 28.60 -4.88
N ASP E 218 30.45 28.45 -4.70
CA ASP E 218 31.43 29.53 -5.02
C ASP E 218 31.14 30.07 -6.43
N ASN E 219 30.66 29.22 -7.35
CA ASN E 219 30.59 29.49 -8.81
C ASN E 219 29.35 30.31 -9.16
N THR E 220 28.16 29.87 -8.70
CA THR E 220 26.88 30.61 -8.83
C THR E 220 26.99 31.96 -8.13
N PHE E 221 27.35 31.97 -6.84
CA PHE E 221 27.55 33.20 -6.02
C PHE E 221 28.33 34.26 -6.81
N ALA E 222 29.33 33.85 -7.60
CA ALA E 222 30.18 34.77 -8.39
C ALA E 222 29.40 35.34 -9.58
N GLN E 223 28.38 34.64 -10.10
CA GLN E 223 27.56 35.11 -11.25
C GLN E 223 26.44 36.04 -10.78
N CYS E 224 26.18 36.08 -9.46
CA CYS E 224 25.16 36.93 -8.79
C CYS E 224 25.57 38.41 -8.81
N LYS E 225 24.59 39.32 -8.72
CA LYS E 225 24.79 40.78 -8.46
C LYS E 225 25.63 40.96 -7.20
N LYS E 226 26.60 41.87 -7.21
CA LYS E 226 27.38 42.24 -5.98
C LYS E 226 26.39 42.76 -4.94
N GLY E 227 26.28 42.07 -3.79
CA GLY E 227 25.39 42.45 -2.67
C GLY E 227 24.02 41.80 -2.76
N VAL E 228 23.90 40.70 -3.50
CA VAL E 228 22.68 39.84 -3.50
C VAL E 228 22.45 39.43 -2.06
N ARG E 229 21.21 39.06 -1.70
CA ARG E 229 20.84 38.56 -0.35
C ARG E 229 20.01 37.28 -0.49
N VAL E 230 20.17 36.33 0.43
CA VAL E 230 19.77 34.91 0.22
C VAL E 230 19.00 34.39 1.43
N VAL E 231 17.96 33.60 1.20
CA VAL E 231 17.09 33.00 2.26
C VAL E 231 17.00 31.49 2.03
N ASN E 232 17.50 30.68 2.94
CA ASN E 232 17.26 29.21 2.97
C ASN E 232 16.30 28.90 4.12
N CYS E 233 15.03 28.62 3.81
CA CYS E 233 14.00 28.14 4.77
C CYS E 233 13.50 26.74 4.37
N ALA E 234 14.21 26.09 3.44
CA ALA E 234 13.82 24.79 2.85
C ALA E 234 14.60 23.65 3.51
N ARG E 235 15.81 23.36 3.00
CA ARG E 235 16.66 22.27 3.52
C ARG E 235 18.11 22.76 3.62
N GLY E 236 18.82 22.29 4.64
CA GLY E 236 20.24 22.59 4.86
C GLY E 236 21.11 22.08 3.74
N GLY E 237 21.89 22.98 3.12
CA GLY E 237 22.91 22.62 2.12
C GLY E 237 22.46 22.89 0.69
N ILE E 238 21.19 23.19 0.46
CA ILE E 238 20.74 23.67 -0.89
C ILE E 238 21.65 24.87 -1.21
N VAL E 239 21.85 25.74 -0.23
CA VAL E 239 22.93 26.78 -0.24
C VAL E 239 24.11 26.18 0.52
N ASP E 240 25.22 25.99 -0.19
CA ASP E 240 26.50 25.48 0.37
C ASP E 240 26.92 26.43 1.48
N GLU E 241 26.91 25.93 2.71
CA GLU E 241 27.20 26.71 3.95
C GLU E 241 28.58 27.37 3.80
N GLY E 242 29.64 26.57 3.64
CA GLY E 242 31.00 27.07 3.39
C GLY E 242 31.03 28.18 2.35
N ALA E 243 30.30 28.02 1.24
CA ALA E 243 30.37 28.91 0.06
C ALA E 243 29.84 30.29 0.43
N LEU E 244 28.63 30.33 1.01
CA LEU E 244 27.97 31.52 1.56
C LEU E 244 28.92 32.30 2.48
N LEU E 245 29.47 31.64 3.51
CA LEU E 245 30.43 32.24 4.48
C LEU E 245 31.42 33.16 3.76
N ARG E 246 32.02 32.68 2.66
CA ARG E 246 33.08 33.42 1.93
C ARG E 246 32.42 34.55 1.12
N ALA E 247 31.17 34.39 0.71
CA ALA E 247 30.40 35.40 -0.09
C ALA E 247 30.05 36.59 0.80
N LEU E 248 29.75 36.33 2.07
CA LEU E 248 29.49 37.37 3.08
C LEU E 248 30.79 38.12 3.38
N GLN E 249 31.91 37.37 3.48
CA GLN E 249 33.24 37.91 3.91
C GLN E 249 33.79 38.80 2.79
N SER E 250 33.52 38.44 1.54
CA SER E 250 33.97 39.18 0.32
C SER E 250 33.07 40.39 0.09
N GLY E 251 31.79 40.28 0.48
CA GLY E 251 30.75 41.28 0.18
C GLY E 251 29.97 40.95 -1.08
N GLN E 252 30.34 39.87 -1.79
CA GLN E 252 29.54 39.37 -2.93
C GLN E 252 28.10 39.14 -2.43
N CYS E 253 27.95 38.62 -1.22
CA CYS E 253 26.64 38.51 -0.49
C CYS E 253 26.54 39.57 0.60
N ALA E 254 25.50 40.42 0.52
CA ALA E 254 25.25 41.55 1.45
C ALA E 254 24.65 41.05 2.77
N GLY E 255 23.91 39.94 2.75
CA GLY E 255 23.39 39.31 3.97
C GLY E 255 22.58 38.07 3.64
N ALA E 256 22.28 37.25 4.65
CA ALA E 256 21.65 35.92 4.46
C ALA E 256 20.77 35.56 5.67
N ALA E 257 19.71 34.80 5.41
CA ALA E 257 18.72 34.32 6.40
C ALA E 257 18.61 32.79 6.32
N LEU E 258 18.82 32.07 7.43
CA LEU E 258 18.87 30.60 7.44
C LEU E 258 17.95 30.04 8.53
N ASP E 259 16.99 29.18 8.16
CA ASP E 259 16.13 28.42 9.11
C ASP E 259 16.62 26.97 9.19
N VAL E 260 17.54 26.56 8.30
CA VAL E 260 17.92 25.12 8.12
C VAL E 260 19.43 24.98 7.93
N PHE E 261 20.00 23.93 8.49
CA PHE E 261 21.46 23.69 8.53
C PHE E 261 21.77 22.24 8.13
N THR E 262 22.99 21.99 7.66
CA THR E 262 23.55 20.65 7.29
C THR E 262 23.50 19.72 8.50
N GLU E 263 24.07 20.17 9.63
CA GLU E 263 23.90 19.52 10.96
C GLU E 263 22.84 20.29 11.73
N GLU E 264 21.82 19.60 12.28
CA GLU E 264 20.71 20.21 13.06
C GLU E 264 20.62 19.51 14.41
N PRO E 265 21.07 20.14 15.53
CA PRO E 265 21.60 21.52 15.56
C PRO E 265 23.05 21.65 15.08
N PRO E 266 23.46 22.85 14.60
CA PRO E 266 24.72 23.02 13.91
C PRO E 266 25.96 23.13 14.79
N ARG E 267 26.99 22.35 14.47
CA ARG E 267 28.31 22.41 15.14
C ARG E 267 29.12 23.55 14.52
N ASP E 268 29.10 23.68 13.20
CA ASP E 268 29.85 24.76 12.50
C ASP E 268 29.11 26.08 12.78
N ARG E 269 29.50 26.79 13.84
CA ARG E 269 28.84 28.05 14.26
C ARG E 269 29.63 29.25 13.69
N ALA E 270 30.03 29.16 12.43
CA ALA E 270 30.77 30.24 11.72
C ALA E 270 29.78 31.25 11.13
N LEU E 271 28.71 30.74 10.53
CA LEU E 271 27.67 31.53 9.79
C LEU E 271 26.79 32.27 10.79
N VAL E 272 26.00 31.54 11.58
CA VAL E 272 25.08 32.10 12.61
C VAL E 272 25.76 33.35 13.18
N ASP E 273 27.01 33.21 13.63
CA ASP E 273 27.78 34.24 14.40
C ASP E 273 28.10 35.47 13.52
N HIS E 274 28.14 35.35 12.17
CA HIS E 274 28.42 36.48 11.25
C HIS E 274 27.38 37.58 11.42
N GLU E 275 27.75 38.85 11.29
CA GLU E 275 26.88 39.99 11.72
C GLU E 275 25.73 40.21 10.73
N ASN E 276 25.84 39.68 9.50
CA ASN E 276 24.80 39.83 8.43
C ASN E 276 24.06 38.52 8.23
N VAL E 277 24.02 37.64 9.23
CA VAL E 277 23.23 36.39 9.18
C VAL E 277 22.08 36.45 10.20
N ILE E 278 20.86 36.49 9.68
CA ILE E 278 19.60 36.21 10.43
C ILE E 278 19.44 34.69 10.50
N SER E 279 19.08 34.15 11.68
CA SER E 279 19.04 32.69 11.95
C SER E 279 17.82 32.34 12.80
N CYS E 280 17.35 31.09 12.69
CA CYS E 280 16.26 30.50 13.52
C CYS E 280 16.48 29.01 13.71
N PRO E 281 16.27 28.49 14.94
CA PRO E 281 16.27 27.05 15.19
C PRO E 281 15.12 26.27 14.53
N HIS E 282 15.07 26.28 13.19
CA HIS E 282 14.14 25.48 12.35
C HIS E 282 12.69 25.69 12.81
N LEU E 283 12.13 26.89 12.55
CA LEU E 283 10.78 27.35 13.01
C LEU E 283 9.79 27.39 11.84
N GLY E 284 10.15 26.90 10.66
CA GLY E 284 9.29 26.92 9.47
C GLY E 284 7.93 26.29 9.71
N ALA E 285 7.85 25.27 10.57
CA ALA E 285 6.60 24.57 10.94
C ALA E 285 6.28 24.79 12.42
N SER E 286 6.92 25.81 13.05
CA SER E 286 6.77 26.12 14.50
C SER E 286 5.60 27.09 14.72
N THR E 287 4.37 26.60 14.53
CA THR E 287 3.10 27.32 14.70
C THR E 287 1.99 26.31 15.09
N LYS E 288 1.25 26.63 16.17
CA LYS E 288 0.07 25.85 16.63
C LYS E 288 -0.80 25.55 15.41
N GLU E 289 -0.99 26.55 14.55
CA GLU E 289 -1.88 26.49 13.36
C GLU E 289 -1.47 25.29 12.49
N ALA E 290 -0.18 25.18 12.13
CA ALA E 290 0.34 24.16 11.17
C ALA E 290 0.31 22.77 11.79
N GLN E 291 0.98 22.59 12.93
CA GLN E 291 1.19 21.26 13.54
C GLN E 291 -0.15 20.57 13.79
N SER E 292 -1.22 21.34 13.99
CA SER E 292 -2.61 20.81 14.14
C SER E 292 -3.08 20.27 12.79
N ARG E 293 -2.84 21.04 11.72
CA ARG E 293 -3.27 20.68 10.33
C ARG E 293 -2.51 19.43 9.88
N CYS E 294 -1.19 19.39 10.12
CA CYS E 294 -0.32 18.19 9.92
C CYS E 294 -0.89 17.05 10.75
N GLY E 295 -0.75 17.12 12.08
CA GLY E 295 -1.27 16.13 13.05
C GLY E 295 -2.64 15.61 12.70
N GLU E 296 -3.52 16.47 12.16
CA GLU E 296 -4.90 16.12 11.74
C GLU E 296 -4.81 15.28 10.45
N GLU E 297 -4.05 15.78 9.48
CA GLU E 297 -3.97 15.24 8.09
C GLU E 297 -3.30 13.86 8.09
N ILE E 298 -2.41 13.59 9.05
CA ILE E 298 -1.66 12.30 9.18
C ILE E 298 -2.58 11.25 9.83
N ALA E 299 -3.24 11.61 10.93
CA ALA E 299 -4.14 10.73 11.70
C ALA E 299 -5.31 10.28 10.82
N VAL E 300 -5.77 11.16 9.93
CA VAL E 300 -6.80 10.86 8.88
C VAL E 300 -6.28 9.68 8.06
N GLN E 301 -5.11 9.84 7.43
CA GLN E 301 -4.48 8.85 6.50
C GLN E 301 -4.41 7.47 7.15
N PHE E 302 -4.06 7.40 8.45
CA PHE E 302 -3.99 6.13 9.24
C PHE E 302 -5.38 5.49 9.32
N VAL E 303 -6.38 6.26 9.77
CA VAL E 303 -7.77 5.78 9.97
C VAL E 303 -8.39 5.46 8.60
N ASP E 304 -8.14 6.28 7.58
CA ASP E 304 -8.66 6.12 6.20
C ASP E 304 -8.46 4.68 5.71
N MET E 305 -7.29 4.08 5.99
CA MET E 305 -6.88 2.76 5.43
C MET E 305 -7.30 1.62 6.36
N VAL E 306 -7.88 1.94 7.53
CA VAL E 306 -8.53 0.95 8.45
C VAL E 306 -9.98 0.71 7.98
N LYS E 307 -10.39 1.44 6.94
CA LYS E 307 -11.64 1.21 6.15
C LYS E 307 -12.84 1.61 7.01
N VAL F 8 -25.25 24.06 33.19
CA VAL F 8 -26.36 23.07 33.36
C VAL F 8 -26.02 22.13 34.52
N LEU F 9 -27.04 21.49 35.10
CA LEU F 9 -26.89 20.47 36.17
C LEU F 9 -27.74 19.26 35.80
N ILE F 10 -27.13 18.07 35.70
CA ILE F 10 -27.86 16.77 35.54
C ILE F 10 -28.00 16.16 36.92
N SER F 11 -29.24 16.04 37.42
CA SER F 11 -29.52 15.73 38.85
C SER F 11 -29.81 14.23 39.04
N ASP F 12 -29.86 13.45 37.97
CA ASP F 12 -30.22 12.01 38.03
C ASP F 12 -29.22 11.14 37.27
N SER F 13 -29.24 9.83 37.54
CA SER F 13 -28.55 8.78 36.74
C SER F 13 -29.05 8.90 35.30
N LEU F 14 -28.25 9.54 34.43
CA LEU F 14 -28.54 9.71 32.99
C LEU F 14 -27.34 9.17 32.19
N ASP F 15 -27.61 8.57 31.02
CA ASP F 15 -26.59 8.03 30.09
C ASP F 15 -25.42 9.01 29.99
N PRO F 16 -24.16 8.54 30.07
CA PRO F 16 -23.00 9.41 29.92
C PRO F 16 -23.09 10.41 28.76
N CYS F 17 -23.65 9.98 27.62
CA CYS F 17 -23.63 10.73 26.33
C CYS F 17 -24.31 12.09 26.44
N CYS F 18 -25.22 12.27 27.42
CA CYS F 18 -25.88 13.57 27.72
C CYS F 18 -24.78 14.59 28.07
N ARG F 19 -24.12 14.41 29.21
CA ARG F 19 -23.03 15.32 29.68
C ARG F 19 -22.08 15.61 28.52
N LYS F 20 -21.72 14.59 27.75
CA LYS F 20 -20.78 14.72 26.59
C LYS F 20 -21.32 15.79 25.65
N ILE F 21 -22.48 15.54 25.01
CA ILE F 21 -23.05 16.39 23.92
C ILE F 21 -23.23 17.83 24.43
N LEU F 22 -23.52 18.01 25.73
CA LEU F 22 -23.65 19.34 26.39
C LEU F 22 -22.30 20.07 26.33
N GLN F 23 -21.26 19.51 26.95
CA GLN F 23 -19.88 20.07 26.95
C GLN F 23 -19.41 20.22 25.49
N ASP F 24 -19.66 19.18 24.68
CA ASP F 24 -19.46 19.14 23.20
C ASP F 24 -20.07 20.39 22.56
N GLY F 25 -21.28 20.76 22.98
CA GLY F 25 -21.99 21.98 22.53
C GLY F 25 -21.29 23.25 23.00
N GLY F 26 -20.79 23.25 24.24
CA GLY F 26 -19.88 24.29 24.77
C GLY F 26 -20.44 24.99 26.00
N LEU F 27 -20.77 24.23 27.06
CA LEU F 27 -21.24 24.77 28.37
C LEU F 27 -20.90 23.80 29.50
N GLN F 28 -20.57 24.35 30.68
CA GLN F 28 -20.22 23.59 31.92
C GLN F 28 -21.37 22.64 32.27
N VAL F 29 -21.06 21.54 32.97
CA VAL F 29 -22.05 20.50 33.42
C VAL F 29 -21.64 20.04 34.82
N VAL F 30 -22.59 19.48 35.58
CA VAL F 30 -22.37 18.94 36.96
C VAL F 30 -23.21 17.66 37.12
N GLU F 31 -22.61 16.49 36.86
CA GLU F 31 -23.29 15.18 37.08
C GLU F 31 -23.31 14.90 38.59
N LYS F 32 -24.50 15.00 39.19
CA LYS F 32 -24.79 14.61 40.59
C LYS F 32 -25.95 13.62 40.60
N GLN F 33 -26.26 13.02 41.74
CA GLN F 33 -27.23 11.89 41.86
C GLN F 33 -27.88 11.87 43.25
N ASN F 34 -29.08 11.29 43.35
CA ASN F 34 -29.88 11.10 44.59
C ASN F 34 -29.72 12.29 45.55
N LEU F 35 -29.71 13.52 45.02
CA LEU F 35 -29.51 14.76 45.83
C LEU F 35 -30.74 15.01 46.69
N SER F 36 -30.53 15.61 47.88
CA SER F 36 -31.60 16.04 48.81
C SER F 36 -32.10 17.43 48.39
N LYS F 37 -33.32 17.79 48.80
CA LYS F 37 -34.03 19.01 48.34
C LYS F 37 -33.14 20.25 48.56
N GLU F 38 -32.67 20.46 49.81
CA GLU F 38 -31.80 21.62 50.17
C GLU F 38 -30.45 21.52 49.46
N GLU F 39 -29.92 20.30 49.28
CA GLU F 39 -28.64 20.01 48.58
C GLU F 39 -28.80 20.41 47.10
N LEU F 40 -29.96 20.13 46.51
CA LEU F 40 -30.32 20.48 45.11
C LEU F 40 -30.31 22.01 44.96
N ILE F 41 -31.15 22.71 45.74
CA ILE F 41 -31.34 24.20 45.67
C ILE F 41 -29.98 24.88 45.71
N ALA F 42 -29.15 24.53 46.70
CA ALA F 42 -27.79 25.10 46.94
C ALA F 42 -26.92 24.93 45.70
N GLU F 43 -26.93 23.72 45.10
CA GLU F 43 -26.17 23.37 43.87
C GLU F 43 -26.69 24.18 42.68
N LEU F 44 -28.02 24.43 42.64
CA LEU F 44 -28.73 25.07 41.50
C LEU F 44 -28.42 26.59 41.42
N GLN F 45 -27.88 27.19 42.49
CA GLN F 45 -27.92 28.67 42.73
C GLN F 45 -27.08 29.45 41.70
N ASP F 46 -26.34 28.78 40.82
CA ASP F 46 -25.60 29.44 39.70
C ASP F 46 -25.66 28.59 38.42
N CYS F 47 -26.72 27.79 38.27
CA CYS F 47 -26.99 26.95 37.07
C CYS F 47 -28.18 27.52 36.31
N GLU F 48 -27.99 27.84 35.04
CA GLU F 48 -29.06 28.37 34.13
C GLU F 48 -30.01 27.23 33.73
N GLY F 49 -29.49 26.02 33.54
CA GLY F 49 -30.28 24.83 33.12
C GLY F 49 -30.32 23.76 34.20
N LEU F 50 -31.33 22.89 34.15
CA LEU F 50 -31.44 21.66 34.97
C LEU F 50 -32.05 20.56 34.11
N ILE F 51 -31.42 19.38 34.05
CA ILE F 51 -31.97 18.18 33.37
C ILE F 51 -32.27 17.13 34.45
N VAL F 52 -33.40 16.44 34.33
CA VAL F 52 -33.87 15.46 35.35
C VAL F 52 -34.45 14.24 34.64
N ARG F 53 -34.49 13.13 35.38
CA ARG F 53 -35.13 11.83 35.04
C ARG F 53 -36.51 11.86 35.73
N SER F 54 -36.93 10.76 36.37
CA SER F 54 -38.18 10.63 37.14
C SER F 54 -37.90 10.77 38.63
N ALA F 55 -36.65 10.62 39.07
CA ALA F 55 -36.25 10.63 40.50
C ALA F 55 -36.45 12.03 41.07
N THR F 56 -35.67 13.01 40.60
CA THR F 56 -35.73 14.42 41.01
C THR F 56 -37.16 14.92 40.82
N LYS F 57 -37.70 15.61 41.84
CA LYS F 57 -39.02 16.30 41.80
C LYS F 57 -38.77 17.81 41.84
N VAL F 58 -39.09 18.51 40.75
CA VAL F 58 -38.92 19.99 40.61
C VAL F 58 -40.16 20.68 41.19
N THR F 59 -40.23 20.75 42.53
CA THR F 59 -41.39 21.24 43.32
C THR F 59 -41.54 22.75 43.13
N ALA F 60 -42.62 23.31 43.68
CA ALA F 60 -42.87 24.77 43.79
C ALA F 60 -41.65 25.46 44.41
N ASP F 61 -41.21 24.94 45.56
CA ASP F 61 -40.15 25.51 46.45
C ASP F 61 -38.83 25.64 45.67
N VAL F 62 -38.44 24.58 44.97
CA VAL F 62 -37.14 24.45 44.24
C VAL F 62 -37.04 25.57 43.20
N ILE F 63 -38.07 25.73 42.37
CA ILE F 63 -38.09 26.70 41.23
C ILE F 63 -37.89 28.12 41.78
N ASN F 64 -38.48 28.42 42.95
CA ASN F 64 -38.53 29.78 43.53
C ASN F 64 -37.25 30.07 44.33
N ALA F 65 -36.46 29.04 44.65
CA ALA F 65 -35.15 29.18 45.35
C ALA F 65 -34.02 29.25 44.32
N ALA F 66 -34.36 29.10 43.03
CA ALA F 66 -33.40 29.03 41.90
C ALA F 66 -33.48 30.31 41.07
N GLU F 67 -32.87 31.38 41.56
CA GLU F 67 -33.02 32.77 41.01
C GLU F 67 -32.56 32.82 39.54
N LYS F 68 -31.71 31.88 39.09
CA LYS F 68 -31.07 31.95 37.74
C LYS F 68 -31.66 30.91 36.78
N LEU F 69 -32.54 30.02 37.26
CA LEU F 69 -33.06 28.86 36.49
C LEU F 69 -33.92 29.33 35.31
N GLN F 70 -33.38 29.23 34.09
CA GLN F 70 -34.04 29.67 32.83
C GLN F 70 -34.81 28.50 32.19
N VAL F 71 -34.37 27.25 32.37
CA VAL F 71 -34.91 26.08 31.60
C VAL F 71 -34.77 24.78 32.41
N VAL F 72 -35.75 23.89 32.29
CA VAL F 72 -35.81 22.57 32.97
C VAL F 72 -36.13 21.51 31.92
N GLY F 73 -35.13 20.70 31.56
CA GLY F 73 -35.26 19.57 30.62
C GLY F 73 -35.60 18.28 31.35
N ARG F 74 -36.33 17.39 30.70
CA ARG F 74 -36.63 16.04 31.22
C ARG F 74 -36.26 15.01 30.17
N ALA F 75 -35.37 14.08 30.52
CA ALA F 75 -34.96 12.94 29.67
C ALA F 75 -36.03 11.84 29.74
N GLY F 76 -37.11 12.03 29.00
CA GLY F 76 -38.29 11.15 28.96
C GLY F 76 -39.46 11.81 28.24
N THR F 77 -40.60 11.12 28.17
CA THR F 77 -41.86 11.67 27.62
C THR F 77 -42.80 11.96 28.79
N GLY F 78 -43.29 13.20 28.87
CA GLY F 78 -44.12 13.66 29.99
C GLY F 78 -43.26 14.24 31.10
N VAL F 79 -43.86 15.06 31.94
CA VAL F 79 -43.16 15.94 32.93
C VAL F 79 -43.95 15.96 34.24
N ASP F 80 -44.52 14.81 34.62
CA ASP F 80 -45.43 14.66 35.81
C ASP F 80 -44.62 14.82 37.10
N ASN F 81 -43.37 15.30 37.02
CA ASN F 81 -42.48 15.52 38.20
C ASN F 81 -41.95 16.97 38.18
N VAL F 82 -42.58 17.85 37.39
CA VAL F 82 -42.26 19.31 37.34
C VAL F 82 -43.56 20.10 37.52
N ASP F 83 -43.60 20.96 38.54
CA ASP F 83 -44.72 21.91 38.81
C ASP F 83 -44.79 22.88 37.62
N LEU F 84 -45.76 22.66 36.71
CA LEU F 84 -45.94 23.48 35.49
C LEU F 84 -46.51 24.86 35.87
N GLU F 85 -47.44 24.91 36.84
CA GLU F 85 -48.01 26.18 37.38
C GLU F 85 -46.84 27.05 37.86
N ALA F 86 -46.01 26.54 38.77
CA ALA F 86 -44.84 27.26 39.33
C ALA F 86 -43.86 27.59 38.20
N ALA F 87 -43.74 26.72 37.19
CA ALA F 87 -42.81 26.87 36.04
C ALA F 87 -43.22 28.08 35.19
N THR F 88 -44.44 28.08 34.65
CA THR F 88 -44.97 29.17 33.78
C THR F 88 -44.95 30.52 34.53
N ARG F 89 -45.06 30.51 35.87
CA ARG F 89 -45.07 31.75 36.72
C ARG F 89 -43.74 32.51 36.55
N LYS F 90 -42.61 31.81 36.62
CA LYS F 90 -41.25 32.44 36.53
C LYS F 90 -40.77 32.47 35.07
N GLY F 91 -41.67 32.27 34.10
CA GLY F 91 -41.40 32.32 32.64
C GLY F 91 -40.43 31.24 32.18
N ILE F 92 -40.22 30.19 32.98
CA ILE F 92 -39.24 29.09 32.75
C ILE F 92 -39.75 28.22 31.59
N LEU F 93 -38.82 27.70 30.80
CA LEU F 93 -39.05 26.72 29.71
C LEU F 93 -38.98 25.31 30.30
N VAL F 94 -39.88 24.43 29.87
CA VAL F 94 -39.85 22.98 30.23
C VAL F 94 -39.77 22.17 28.94
N MET F 95 -38.70 21.39 28.78
CA MET F 95 -38.37 20.61 27.55
C MET F 95 -38.44 19.11 27.87
N ASN F 96 -38.75 18.33 26.84
CA ASN F 96 -39.02 16.89 26.96
C ASN F 96 -38.46 16.22 25.70
N THR F 97 -38.61 14.89 25.62
CA THR F 97 -38.04 14.02 24.56
C THR F 97 -39.11 13.00 24.21
N PRO F 98 -40.14 13.45 23.45
CA PRO F 98 -41.33 12.63 23.19
C PRO F 98 -41.06 11.40 22.30
N ASN F 99 -40.09 11.51 21.39
CA ASN F 99 -39.71 10.44 20.43
C ASN F 99 -38.94 9.33 21.17
N GLY F 100 -37.74 9.64 21.67
CA GLY F 100 -36.72 8.63 22.03
C GLY F 100 -37.08 7.80 23.23
N ASN F 101 -38.14 7.00 23.17
CA ASN F 101 -38.71 6.27 24.34
C ASN F 101 -39.85 5.36 23.92
N SER F 102 -40.71 5.86 23.02
CA SER F 102 -41.86 5.16 22.41
C SER F 102 -41.55 3.66 22.26
N LEU F 103 -40.55 3.30 21.47
CA LEU F 103 -40.31 1.89 21.09
C LEU F 103 -40.16 1.01 22.34
N SER F 104 -39.31 1.41 23.28
CA SER F 104 -39.01 0.59 24.47
C SER F 104 -40.32 0.29 25.22
N ALA F 105 -41.17 1.31 25.41
CA ALA F 105 -42.50 1.18 26.06
C ALA F 105 -43.43 0.23 25.28
N ALA F 106 -43.43 0.32 23.95
CA ALA F 106 -44.28 -0.49 23.04
C ALA F 106 -43.94 -1.96 23.22
N GLU F 107 -42.65 -2.26 23.36
CA GLU F 107 -42.17 -3.66 23.44
C GLU F 107 -42.62 -4.24 24.77
N LEU F 108 -42.20 -3.63 25.89
CA LEU F 108 -42.65 -4.08 27.23
C LEU F 108 -44.17 -4.35 27.21
N THR F 109 -44.97 -3.52 26.51
CA THR F 109 -46.45 -3.65 26.44
C THR F 109 -46.82 -5.01 25.83
N CYS F 110 -46.27 -5.30 24.64
CA CYS F 110 -46.47 -6.58 23.90
C CYS F 110 -45.96 -7.75 24.75
N GLY F 111 -44.80 -7.57 25.39
CA GLY F 111 -44.36 -8.51 26.44
C GLY F 111 -45.54 -8.87 27.32
N MET F 112 -46.10 -7.86 28.00
CA MET F 112 -47.20 -8.00 28.98
C MET F 112 -48.33 -8.81 28.36
N ILE F 113 -48.77 -8.43 27.17
CA ILE F 113 -49.95 -9.08 26.52
C ILE F 113 -49.65 -10.58 26.40
N MET F 114 -48.52 -10.95 25.78
CA MET F 114 -48.07 -12.37 25.68
C MET F 114 -48.01 -12.96 27.10
N CYS F 115 -47.23 -12.35 27.99
CA CYS F 115 -47.09 -12.80 29.40
C CYS F 115 -48.47 -13.05 30.00
N LEU F 116 -49.48 -12.22 29.71
CA LEU F 116 -50.86 -12.36 30.25
C LEU F 116 -51.56 -13.56 29.61
N ALA F 117 -51.41 -13.71 28.29
CA ALA F 117 -52.05 -14.77 27.48
C ALA F 117 -51.59 -16.15 27.97
N ARG F 118 -50.35 -16.28 28.46
CA ARG F 118 -49.71 -17.59 28.74
C ARG F 118 -49.22 -17.73 30.17
N GLN F 119 -49.21 -16.64 30.94
CA GLN F 119 -48.91 -16.65 32.40
C GLN F 119 -47.45 -17.02 32.59
N ILE F 120 -46.60 -16.62 31.65
CA ILE F 120 -45.15 -16.98 31.65
C ILE F 120 -44.57 -16.62 33.02
N PRO F 121 -44.77 -15.39 33.57
CA PRO F 121 -44.15 -15.03 34.84
C PRO F 121 -44.63 -15.91 36.00
N GLN F 122 -45.90 -16.31 35.97
CA GLN F 122 -46.57 -17.16 36.98
C GLN F 122 -45.96 -18.56 36.94
N ALA F 123 -45.78 -19.10 35.74
CA ALA F 123 -45.21 -20.45 35.48
C ALA F 123 -43.75 -20.49 35.93
N THR F 124 -42.96 -19.46 35.63
CA THR F 124 -41.55 -19.35 36.09
C THR F 124 -41.51 -19.36 37.62
N ALA F 125 -42.23 -18.44 38.28
CA ALA F 125 -42.24 -18.33 39.75
C ALA F 125 -42.66 -19.68 40.36
N SER F 126 -43.57 -20.41 39.69
CA SER F 126 -44.04 -21.77 40.08
C SER F 126 -42.93 -22.80 39.90
N MET F 127 -42.48 -23.02 38.66
CA MET F 127 -41.31 -23.89 38.36
C MET F 127 -40.17 -23.55 39.32
N LYS F 128 -39.79 -22.28 39.44
CA LYS F 128 -38.66 -21.82 40.31
C LYS F 128 -38.86 -22.30 41.76
N ASP F 129 -40.11 -22.49 42.20
CA ASP F 129 -40.46 -22.97 43.56
C ASP F 129 -40.50 -24.51 43.57
N GLY F 130 -40.30 -25.13 42.40
CA GLY F 130 -40.13 -26.59 42.22
C GLY F 130 -41.44 -27.28 41.95
N LYS F 131 -42.36 -26.64 41.23
CA LYS F 131 -43.75 -27.12 41.00
C LYS F 131 -44.00 -27.35 39.50
N TRP F 132 -44.71 -28.43 39.20
CA TRP F 132 -45.18 -28.86 37.85
C TRP F 132 -46.71 -28.78 37.83
N GLU F 133 -47.23 -27.55 37.63
CA GLU F 133 -48.66 -27.18 37.69
C GLU F 133 -49.21 -27.03 36.25
N ARG F 134 -49.52 -28.16 35.63
CA ARG F 134 -49.86 -28.28 34.19
C ARG F 134 -51.38 -28.12 34.01
N LYS F 135 -52.14 -28.53 35.04
CA LYS F 135 -53.62 -28.41 35.07
C LYS F 135 -53.97 -26.93 35.14
N LYS F 136 -53.14 -26.14 35.80
CA LYS F 136 -53.34 -24.69 36.06
C LYS F 136 -53.12 -23.90 34.75
N PHE F 137 -51.88 -23.86 34.22
CA PHE F 137 -51.38 -22.72 33.39
C PHE F 137 -51.87 -22.76 31.94
N MET F 138 -53.08 -23.27 31.67
CA MET F 138 -53.68 -23.24 30.31
C MET F 138 -53.94 -21.77 29.91
N GLY F 139 -53.33 -21.32 28.81
CA GLY F 139 -53.36 -19.92 28.34
C GLY F 139 -54.18 -19.75 27.08
N THR F 140 -53.93 -18.69 26.31
CA THR F 140 -54.73 -18.27 25.13
C THR F 140 -53.83 -18.11 23.88
N GLU F 141 -54.39 -18.50 22.74
CA GLU F 141 -53.83 -18.20 21.39
C GLU F 141 -54.27 -16.77 21.01
N LEU F 142 -53.32 -15.86 20.81
CA LEU F 142 -53.59 -14.46 20.40
C LEU F 142 -54.24 -14.42 19.02
N ASN F 143 -53.89 -15.36 18.13
CA ASN F 143 -54.42 -15.36 16.74
C ASN F 143 -55.94 -15.17 16.82
N GLY F 144 -56.47 -14.17 16.10
CA GLY F 144 -57.93 -14.02 15.86
C GLY F 144 -58.64 -13.40 17.05
N LYS F 145 -57.93 -13.08 18.14
CA LYS F 145 -58.47 -12.38 19.33
C LYS F 145 -58.52 -10.89 19.03
N THR F 146 -59.21 -10.11 19.87
CA THR F 146 -59.42 -8.65 19.70
C THR F 146 -58.69 -7.89 20.81
N LEU F 147 -57.75 -7.03 20.42
CA LEU F 147 -57.02 -6.10 21.30
C LEU F 147 -57.61 -4.69 21.10
N GLY F 148 -57.93 -4.02 22.21
CA GLY F 148 -58.38 -2.62 22.27
C GLY F 148 -57.28 -1.68 22.70
N ILE F 149 -56.80 -0.80 21.81
CA ILE F 149 -55.81 0.25 22.14
C ILE F 149 -56.50 1.59 22.38
N LEU F 150 -56.44 2.09 23.61
CA LEU F 150 -56.92 3.44 24.02
C LEU F 150 -55.73 4.40 24.07
N GLY F 151 -55.54 5.19 23.01
CA GLY F 151 -54.45 6.18 22.97
C GLY F 151 -53.51 5.92 21.82
N LEU F 152 -53.98 6.24 20.62
CA LEU F 152 -53.33 6.02 19.32
C LEU F 152 -52.33 7.17 19.09
N GLY F 153 -51.46 7.41 20.08
CA GLY F 153 -50.24 8.22 19.96
C GLY F 153 -49.16 7.47 19.22
N ARG F 154 -47.90 7.73 19.53
CA ARG F 154 -46.77 7.02 18.85
C ARG F 154 -46.69 5.58 19.39
N ILE F 155 -46.51 5.44 20.68
CA ILE F 155 -46.47 4.15 21.45
C ILE F 155 -47.67 3.29 21.04
N GLY F 156 -48.85 3.88 20.94
CA GLY F 156 -50.09 3.13 20.69
C GLY F 156 -50.07 2.46 19.35
N ARG F 157 -49.54 3.14 18.33
CA ARG F 157 -49.50 2.62 16.93
C ARG F 157 -48.37 1.60 16.83
N GLU F 158 -47.27 1.78 17.58
CA GLU F 158 -46.15 0.81 17.55
C GLU F 158 -46.69 -0.51 18.15
N VAL F 159 -47.40 -0.46 19.27
CA VAL F 159 -48.07 -1.63 19.90
C VAL F 159 -49.01 -2.29 18.88
N ALA F 160 -49.75 -1.51 18.09
CA ALA F 160 -50.77 -2.04 17.16
C ALA F 160 -50.10 -2.85 16.01
N THR F 161 -49.09 -2.29 15.35
CA THR F 161 -48.39 -2.90 14.18
C THR F 161 -47.73 -4.22 14.59
N ARG F 162 -47.21 -4.30 15.82
CA ARG F 162 -46.58 -5.53 16.36
C ARG F 162 -47.65 -6.62 16.56
N MET F 163 -48.69 -6.32 17.34
CA MET F 163 -49.73 -7.32 17.71
C MET F 163 -50.61 -7.68 16.51
N GLN F 164 -50.61 -6.85 15.46
CA GLN F 164 -51.21 -7.19 14.15
C GLN F 164 -50.55 -8.46 13.62
N SER F 165 -49.22 -8.52 13.70
CA SER F 165 -48.38 -9.59 13.11
C SER F 165 -48.69 -10.95 13.77
N PHE F 166 -49.26 -10.94 14.99
CA PHE F 166 -49.75 -12.15 15.71
C PHE F 166 -51.18 -12.49 15.29
N GLY F 167 -51.80 -11.65 14.46
CA GLY F 167 -53.13 -11.91 13.87
C GLY F 167 -54.26 -11.49 14.80
N MET F 168 -54.01 -10.46 15.63
CA MET F 168 -55.01 -9.85 16.52
C MET F 168 -55.77 -8.77 15.75
N LYS F 169 -57.06 -8.61 16.03
CA LYS F 169 -57.86 -7.43 15.63
C LYS F 169 -57.49 -6.27 16.56
N THR F 170 -56.96 -5.17 16.01
CA THR F 170 -56.67 -3.92 16.75
C THR F 170 -57.79 -2.94 16.50
N ILE F 171 -58.81 -2.92 17.35
CA ILE F 171 -59.79 -1.82 17.47
C ILE F 171 -59.31 -0.90 18.59
N GLY F 172 -59.55 0.41 18.49
CA GLY F 172 -59.12 1.39 19.50
C GLY F 172 -59.94 2.66 19.48
N TYR F 173 -59.62 3.61 20.36
CA TYR F 173 -60.31 4.90 20.51
C TYR F 173 -59.30 5.99 20.86
N ASP F 174 -59.32 7.10 20.13
CA ASP F 174 -58.54 8.29 20.51
C ASP F 174 -59.22 9.52 19.90
N PRO F 175 -59.58 10.50 20.78
CA PRO F 175 -60.36 11.66 20.36
C PRO F 175 -59.55 12.70 19.56
N ILE F 176 -58.23 12.59 19.53
CA ILE F 176 -57.34 13.52 18.77
C ILE F 176 -57.21 13.01 17.34
N ILE F 177 -56.95 11.72 17.14
CA ILE F 177 -56.59 11.16 15.80
C ILE F 177 -57.87 10.74 15.09
N SER F 178 -57.97 11.07 13.81
CA SER F 178 -59.16 10.83 12.96
C SER F 178 -59.24 9.35 12.62
N PRO F 179 -60.44 8.76 12.51
CA PRO F 179 -60.60 7.41 11.98
C PRO F 179 -59.77 7.13 10.70
N GLU F 180 -59.57 8.16 9.86
CA GLU F 180 -58.83 8.06 8.58
C GLU F 180 -57.34 7.74 8.83
N VAL F 181 -56.75 8.28 9.90
CA VAL F 181 -55.30 8.12 10.22
C VAL F 181 -55.08 6.86 11.06
N SER F 182 -55.98 6.56 12.00
CA SER F 182 -55.92 5.31 12.82
C SER F 182 -55.98 4.10 11.88
N ALA F 183 -56.94 4.11 10.95
CA ALA F 183 -57.16 3.06 9.92
C ALA F 183 -55.85 2.80 9.18
N SER F 184 -55.06 3.85 8.95
CA SER F 184 -53.82 3.84 8.16
C SER F 184 -52.70 3.11 8.90
N PHE F 185 -52.86 2.72 10.15
CA PHE F 185 -51.99 1.71 10.81
C PHE F 185 -52.86 0.62 11.43
N GLY F 186 -53.95 0.29 10.76
CA GLY F 186 -54.69 -0.98 10.91
C GLY F 186 -55.54 -1.02 12.16
N VAL F 187 -55.58 0.08 12.93
CA VAL F 187 -56.52 0.24 14.07
C VAL F 187 -57.82 0.85 13.53
N GLN F 188 -58.92 0.09 13.60
CA GLN F 188 -60.29 0.60 13.32
C GLN F 188 -60.76 1.31 14.59
N GLN F 189 -61.30 2.52 14.46
CA GLN F 189 -61.72 3.35 15.61
C GLN F 189 -63.23 3.17 15.84
N LEU F 190 -63.65 3.09 17.10
CA LEU F 190 -65.07 3.00 17.53
C LEU F 190 -65.28 3.87 18.77
N PRO F 191 -66.53 4.25 19.10
CA PRO F 191 -66.79 4.95 20.35
C PRO F 191 -66.56 3.98 21.51
N LEU F 192 -66.06 4.49 22.64
CA LEU F 192 -65.66 3.69 23.83
C LEU F 192 -66.76 2.69 24.20
N GLU F 193 -68.01 3.14 24.34
CA GLU F 193 -69.15 2.29 24.78
C GLU F 193 -69.26 1.04 23.90
N GLU F 194 -68.77 1.08 22.65
CA GLU F 194 -68.87 -0.05 21.68
C GLU F 194 -67.61 -0.92 21.71
N ILE F 195 -66.53 -0.46 22.36
CA ILE F 195 -65.21 -1.16 22.41
C ILE F 195 -65.20 -2.21 23.52
N TRP F 196 -65.66 -1.88 24.73
CA TRP F 196 -65.53 -2.76 25.93
C TRP F 196 -65.95 -4.20 25.59
N PRO F 197 -67.15 -4.44 25.03
CA PRO F 197 -67.65 -5.81 24.85
C PRO F 197 -67.00 -6.65 23.74
N LEU F 198 -66.25 -6.02 22.83
CA LEU F 198 -65.58 -6.71 21.69
C LEU F 198 -64.20 -7.24 22.11
N CYS F 199 -63.58 -6.63 23.12
CA CYS F 199 -62.17 -6.85 23.53
C CYS F 199 -62.01 -8.11 24.39
N ASP F 200 -60.99 -8.90 24.08
CA ASP F 200 -60.41 -9.98 24.94
C ASP F 200 -59.18 -9.41 25.66
N PHE F 201 -58.58 -8.36 25.07
CA PHE F 201 -57.41 -7.65 25.63
C PHE F 201 -57.58 -6.15 25.40
N ILE F 202 -57.21 -5.34 26.40
CA ILE F 202 -57.25 -3.86 26.33
C ILE F 202 -55.93 -3.35 26.90
N THR F 203 -55.21 -2.52 26.16
CA THR F 203 -54.06 -1.73 26.67
C THR F 203 -54.36 -0.23 26.52
N VAL F 204 -53.72 0.59 27.35
CA VAL F 204 -53.97 2.06 27.40
C VAL F 204 -52.63 2.77 27.16
N HIS F 205 -52.62 3.80 26.30
CA HIS F 205 -51.42 4.58 25.90
C HIS F 205 -51.79 6.06 25.77
N THR F 206 -52.29 6.65 26.85
CA THR F 206 -52.68 8.08 26.95
C THR F 206 -51.87 8.74 28.06
N PRO F 207 -51.72 10.09 28.02
CA PRO F 207 -51.13 10.83 29.14
C PRO F 207 -52.17 10.84 30.28
N LEU F 208 -51.73 11.10 31.51
CA LEU F 208 -52.70 11.19 32.64
C LEU F 208 -53.38 12.56 32.59
N LEU F 209 -54.66 12.59 32.21
CA LEU F 209 -55.51 13.79 32.13
C LEU F 209 -56.80 13.53 32.91
N PRO F 210 -57.60 14.58 33.18
CA PRO F 210 -58.93 14.40 33.73
C PRO F 210 -59.85 13.58 32.81
N SER F 211 -59.71 13.73 31.48
CA SER F 211 -60.50 13.01 30.45
C SER F 211 -60.14 11.53 30.42
N THR F 212 -59.04 11.16 31.07
CA THR F 212 -58.36 9.82 31.00
C THR F 212 -58.40 9.13 32.38
N THR F 213 -58.22 9.90 33.46
CA THR F 213 -58.22 9.36 34.85
C THR F 213 -59.40 8.40 35.05
N GLY F 214 -59.16 7.22 35.62
CA GLY F 214 -60.19 6.20 35.90
C GLY F 214 -60.94 5.75 34.65
N LEU F 215 -60.28 5.78 33.49
CA LEU F 215 -60.88 5.41 32.18
C LEU F 215 -61.47 4.00 32.29
N LEU F 216 -60.74 3.10 32.93
CA LEU F 216 -61.27 1.81 33.41
C LEU F 216 -61.61 1.96 34.89
N ASN F 217 -62.89 1.76 35.19
CA ASN F 217 -63.56 1.97 36.50
C ASN F 217 -64.61 0.88 36.64
N ASP F 218 -65.26 0.80 37.79
CA ASP F 218 -66.29 -0.24 38.09
C ASP F 218 -67.26 -0.35 36.91
N ASN F 219 -67.55 0.76 36.22
CA ASN F 219 -68.66 0.90 35.24
C ASN F 219 -68.26 0.36 33.86
N THR F 220 -67.09 0.78 33.34
CA THR F 220 -66.51 0.28 32.07
C THR F 220 -66.22 -1.22 32.23
N PHE F 221 -65.46 -1.61 33.25
CA PHE F 221 -65.12 -3.03 33.58
C PHE F 221 -66.36 -3.92 33.43
N ALA F 222 -67.53 -3.45 33.84
CA ALA F 222 -68.79 -4.21 33.79
C ALA F 222 -69.29 -4.35 32.34
N GLN F 223 -68.96 -3.41 31.45
CA GLN F 223 -69.38 -3.46 30.01
C GLN F 223 -68.43 -4.34 29.18
N CYS F 224 -67.27 -4.70 29.74
CA CYS F 224 -66.22 -5.57 29.13
C CYS F 224 -66.69 -7.02 29.06
N LYS F 225 -66.13 -7.80 28.12
CA LYS F 225 -66.26 -9.29 28.04
C LYS F 225 -65.83 -9.90 29.38
N LYS F 226 -66.56 -10.89 29.88
CA LYS F 226 -66.15 -11.67 31.08
C LYS F 226 -64.79 -12.31 30.78
N GLY F 227 -63.75 -11.94 31.55
CA GLY F 227 -62.38 -12.49 31.42
C GLY F 227 -61.51 -11.67 30.47
N VAL F 228 -61.86 -10.41 30.24
CA VAL F 228 -61.00 -9.44 29.54
C VAL F 228 -59.67 -9.39 30.30
N ARG F 229 -58.59 -8.96 29.66
CA ARG F 229 -57.26 -8.80 30.29
C ARG F 229 -56.69 -7.43 29.91
N VAL F 230 -55.96 -6.79 30.83
CA VAL F 230 -55.69 -5.33 30.75
C VAL F 230 -54.21 -5.05 31.00
N VAL F 231 -53.64 -4.11 30.25
CA VAL F 231 -52.20 -3.71 30.34
C VAL F 231 -52.12 -2.19 30.51
N ASN F 232 -51.62 -1.72 31.65
CA ASN F 232 -51.28 -0.29 31.86
C ASN F 232 -49.75 -0.16 31.88
N CYS F 233 -49.17 0.35 30.78
CA CYS F 233 -47.72 0.67 30.66
C CYS F 233 -47.51 2.18 30.44
N ALA F 234 -48.58 2.97 30.61
CA ALA F 234 -48.62 4.42 30.30
C ALA F 234 -48.47 5.24 31.58
N ARG F 235 -49.57 5.48 32.32
CA ARG F 235 -49.55 6.30 33.55
C ARG F 235 -50.44 5.63 34.61
N GLY F 236 -50.03 5.75 35.87
CA GLY F 236 -50.77 5.23 37.03
C GLY F 236 -52.13 5.89 37.17
N GLY F 237 -53.19 5.09 37.19
CA GLY F 237 -54.56 5.56 37.47
C GLY F 237 -55.42 5.72 36.23
N ILE F 238 -54.84 5.65 35.02
CA ILE F 238 -55.65 5.59 33.78
C ILE F 238 -56.63 4.44 33.98
N VAL F 239 -56.10 3.31 34.48
CA VAL F 239 -56.91 2.18 35.03
C VAL F 239 -56.98 2.40 36.53
N ASP F 240 -58.19 2.63 37.03
CA ASP F 240 -58.49 2.79 38.48
C ASP F 240 -58.01 1.52 39.19
N GLU F 241 -56.97 1.67 40.03
CA GLU F 241 -56.31 0.57 40.76
C GLU F 241 -57.37 -0.20 41.55
N GLY F 242 -58.05 0.46 42.49
CA GLY F 242 -59.15 -0.12 43.27
C GLY F 242 -60.12 -0.90 42.40
N ALA F 243 -60.51 -0.34 41.24
CA ALA F 243 -61.59 -0.88 40.38
C ALA F 243 -61.17 -2.23 39.82
N LEU F 244 -59.97 -2.28 39.21
CA LEU F 244 -59.29 -3.49 38.69
C LEU F 244 -59.29 -4.60 39.76
N LEU F 245 -58.75 -4.31 40.95
CA LEU F 245 -58.68 -5.26 42.09
C LEU F 245 -60.00 -6.06 42.21
N ARG F 246 -61.14 -5.38 42.17
CA ARG F 246 -62.47 -6.02 42.36
C ARG F 246 -62.83 -6.80 41.10
N ALA F 247 -62.35 -6.39 39.92
CA ALA F 247 -62.61 -7.04 38.62
C ALA F 247 -61.87 -8.39 38.56
N LEU F 248 -60.67 -8.44 39.13
CA LEU F 248 -59.87 -9.68 39.25
C LEU F 248 -60.56 -10.61 40.24
N GLN F 249 -61.08 -10.07 41.34
CA GLN F 249 -61.67 -10.85 42.47
C GLN F 249 -62.98 -11.49 42.01
N SER F 250 -63.72 -10.77 41.17
CA SER F 250 -65.04 -11.21 40.62
C SER F 250 -64.81 -12.19 39.47
N GLY F 251 -63.71 -12.03 38.74
CA GLY F 251 -63.41 -12.78 37.52
C GLY F 251 -63.84 -12.03 36.26
N GLN F 252 -64.48 -10.86 36.42
CA GLN F 252 -64.77 -9.98 35.26
C GLN F 252 -63.46 -9.72 34.51
N CYS F 253 -62.36 -9.51 35.24
CA CYS F 253 -60.98 -9.44 34.67
C CYS F 253 -60.21 -10.76 34.96
N ALA F 254 -59.74 -11.41 33.89
CA ALA F 254 -59.01 -12.70 33.94
C ALA F 254 -57.54 -12.49 34.36
N GLY F 255 -56.96 -11.32 34.07
CA GLY F 255 -55.61 -10.97 34.57
C GLY F 255 -55.18 -9.61 34.09
N ALA F 256 -54.12 -9.05 34.66
CA ALA F 256 -53.70 -7.66 34.41
C ALA F 256 -52.18 -7.52 34.51
N ALA F 257 -51.62 -6.59 33.74
CA ALA F 257 -50.18 -6.26 33.67
C ALA F 257 -49.98 -4.77 33.93
N LEU F 258 -49.17 -4.40 34.92
CA LEU F 258 -49.01 -2.99 35.34
C LEU F 258 -47.53 -2.64 35.40
N ASP F 259 -47.10 -1.60 34.68
CA ASP F 259 -45.74 -0.99 34.76
C ASP F 259 -45.83 0.31 35.57
N VAL F 260 -47.04 0.80 35.88
CA VAL F 260 -47.23 2.18 36.43
C VAL F 260 -48.29 2.17 37.54
N PHE F 261 -48.03 2.95 38.58
CA PHE F 261 -48.86 3.01 39.81
C PHE F 261 -49.11 4.48 40.18
N THR F 262 -50.18 4.73 40.95
CA THR F 262 -50.58 6.04 41.53
C THR F 262 -49.44 6.56 42.41
N GLU F 263 -49.04 5.74 43.39
CA GLU F 263 -47.80 5.95 44.20
C GLU F 263 -46.69 5.06 43.62
N GLU F 264 -45.52 5.63 43.33
CA GLU F 264 -44.33 4.92 42.79
C GLU F 264 -43.14 5.17 43.72
N PRO F 265 -42.72 4.21 44.57
CA PRO F 265 -43.27 2.85 44.63
C PRO F 265 -44.59 2.72 45.39
N PRO F 266 -45.41 1.70 45.09
CA PRO F 266 -46.78 1.61 45.61
C PRO F 266 -46.88 1.07 47.03
N ARG F 267 -47.60 1.80 47.91
CA ARG F 267 -47.86 1.38 49.31
C ARG F 267 -49.03 0.40 49.32
N ASP F 268 -50.07 0.66 48.54
CA ASP F 268 -51.23 -0.28 48.39
C ASP F 268 -50.72 -1.51 47.64
N ARG F 269 -50.26 -2.54 48.37
CA ARG F 269 -49.70 -3.78 47.78
C ARG F 269 -50.79 -4.86 47.72
N ALA F 270 -51.99 -4.47 47.29
CA ALA F 270 -53.16 -5.38 47.12
C ALA F 270 -53.08 -6.05 45.74
N LEU F 271 -52.79 -5.25 44.72
CA LEU F 271 -52.81 -5.65 43.28
C LEU F 271 -51.58 -6.50 42.97
N VAL F 272 -50.40 -5.89 43.01
CA VAL F 272 -49.09 -6.58 42.78
C VAL F 272 -49.24 -8.00 43.32
N ASP F 273 -49.66 -8.14 44.57
CA ASP F 273 -49.68 -9.42 45.33
C ASP F 273 -50.72 -10.42 44.74
N HIS F 274 -51.74 -9.97 44.00
CA HIS F 274 -52.80 -10.85 43.41
C HIS F 274 -52.13 -11.82 42.42
N GLU F 275 -52.62 -13.06 42.31
CA GLU F 275 -51.91 -14.15 41.57
C GLU F 275 -52.00 -13.95 40.05
N ASN F 276 -52.91 -13.11 39.56
CA ASN F 276 -53.13 -12.84 38.12
C ASN F 276 -52.57 -11.46 37.73
N VAL F 277 -51.67 -10.89 38.52
CA VAL F 277 -51.07 -9.56 38.20
C VAL F 277 -49.59 -9.71 37.90
N ILE F 278 -49.23 -9.45 36.65
CA ILE F 278 -47.83 -9.21 36.20
C ILE F 278 -47.49 -7.76 36.51
N SER F 279 -46.30 -7.49 37.07
CA SER F 279 -45.90 -6.16 37.59
C SER F 279 -44.42 -5.85 37.28
N CYS F 280 -44.05 -4.56 37.18
CA CYS F 280 -42.71 -4.04 36.79
C CYS F 280 -42.44 -2.67 37.43
N PRO F 281 -41.21 -2.34 37.85
CA PRO F 281 -40.89 -1.02 38.39
C PRO F 281 -40.68 0.12 37.38
N HIS F 282 -41.70 0.45 36.60
CA HIS F 282 -41.74 1.59 35.62
C HIS F 282 -40.53 1.50 34.67
N LEU F 283 -40.54 0.55 33.73
CA LEU F 283 -39.40 0.16 32.85
C LEU F 283 -39.60 0.61 31.39
N GLY F 284 -40.54 1.48 31.11
CA GLY F 284 -40.84 1.99 29.76
C GLY F 284 -39.63 2.59 29.06
N ALA F 285 -38.73 3.23 29.81
CA ALA F 285 -37.46 3.81 29.30
C ALA F 285 -36.28 3.10 29.93
N SER F 286 -36.48 1.89 30.48
CA SER F 286 -35.43 1.04 31.10
C SER F 286 -34.81 0.10 30.05
N THR F 287 -34.06 0.69 29.11
CA THR F 287 -33.17 0.07 28.12
C THR F 287 -32.03 1.05 27.80
N LYS F 288 -30.78 0.58 27.82
CA LYS F 288 -29.57 1.37 27.45
C LYS F 288 -29.88 2.11 26.15
N GLU F 289 -30.52 1.42 25.20
CA GLU F 289 -30.81 1.92 23.84
C GLU F 289 -31.61 3.24 23.96
N ALA F 290 -32.72 3.24 24.73
CA ALA F 290 -33.67 4.38 24.84
C ALA F 290 -33.03 5.55 25.60
N GLN F 291 -32.58 5.31 26.84
CA GLN F 291 -32.09 6.39 27.72
C GLN F 291 -30.98 7.21 27.05
N SER F 292 -30.23 6.57 26.16
CA SER F 292 -29.18 7.23 25.33
C SER F 292 -29.86 8.15 24.31
N ARG F 293 -30.91 7.66 23.66
CA ARG F 293 -31.68 8.41 22.61
C ARG F 293 -32.35 9.62 23.25
N CYS F 294 -32.99 9.42 24.41
CA CYS F 294 -33.55 10.51 25.27
C CYS F 294 -32.42 11.48 25.64
N GLY F 295 -31.50 11.04 26.50
CA GLY F 295 -30.30 11.80 26.92
C GLY F 295 -29.64 12.57 25.78
N GLU F 296 -29.62 12.00 24.57
CA GLU F 296 -29.03 12.61 23.35
C GLU F 296 -29.99 13.72 22.87
N GLU F 297 -31.29 13.41 22.78
CA GLU F 297 -32.33 14.26 22.18
C GLU F 297 -32.57 15.51 23.05
N ILE F 298 -32.35 15.41 24.36
CA ILE F 298 -32.53 16.53 25.35
C ILE F 298 -31.31 17.46 25.28
N ALA F 299 -30.10 16.92 25.30
CA ALA F 299 -28.83 17.67 25.26
C ALA F 299 -28.75 18.48 23.97
N VAL F 300 -29.27 17.92 22.86
CA VAL F 300 -29.42 18.61 21.55
C VAL F 300 -30.22 19.89 21.78
N GLN F 301 -31.44 19.75 22.30
CA GLN F 301 -32.44 20.87 22.51
C GLN F 301 -31.78 22.02 23.30
N PHE F 302 -30.97 21.71 24.31
CA PHE F 302 -30.24 22.71 25.15
C PHE F 302 -29.23 23.46 24.28
N VAL F 303 -28.37 22.72 23.56
CA VAL F 303 -27.28 23.29 22.70
C VAL F 303 -27.92 24.04 21.53
N ASP F 304 -28.99 23.50 20.93
CA ASP F 304 -29.72 24.09 19.78
C ASP F 304 -30.01 25.58 20.05
N MET F 305 -30.43 25.93 21.26
CA MET F 305 -30.91 27.30 21.61
C MET F 305 -29.74 28.19 22.09
N VAL F 306 -28.49 27.70 22.09
CA VAL F 306 -27.26 28.53 22.28
C VAL F 306 -26.45 28.53 20.97
N LEU G 5 1.66 -11.47 -8.01
CA LEU G 5 3.11 -11.52 -7.70
C LEU G 5 3.90 -12.23 -8.83
N ARG G 6 3.41 -12.24 -10.08
CA ARG G 6 3.64 -13.34 -11.06
C ARG G 6 3.99 -12.89 -12.48
N LYS G 7 4.09 -11.59 -12.79
CA LYS G 7 4.55 -11.12 -14.14
C LYS G 7 5.53 -9.94 -13.99
N VAL G 8 6.74 -10.09 -14.53
CA VAL G 8 7.90 -9.16 -14.39
C VAL G 8 8.17 -8.53 -15.75
N LEU G 9 8.85 -7.36 -15.77
CA LEU G 9 9.35 -6.69 -16.99
C LEU G 9 10.81 -6.30 -16.76
N ILE G 10 11.72 -6.76 -17.62
CA ILE G 10 13.14 -6.31 -17.60
C ILE G 10 13.28 -5.23 -18.66
N SER G 11 13.55 -3.98 -18.24
CA SER G 11 13.43 -2.77 -19.09
C SER G 11 14.79 -2.36 -19.67
N ASP G 12 15.87 -3.04 -19.30
CA ASP G 12 17.25 -2.70 -19.74
C ASP G 12 17.98 -3.94 -20.25
N SER G 13 19.00 -3.69 -21.09
CA SER G 13 19.89 -4.74 -21.63
C SER G 13 20.54 -5.48 -20.46
N LEU G 14 20.02 -6.67 -20.14
CA LEU G 14 20.53 -7.53 -19.03
C LEU G 14 20.90 -8.91 -19.59
N ASP G 15 21.92 -9.54 -19.01
CA ASP G 15 22.39 -10.90 -19.37
C ASP G 15 21.19 -11.82 -19.58
N PRO G 16 21.16 -12.63 -20.67
CA PRO G 16 20.07 -13.57 -20.90
C PRO G 16 19.65 -14.37 -19.67
N CYS G 17 20.60 -14.78 -18.82
CA CYS G 17 20.43 -15.74 -17.68
C CYS G 17 19.39 -15.21 -16.69
N CYS G 18 19.17 -13.89 -16.61
CA CYS G 18 18.13 -13.27 -15.75
C CYS G 18 16.76 -13.80 -16.19
N ARG G 19 16.29 -13.44 -17.39
CA ARG G 19 14.99 -13.90 -17.94
C ARG G 19 14.85 -15.42 -17.72
N LYS G 20 15.92 -16.18 -17.96
CA LYS G 20 15.92 -17.67 -17.81
C LYS G 20 15.47 -18.00 -16.39
N ILE G 21 16.27 -17.64 -15.38
CA ILE G 21 16.10 -18.05 -13.96
C ILE G 21 14.70 -17.62 -13.48
N LEU G 22 14.17 -16.49 -14.00
CA LEU G 22 12.80 -15.98 -13.69
C LEU G 22 11.76 -16.99 -14.17
N GLN G 23 11.72 -17.25 -15.48
CA GLN G 23 10.78 -18.24 -16.09
C GLN G 23 11.03 -19.60 -15.46
N ASP G 24 12.31 -19.98 -15.29
CA ASP G 24 12.79 -21.18 -14.54
C ASP G 24 12.11 -21.25 -13.17
N GLY G 25 12.01 -20.11 -12.47
CA GLY G 25 11.31 -19.98 -11.18
C GLY G 25 9.81 -20.20 -11.33
N GLY G 26 9.22 -19.66 -12.41
CA GLY G 26 7.84 -19.95 -12.83
C GLY G 26 6.97 -18.70 -12.90
N LEU G 27 7.37 -17.69 -13.68
CA LEU G 27 6.59 -16.43 -13.89
C LEU G 27 6.93 -15.80 -15.25
N GLN G 28 5.94 -15.20 -15.91
CA GLN G 28 6.05 -14.50 -17.22
C GLN G 28 7.14 -13.43 -17.13
N VAL G 29 7.76 -13.09 -18.26
CA VAL G 29 8.84 -12.05 -18.38
C VAL G 29 8.63 -11.32 -19.70
N VAL G 30 9.17 -10.10 -19.81
CA VAL G 30 9.07 -9.24 -21.03
C VAL G 30 10.40 -8.51 -21.22
N GLU G 31 11.30 -9.05 -22.06
CA GLU G 31 12.58 -8.43 -22.45
C GLU G 31 12.29 -7.22 -23.35
N LYS G 32 12.46 -6.00 -22.83
CA LYS G 32 12.35 -4.74 -23.60
C LYS G 32 13.65 -3.95 -23.37
N GLN G 33 13.88 -2.92 -24.18
CA GLN G 33 15.15 -2.13 -24.14
C GLN G 33 14.87 -0.71 -24.67
N ASN G 34 15.62 0.27 -24.16
CA ASN G 34 15.52 1.72 -24.49
C ASN G 34 14.07 2.14 -24.79
N LEU G 35 13.07 1.65 -24.03
CA LEU G 35 11.65 2.04 -24.20
C LEU G 35 11.44 3.47 -23.71
N SER G 36 10.50 4.19 -24.34
CA SER G 36 10.05 5.55 -23.97
C SER G 36 9.00 5.48 -22.86
N LYS G 37 8.82 6.59 -22.13
CA LYS G 37 8.04 6.64 -20.88
C LYS G 37 6.62 6.07 -21.11
N GLU G 38 5.88 6.61 -22.06
CA GLU G 38 4.39 6.41 -22.18
C GLU G 38 4.12 4.96 -22.62
N GLU G 39 4.98 4.41 -23.50
CA GLU G 39 4.85 3.03 -24.02
C GLU G 39 5.14 2.05 -22.88
N LEU G 40 6.11 2.40 -22.01
CA LEU G 40 6.46 1.62 -20.79
C LEU G 40 5.25 1.54 -19.84
N ILE G 41 4.75 2.70 -19.38
CA ILE G 41 3.63 2.82 -18.41
C ILE G 41 2.46 1.95 -18.87
N ALA G 42 2.03 2.09 -20.13
CA ALA G 42 0.91 1.35 -20.75
C ALA G 42 1.13 -0.17 -20.62
N GLU G 43 2.36 -0.61 -20.95
CA GLU G 43 2.81 -2.04 -20.88
C GLU G 43 2.81 -2.50 -19.42
N LEU G 44 3.17 -1.63 -18.49
CA LEU G 44 3.39 -1.92 -17.03
C LEU G 44 2.06 -2.15 -16.31
N GLN G 45 0.91 -1.80 -16.92
CA GLN G 45 -0.41 -1.72 -16.25
C GLN G 45 -0.92 -3.10 -15.79
N ASP G 46 -0.23 -4.21 -16.10
CA ASP G 46 -0.54 -5.56 -15.52
C ASP G 46 0.75 -6.35 -15.24
N CYS G 47 1.83 -5.64 -14.90
CA CYS G 47 3.14 -6.21 -14.48
C CYS G 47 3.36 -5.94 -12.99
N GLU G 48 3.52 -7.02 -12.21
CA GLU G 48 3.70 -6.96 -10.73
C GLU G 48 5.13 -6.51 -10.42
N GLY G 49 6.12 -6.95 -11.22
CA GLY G 49 7.55 -6.65 -11.01
C GLY G 49 8.12 -5.76 -12.10
N LEU G 50 9.21 -5.07 -11.79
CA LEU G 50 10.05 -4.36 -12.78
C LEU G 50 11.53 -4.49 -12.35
N ILE G 51 12.40 -4.95 -13.26
CA ILE G 51 13.87 -5.00 -13.05
C ILE G 51 14.51 -3.99 -14.00
N VAL G 52 15.50 -3.25 -13.52
CA VAL G 52 16.15 -2.13 -14.27
C VAL G 52 17.66 -2.17 -14.01
N ARG G 53 18.43 -1.55 -14.91
CA ARG G 53 19.88 -1.26 -14.76
C ARG G 53 19.97 0.21 -14.32
N SER G 54 20.85 1.01 -14.90
CA SER G 54 21.03 2.46 -14.61
C SER G 54 20.30 3.32 -15.66
N ALA G 55 19.96 2.74 -16.81
CA ALA G 55 19.36 3.46 -17.96
C ALA G 55 17.95 3.92 -17.59
N THR G 56 17.02 2.97 -17.39
CA THR G 56 15.63 3.23 -16.98
C THR G 56 15.64 4.07 -15.70
N LYS G 57 14.85 5.16 -15.68
CA LYS G 57 14.61 6.04 -14.51
C LYS G 57 13.18 5.81 -14.02
N VAL G 58 13.03 5.27 -12.80
CA VAL G 58 11.72 4.98 -12.16
C VAL G 58 11.25 6.25 -11.44
N THR G 59 10.73 7.22 -12.21
CA THR G 59 10.33 8.58 -11.74
C THR G 59 9.09 8.46 -10.87
N ALA G 60 8.69 9.57 -10.24
CA ALA G 60 7.41 9.72 -9.50
C ALA G 60 6.26 9.24 -10.39
N ASP G 61 6.18 9.77 -11.62
CA ASP G 61 5.06 9.59 -12.59
C ASP G 61 4.86 8.11 -12.92
N VAL G 62 5.96 7.41 -13.22
CA VAL G 62 5.97 5.99 -13.69
C VAL G 62 5.32 5.10 -12.61
N ILE G 63 5.77 5.24 -11.37
CA ILE G 63 5.34 4.39 -10.23
C ILE G 63 3.83 4.56 -10.01
N ASN G 64 3.31 5.76 -10.20
CA ASN G 64 1.90 6.14 -9.90
C ASN G 64 0.98 5.76 -11.07
N ALA G 65 1.55 5.49 -12.25
CA ALA G 65 0.80 5.03 -13.46
C ALA G 65 0.79 3.50 -13.52
N ALA G 66 1.50 2.86 -12.59
CA ALA G 66 1.67 1.39 -12.49
C ALA G 66 0.86 0.86 -11.30
N GLU G 67 -0.45 0.76 -11.44
CA GLU G 67 -1.41 0.51 -10.32
C GLU G 67 -1.07 -0.81 -9.60
N LYS G 68 -0.39 -1.76 -10.27
CA LYS G 68 -0.19 -3.14 -9.77
C LYS G 68 1.28 -3.38 -9.38
N LEU G 69 2.17 -2.39 -9.54
CA LEU G 69 3.63 -2.51 -9.29
C LEU G 69 3.89 -2.80 -7.81
N GLN G 70 4.25 -4.05 -7.48
CA GLN G 70 4.53 -4.51 -6.09
C GLN G 70 6.02 -4.39 -5.76
N VAL G 71 6.93 -4.50 -6.74
CA VAL G 71 8.40 -4.65 -6.47
C VAL G 71 9.23 -4.06 -7.64
N VAL G 72 10.36 -3.44 -7.31
CA VAL G 72 11.33 -2.83 -8.27
C VAL G 72 12.73 -3.33 -7.92
N GLY G 73 13.26 -4.22 -8.76
CA GLY G 73 14.63 -4.75 -8.63
C GLY G 73 15.61 -3.93 -9.44
N ARG G 74 16.86 -3.85 -9.01
CA ARG G 74 17.95 -3.16 -9.74
C ARG G 74 19.14 -4.13 -9.83
N ALA G 75 19.55 -4.46 -11.06
CA ALA G 75 20.76 -5.24 -11.38
C ALA G 75 21.96 -4.29 -11.29
N GLY G 76 22.43 -4.07 -10.05
CA GLY G 76 23.52 -3.16 -9.71
C GLY G 76 23.55 -2.89 -8.22
N THR G 77 24.50 -2.06 -7.78
CA THR G 77 24.67 -1.62 -6.37
C THR G 77 24.18 -0.18 -6.29
N GLY G 78 23.26 0.11 -5.38
CA GLY G 78 22.61 1.42 -5.23
C GLY G 78 21.40 1.55 -6.13
N VAL G 79 20.55 2.54 -5.86
CA VAL G 79 19.24 2.74 -6.55
C VAL G 79 19.02 4.24 -6.78
N ASP G 80 20.09 4.93 -7.18
CA ASP G 80 20.10 6.40 -7.45
C ASP G 80 19.24 6.74 -8.67
N ASN G 81 18.45 5.79 -9.19
CA ASN G 81 17.59 5.97 -10.38
C ASN G 81 16.14 5.55 -10.04
N VAL G 82 15.80 5.42 -8.75
CA VAL G 82 14.42 5.14 -8.28
C VAL G 82 14.04 6.16 -7.19
N ASP G 83 12.93 6.87 -7.41
CA ASP G 83 12.28 7.78 -6.44
C ASP G 83 11.90 6.98 -5.19
N LEU G 84 12.69 7.13 -4.12
CA LEU G 84 12.47 6.43 -2.82
C LEU G 84 11.23 6.98 -2.10
N GLU G 85 11.02 8.31 -2.13
CA GLU G 85 9.80 8.95 -1.57
C GLU G 85 8.56 8.30 -2.20
N ALA G 86 8.46 8.32 -3.52
CA ALA G 86 7.34 7.71 -4.29
C ALA G 86 7.26 6.20 -4.00
N ALA G 87 8.41 5.55 -3.80
CA ALA G 87 8.54 4.09 -3.55
C ALA G 87 7.89 3.73 -2.21
N THR G 88 8.39 4.31 -1.11
CA THR G 88 7.89 4.05 0.27
C THR G 88 6.40 4.40 0.39
N ARG G 89 5.89 5.33 -0.43
CA ARG G 89 4.46 5.77 -0.42
C ARG G 89 3.56 4.58 -0.73
N LYS G 90 3.86 3.79 -1.78
CA LYS G 90 2.97 2.65 -2.14
C LYS G 90 3.43 1.35 -1.47
N GLY G 91 4.27 1.45 -0.44
CA GLY G 91 4.81 0.31 0.35
C GLY G 91 5.62 -0.67 -0.48
N ILE G 92 6.12 -0.22 -1.64
CA ILE G 92 6.79 -1.03 -2.70
C ILE G 92 8.11 -1.57 -2.16
N LEU G 93 8.48 -2.79 -2.59
CA LEU G 93 9.78 -3.46 -2.33
C LEU G 93 10.82 -2.98 -3.34
N VAL G 94 12.04 -2.77 -2.87
CA VAL G 94 13.23 -2.45 -3.70
C VAL G 94 14.28 -3.54 -3.45
N MET G 95 14.74 -4.19 -4.51
CA MET G 95 15.84 -5.20 -4.46
C MET G 95 17.07 -4.66 -5.21
N ASN G 96 18.24 -5.09 -4.79
CA ASN G 96 19.58 -4.57 -5.16
C ASN G 96 20.52 -5.78 -5.21
N THR G 97 21.71 -5.63 -5.75
CA THR G 97 22.75 -6.69 -5.90
C THR G 97 24.08 -6.08 -5.51
N PRO G 98 24.33 -5.89 -4.19
CA PRO G 98 25.49 -5.15 -3.71
C PRO G 98 26.84 -5.85 -3.96
N ASN G 99 26.83 -7.20 -3.95
CA ASN G 99 28.00 -8.07 -4.23
C ASN G 99 28.34 -8.04 -5.71
N GLY G 100 27.47 -8.61 -6.53
CA GLY G 100 27.70 -8.92 -7.95
C GLY G 100 27.94 -7.71 -8.82
N ASN G 101 29.00 -6.92 -8.59
CA ASN G 101 29.34 -5.73 -9.38
C ASN G 101 30.67 -5.12 -8.89
N SER G 102 30.83 -5.06 -7.57
CA SER G 102 31.98 -4.47 -6.84
C SER G 102 33.27 -4.71 -7.62
N LEU G 103 33.66 -5.96 -7.85
CA LEU G 103 34.99 -6.27 -8.42
C LEU G 103 35.19 -5.56 -9.76
N SER G 104 34.24 -5.67 -10.68
CA SER G 104 34.39 -5.08 -12.04
C SER G 104 34.71 -3.59 -11.90
N ALA G 105 33.97 -2.88 -11.05
CA ALA G 105 34.13 -1.42 -10.80
C ALA G 105 35.52 -1.12 -10.22
N ALA G 106 35.98 -1.94 -9.27
CA ALA G 106 37.30 -1.77 -8.60
C ALA G 106 38.41 -1.85 -9.63
N GLU G 107 38.29 -2.78 -10.59
CA GLU G 107 39.35 -3.03 -11.60
C GLU G 107 39.40 -1.82 -12.53
N LEU G 108 38.30 -1.49 -13.21
CA LEU G 108 38.25 -0.29 -14.08
C LEU G 108 38.89 0.91 -13.35
N THR G 109 38.67 1.06 -12.04
CA THR G 109 39.22 2.18 -11.23
C THR G 109 40.75 2.16 -11.30
N CYS G 110 41.36 1.02 -10.93
CA CYS G 110 42.84 0.77 -10.99
C CYS G 110 43.34 0.97 -12.42
N GLY G 111 42.61 0.45 -13.41
CA GLY G 111 42.84 0.81 -14.81
C GLY G 111 43.11 2.30 -14.94
N MET G 112 42.11 3.11 -14.56
CA MET G 112 42.11 4.59 -14.65
C MET G 112 43.38 5.13 -14.02
N ILE G 113 43.68 4.70 -12.79
CA ILE G 113 44.83 5.24 -12.02
C ILE G 113 46.08 5.02 -12.86
N MET G 114 46.36 3.77 -13.27
CA MET G 114 47.50 3.43 -14.17
C MET G 114 47.40 4.31 -15.42
N CYS G 115 46.29 4.23 -16.16
CA CYS G 115 46.06 5.04 -17.38
C CYS G 115 46.42 6.51 -17.13
N LEU G 116 46.09 7.06 -15.94
CA LEU G 116 46.38 8.48 -15.60
C LEU G 116 47.88 8.67 -15.36
N ALA G 117 48.50 7.73 -14.63
CA ALA G 117 49.93 7.75 -14.25
C ALA G 117 50.82 7.76 -15.49
N ARG G 118 50.39 7.11 -16.59
CA ARG G 118 51.26 6.81 -17.77
C ARG G 118 50.67 7.34 -19.07
N GLN G 119 49.41 7.77 -19.08
CA GLN G 119 48.79 8.45 -20.22
C GLN G 119 48.62 7.47 -21.37
N ILE G 120 48.38 6.21 -21.04
CA ILE G 120 48.26 5.11 -22.04
C ILE G 120 47.26 5.52 -23.11
N PRO G 121 46.04 5.98 -22.78
CA PRO G 121 45.05 6.32 -23.80
C PRO G 121 45.50 7.46 -24.72
N GLN G 122 46.22 8.43 -24.15
CA GLN G 122 46.77 9.63 -24.84
C GLN G 122 47.84 9.19 -25.84
N ALA G 123 48.73 8.28 -25.41
CA ALA G 123 49.85 7.74 -26.22
C ALA G 123 49.29 6.92 -27.38
N THR G 124 48.28 6.07 -27.14
CA THR G 124 47.60 5.29 -28.20
C THR G 124 47.01 6.25 -29.25
N ALA G 125 46.17 7.19 -28.85
CA ALA G 125 45.52 8.17 -29.77
C ALA G 125 46.61 8.89 -30.57
N SER G 126 47.76 9.18 -29.95
CA SER G 126 48.95 9.83 -30.58
C SER G 126 49.61 8.89 -31.60
N MET G 127 50.14 7.74 -31.13
CA MET G 127 50.65 6.68 -32.02
C MET G 127 49.67 6.41 -33.16
N LYS G 128 48.39 6.18 -32.85
CA LYS G 128 47.33 5.88 -33.86
C LYS G 128 47.25 6.98 -34.94
N ASP G 129 47.64 8.21 -34.61
CA ASP G 129 47.67 9.37 -35.55
C ASP G 129 49.03 9.39 -36.28
N GLY G 130 49.95 8.49 -35.90
CA GLY G 130 51.25 8.26 -36.57
C GLY G 130 52.36 9.12 -35.97
N LYS G 131 52.31 9.35 -34.66
CA LYS G 131 53.23 10.28 -33.95
C LYS G 131 54.07 9.53 -32.92
N TRP G 132 55.37 9.84 -32.91
CA TRP G 132 56.39 9.30 -31.98
C TRP G 132 56.86 10.39 -30.99
N GLU G 133 56.05 10.64 -29.96
CA GLU G 133 56.21 11.75 -28.99
C GLU G 133 56.67 11.13 -27.66
N ARG G 134 57.98 10.90 -27.57
CA ARG G 134 58.63 10.34 -26.35
C ARG G 134 59.01 11.46 -25.39
N LYS G 135 59.23 12.68 -25.92
CA LYS G 135 59.52 13.92 -25.14
C LYS G 135 58.30 14.25 -24.28
N LYS G 136 57.11 13.97 -24.81
CA LYS G 136 55.81 14.34 -24.20
C LYS G 136 55.53 13.38 -23.04
N PHE G 137 55.32 12.08 -23.30
CA PHE G 137 54.47 11.19 -22.45
C PHE G 137 55.15 10.70 -21.18
N MET G 138 56.03 11.49 -20.56
CA MET G 138 56.69 11.14 -19.27
C MET G 138 55.63 10.99 -18.17
N GLY G 139 55.50 9.81 -17.58
CA GLY G 139 54.48 9.42 -16.59
C GLY G 139 55.08 9.26 -15.20
N THR G 140 54.38 8.56 -14.31
CA THR G 140 54.72 8.43 -12.86
C THR G 140 54.80 6.96 -12.44
N GLU G 141 55.73 6.67 -11.54
CA GLU G 141 55.80 5.39 -10.79
C GLU G 141 54.85 5.51 -9.60
N LEU G 142 53.84 4.64 -9.53
CA LEU G 142 52.86 4.54 -8.42
C LEU G 142 53.59 4.17 -7.12
N ASN G 143 54.66 3.37 -7.20
CA ASN G 143 55.39 2.93 -5.99
C ASN G 143 55.64 4.14 -5.09
N GLY G 144 55.23 4.06 -3.83
CA GLY G 144 55.58 5.04 -2.78
C GLY G 144 54.75 6.31 -2.84
N LYS G 145 53.85 6.43 -3.83
CA LYS G 145 52.91 7.57 -3.97
C LYS G 145 51.72 7.33 -3.03
N THR G 146 50.90 8.37 -2.81
CA THR G 146 49.77 8.35 -1.85
C THR G 146 48.44 8.45 -2.62
N LEU G 147 47.61 7.43 -2.47
CA LEU G 147 46.23 7.36 -3.01
C LEU G 147 45.27 7.63 -1.86
N GLY G 148 44.31 8.53 -2.09
CA GLY G 148 43.21 8.85 -1.17
C GLY G 148 41.91 8.23 -1.63
N ILE G 149 41.39 7.30 -0.85
CA ILE G 149 40.10 6.60 -1.12
C ILE G 149 38.99 7.22 -0.24
N LEU G 150 38.03 7.89 -0.87
CA LEU G 150 36.83 8.49 -0.20
C LEU G 150 35.66 7.55 -0.43
N GLY G 151 35.34 6.71 0.57
CA GLY G 151 34.18 5.79 0.49
C GLY G 151 34.62 4.36 0.67
N LEU G 152 34.94 4.00 1.91
CA LEU G 152 35.59 2.70 2.25
C LEU G 152 34.51 1.63 2.39
N GLY G 153 33.61 1.56 1.41
CA GLY G 153 32.64 0.46 1.23
C GLY G 153 33.32 -0.77 0.68
N ARG G 154 32.61 -1.54 -0.15
CA ARG G 154 33.15 -2.80 -0.75
C ARG G 154 34.18 -2.41 -1.81
N ILE G 155 33.74 -1.67 -2.84
CA ILE G 155 34.59 -1.22 -3.98
C ILE G 155 35.83 -0.50 -3.44
N GLY G 156 35.65 0.31 -2.41
CA GLY G 156 36.73 1.15 -1.87
C GLY G 156 37.87 0.29 -1.36
N ARG G 157 37.54 -0.80 -0.66
CA ARG G 157 38.54 -1.68 -0.01
C ARG G 157 39.15 -2.58 -1.09
N GLU G 158 38.39 -2.97 -2.12
CA GLU G 158 38.94 -3.82 -3.22
C GLU G 158 39.99 -2.97 -3.95
N VAL G 159 39.69 -1.71 -4.27
CA VAL G 159 40.66 -0.74 -4.88
C VAL G 159 41.88 -0.62 -3.98
N ALA G 160 41.74 -0.59 -2.66
CA ALA G 160 42.84 -0.36 -1.71
C ALA G 160 43.83 -1.55 -1.73
N THR G 161 43.34 -2.78 -1.58
CA THR G 161 44.15 -4.02 -1.49
C THR G 161 44.93 -4.22 -2.80
N ARG G 162 44.37 -3.85 -3.95
CA ARG G 162 45.03 -3.95 -5.27
C ARG G 162 46.18 -2.95 -5.34
N MET G 163 45.89 -1.66 -5.14
CA MET G 163 46.88 -0.57 -5.32
C MET G 163 47.93 -0.62 -4.19
N GLN G 164 47.65 -1.32 -3.09
CA GLN G 164 48.65 -1.64 -2.04
C GLN G 164 49.78 -2.45 -2.68
N SER G 165 49.43 -3.44 -3.51
CA SER G 165 50.36 -4.41 -4.13
C SER G 165 51.35 -3.67 -5.06
N PHE G 166 51.00 -2.48 -5.55
CA PHE G 166 51.87 -1.57 -6.34
C PHE G 166 52.72 -0.69 -5.44
N GLY G 167 52.52 -0.78 -4.12
CA GLY G 167 53.32 -0.06 -3.11
C GLY G 167 52.84 1.36 -2.87
N MET G 168 51.55 1.61 -3.05
CA MET G 168 50.92 2.94 -2.81
C MET G 168 50.49 3.02 -1.33
N LYS G 169 50.60 4.21 -0.74
CA LYS G 169 49.99 4.53 0.57
C LYS G 169 48.51 4.78 0.34
N THR G 170 47.66 4.00 0.98
CA THR G 170 46.19 4.16 0.94
C THR G 170 45.74 4.83 2.22
N ILE G 171 45.64 6.15 2.19
CA ILE G 171 44.89 6.95 3.21
C ILE G 171 43.49 7.20 2.64
N GLY G 172 42.47 7.26 3.50
CA GLY G 172 41.08 7.50 3.06
C GLY G 172 40.22 8.08 4.17
N TYR G 173 38.96 8.32 3.87
CA TYR G 173 37.97 8.89 4.81
C TYR G 173 36.61 8.26 4.54
N ASP G 174 35.95 7.79 5.59
CA ASP G 174 34.53 7.39 5.54
C ASP G 174 33.93 7.52 6.93
N PRO G 175 32.84 8.31 7.08
CA PRO G 175 32.25 8.61 8.38
C PRO G 175 31.47 7.44 9.00
N ILE G 176 31.17 6.40 8.23
CA ILE G 176 30.44 5.19 8.70
C ILE G 176 31.44 4.21 9.30
N ILE G 177 32.57 3.96 8.64
CA ILE G 177 33.49 2.84 9.03
C ILE G 177 34.52 3.41 10.01
N SER G 178 34.80 2.68 11.10
CA SER G 178 35.72 3.09 12.19
C SER G 178 37.16 3.01 11.70
N PRO G 179 38.05 3.91 12.14
CA PRO G 179 39.49 3.77 11.90
C PRO G 179 40.02 2.35 12.14
N GLU G 180 39.45 1.62 13.12
CA GLU G 180 39.89 0.25 13.50
C GLU G 180 39.63 -0.74 12.36
N VAL G 181 38.54 -0.58 11.60
CA VAL G 181 38.12 -1.52 10.52
C VAL G 181 38.80 -1.12 9.19
N SER G 182 38.92 0.18 8.90
CA SER G 182 39.64 0.70 7.71
C SER G 182 41.09 0.22 7.77
N ALA G 183 41.75 0.41 8.91
CA ALA G 183 43.14 0.00 9.20
C ALA G 183 43.32 -1.48 8.85
N SER G 184 42.28 -2.28 9.09
CA SER G 184 42.29 -3.75 8.93
C SER G 184 42.31 -4.15 7.44
N PHE G 185 42.18 -3.22 6.50
CA PHE G 185 42.55 -3.47 5.08
C PHE G 185 43.48 -2.34 4.60
N GLY G 186 44.33 -1.87 5.51
CA GLY G 186 45.56 -1.13 5.18
C GLY G 186 45.29 0.29 4.79
N VAL G 187 44.04 0.75 4.85
CA VAL G 187 43.67 2.18 4.70
C VAL G 187 43.73 2.84 6.07
N GLN G 188 44.66 3.79 6.27
CA GLN G 188 44.70 4.68 7.45
C GLN G 188 43.68 5.78 7.22
N GLN G 189 42.85 6.07 8.22
CA GLN G 189 41.75 7.06 8.09
C GLN G 189 42.20 8.39 8.69
N LEU G 190 41.87 9.51 8.03
CA LEU G 190 42.10 10.89 8.55
C LEU G 190 40.89 11.76 8.24
N PRO G 191 40.73 12.92 8.91
CA PRO G 191 39.68 13.86 8.52
C PRO G 191 40.04 14.43 7.14
N LEU G 192 39.01 14.70 6.34
CA LEU G 192 39.11 15.22 4.94
C LEU G 192 40.14 16.36 4.87
N GLU G 193 40.03 17.39 5.71
CA GLU G 193 40.88 18.60 5.63
C GLU G 193 42.37 18.21 5.65
N GLU G 194 42.71 17.06 6.25
CA GLU G 194 44.11 16.57 6.40
C GLU G 194 44.50 15.64 5.24
N ILE G 195 43.54 15.17 4.44
CA ILE G 195 43.76 14.21 3.31
C ILE G 195 44.20 14.94 2.04
N TRP G 196 43.53 16.02 1.66
CA TRP G 196 43.75 16.70 0.36
C TRP G 196 45.25 16.88 0.10
N PRO G 197 46.03 17.50 1.02
CA PRO G 197 47.43 17.86 0.73
C PRO G 197 48.44 16.70 0.70
N LEU G 198 48.07 15.51 1.19
CA LEU G 198 48.96 14.31 1.22
C LEU G 198 48.86 13.52 -0.09
N CYS G 199 47.74 13.64 -0.79
CA CYS G 199 47.37 12.80 -1.96
C CYS G 199 48.05 13.28 -3.25
N ASP G 200 48.59 12.32 -4.01
CA ASP G 200 49.01 12.48 -5.43
C ASP G 200 47.90 11.94 -6.33
N PHE G 201 47.07 11.06 -5.77
CA PHE G 201 45.90 10.45 -6.45
C PHE G 201 44.75 10.35 -5.47
N ILE G 202 43.54 10.65 -5.95
CA ILE G 202 42.29 10.56 -5.15
C ILE G 202 41.25 9.85 -6.03
N THR G 203 40.65 8.77 -5.51
CA THR G 203 39.45 8.13 -6.13
C THR G 203 38.29 8.19 -5.15
N VAL G 204 37.06 8.19 -5.65
CA VAL G 204 35.83 8.33 -4.83
C VAL G 204 34.94 7.10 -5.06
N HIS G 205 34.43 6.51 -3.98
CA HIS G 205 33.60 5.26 -4.00
C HIS G 205 32.47 5.39 -2.97
N THR G 206 31.63 6.42 -3.16
CA THR G 206 30.47 6.74 -2.29
C THR G 206 29.21 6.74 -3.14
N PRO G 207 28.03 6.52 -2.51
CA PRO G 207 26.76 6.69 -3.21
C PRO G 207 26.52 8.20 -3.39
N LEU G 208 25.66 8.57 -4.34
CA LEU G 208 25.39 10.01 -4.56
C LEU G 208 24.40 10.51 -3.49
N LEU G 209 24.90 11.30 -2.53
CA LEU G 209 24.11 11.90 -1.42
C LEU G 209 24.40 13.39 -1.36
N PRO G 210 23.61 14.18 -0.61
CA PRO G 210 23.94 15.59 -0.41
C PRO G 210 25.25 15.79 0.35
N SER G 211 25.60 14.87 1.27
CA SER G 211 26.87 14.89 2.06
C SER G 211 28.08 14.60 1.16
N THR G 212 27.82 14.12 -0.06
CA THR G 212 28.82 13.57 -1.03
C THR G 212 28.86 14.45 -2.29
N THR G 213 27.70 14.94 -2.77
CA THR G 213 27.58 15.81 -3.95
C THR G 213 28.63 16.92 -3.86
N GLY G 214 29.37 17.17 -4.94
CA GLY G 214 30.42 18.18 -5.03
C GLY G 214 31.52 18.01 -3.98
N LEU G 215 31.79 16.77 -3.56
CA LEU G 215 32.83 16.43 -2.55
C LEU G 215 34.15 17.07 -2.98
N LEU G 216 34.47 16.94 -4.26
CA LEU G 216 35.54 17.75 -4.89
C LEU G 216 34.88 18.93 -5.60
N ASN G 217 35.27 20.12 -5.16
CA ASN G 217 34.71 21.45 -5.55
C ASN G 217 35.86 22.43 -5.59
N ASP G 218 35.63 23.66 -6.02
CA ASP G 218 36.70 24.69 -6.14
C ASP G 218 37.54 24.72 -4.86
N ASN G 219 36.93 24.44 -3.69
CA ASN G 219 37.51 24.70 -2.35
C ASN G 219 38.44 23.56 -1.91
N THR G 220 37.97 22.32 -2.01
CA THR G 220 38.77 21.10 -1.75
C THR G 220 39.94 21.04 -2.75
N PHE G 221 39.65 21.11 -4.06
CA PHE G 221 40.66 21.10 -5.15
C PHE G 221 41.83 22.03 -4.79
N ALA G 222 41.56 23.19 -4.18
CA ALA G 222 42.58 24.19 -3.80
C ALA G 222 43.44 23.68 -2.63
N GLN G 223 42.92 22.82 -1.76
CA GLN G 223 43.67 22.27 -0.59
C GLN G 223 44.52 21.07 -1.00
N CYS G 224 44.30 20.52 -2.20
CA CYS G 224 45.02 19.36 -2.80
C CYS G 224 46.45 19.77 -3.21
N LYS G 225 47.36 18.78 -3.27
CA LYS G 225 48.72 18.91 -3.88
C LYS G 225 48.58 19.44 -5.31
N LYS G 226 49.44 20.39 -5.71
CA LYS G 226 49.46 20.88 -7.12
C LYS G 226 49.78 19.68 -8.02
N GLY G 227 48.86 19.32 -8.92
CA GLY G 227 49.01 18.22 -9.88
C GLY G 227 48.45 16.91 -9.36
N VAL G 228 47.54 16.97 -8.38
CA VAL G 228 46.79 15.77 -7.93
C VAL G 228 46.07 15.22 -9.15
N ARG G 229 45.70 13.94 -9.13
CA ARG G 229 44.95 13.28 -10.22
C ARG G 229 43.78 12.50 -9.64
N VAL G 230 42.63 12.50 -10.32
CA VAL G 230 41.32 12.16 -9.71
C VAL G 230 40.59 11.12 -10.58
N VAL G 231 39.95 10.16 -9.94
CA VAL G 231 39.19 9.07 -10.64
C VAL G 231 37.76 9.03 -10.08
N ASN G 232 36.76 9.33 -10.90
CA ASN G 232 35.34 9.08 -10.53
C ASN G 232 34.83 7.90 -11.37
N CYS G 233 34.68 6.73 -10.74
CA CYS G 233 34.05 5.51 -11.31
C CYS G 233 32.80 5.14 -10.51
N ALA G 234 32.33 6.04 -9.64
CA ALA G 234 31.19 5.81 -8.72
C ALA G 234 29.91 6.44 -9.29
N ARG G 235 29.68 7.72 -9.02
CA ARG G 235 28.47 8.44 -9.49
C ARG G 235 28.86 9.82 -10.01
N GLY G 236 28.14 10.27 -11.04
CA GLY G 236 28.31 11.60 -11.65
C GLY G 236 28.01 12.70 -10.63
N GLY G 237 28.98 13.59 -10.39
CA GLY G 237 28.81 14.81 -9.60
C GLY G 237 29.41 14.71 -8.20
N ILE G 238 29.80 13.52 -7.76
CA ILE G 238 30.58 13.38 -6.49
C ILE G 238 31.78 14.32 -6.63
N VAL G 239 32.41 14.29 -7.81
CA VAL G 239 33.38 15.32 -8.28
C VAL G 239 32.58 16.30 -9.12
N ASP G 240 32.51 17.55 -8.65
CA ASP G 240 31.83 18.66 -9.35
C ASP G 240 32.50 18.83 -10.72
N GLU G 241 31.76 18.53 -11.79
CA GLU G 241 32.24 18.56 -13.18
C GLU G 241 32.83 19.94 -13.47
N GLY G 242 32.03 21.01 -13.39
CA GLY G 242 32.49 22.40 -13.55
C GLY G 242 33.79 22.66 -12.81
N ALA G 243 33.88 22.21 -11.55
CA ALA G 243 35.00 22.53 -10.63
C ALA G 243 36.31 21.93 -11.16
N LEU G 244 36.28 20.63 -11.45
CA LEU G 244 37.38 19.85 -12.10
C LEU G 244 37.90 20.59 -13.35
N LEU G 245 37.02 20.92 -14.30
CA LEU G 245 37.38 21.63 -15.54
C LEU G 245 38.36 22.78 -15.25
N ARG G 246 38.08 23.59 -14.23
CA ARG G 246 38.91 24.78 -13.89
C ARG G 246 40.22 24.32 -13.24
N ALA G 247 40.20 23.18 -12.55
CA ALA G 247 41.38 22.61 -11.85
C ALA G 247 42.38 22.06 -12.89
N LEU G 248 41.87 21.51 -13.99
CA LEU G 248 42.68 21.03 -15.14
C LEU G 248 43.28 22.24 -15.84
N GLN G 249 42.50 23.32 -16.00
CA GLN G 249 42.88 24.51 -16.79
C GLN G 249 43.97 25.28 -16.04
N SER G 250 43.89 25.29 -14.71
CA SER G 250 44.86 25.97 -13.81
C SER G 250 46.12 25.13 -13.67
N GLY G 251 45.98 23.80 -13.75
CA GLY G 251 47.06 22.84 -13.46
C GLY G 251 47.03 22.35 -12.03
N GLN G 252 46.12 22.86 -11.20
CA GLN G 252 45.91 22.34 -9.83
C GLN G 252 45.62 20.84 -9.94
N CYS G 253 44.85 20.42 -10.95
CA CYS G 253 44.64 19.00 -11.33
C CYS G 253 45.47 18.65 -12.59
N ALA G 254 46.35 17.66 -12.47
CA ALA G 254 47.27 17.20 -13.55
C ALA G 254 46.53 16.33 -14.56
N GLY G 255 45.48 15.61 -14.14
CA GLY G 255 44.60 14.87 -15.05
C GLY G 255 43.51 14.15 -14.31
N ALA G 256 42.52 13.63 -15.03
CA ALA G 256 41.31 13.02 -14.42
C ALA G 256 40.79 11.88 -15.30
N ALA G 257 40.15 10.92 -14.65
CA ALA G 257 39.50 9.75 -15.28
C ALA G 257 38.03 9.71 -14.83
N LEU G 258 37.10 9.67 -15.78
CA LEU G 258 35.66 9.68 -15.49
C LEU G 258 34.98 8.51 -16.19
N ASP G 259 34.27 7.67 -15.44
CA ASP G 259 33.34 6.63 -16.01
C ASP G 259 31.89 7.12 -15.87
N VAL G 260 31.67 8.21 -15.13
CA VAL G 260 30.30 8.66 -14.74
C VAL G 260 30.16 10.17 -14.88
N PHE G 261 29.00 10.58 -15.36
CA PHE G 261 28.66 11.99 -15.68
C PHE G 261 27.27 12.30 -15.09
N THR G 262 26.99 13.58 -14.85
CA THR G 262 25.68 14.11 -14.37
C THR G 262 24.60 13.77 -15.40
N GLU G 263 24.84 14.17 -16.66
CA GLU G 263 24.05 13.73 -17.85
C GLU G 263 24.82 12.62 -18.56
N GLU G 264 24.16 11.49 -18.85
CA GLU G 264 24.77 10.31 -19.53
C GLU G 264 23.92 9.95 -20.75
N PRO G 265 24.31 10.29 -22.00
CA PRO G 265 25.61 10.89 -22.32
C PRO G 265 25.70 12.40 -22.06
N PRO G 266 26.91 12.94 -21.81
CA PRO G 266 27.06 14.34 -21.38
C PRO G 266 27.01 15.35 -22.54
N ARG G 267 26.19 16.39 -22.39
CA ARG G 267 25.99 17.48 -23.39
C ARG G 267 27.14 18.48 -23.26
N ASP G 268 27.51 18.84 -22.02
CA ASP G 268 28.69 19.67 -21.73
C ASP G 268 29.93 18.86 -22.10
N ARG G 269 30.41 19.02 -23.34
CA ARG G 269 31.58 18.31 -23.90
C ARG G 269 32.86 19.14 -23.69
N ALA G 270 33.00 19.76 -22.52
CA ALA G 270 34.19 20.56 -22.14
C ALA G 270 35.28 19.62 -21.59
N LEU G 271 34.88 18.70 -20.71
CA LEU G 271 35.77 17.83 -19.91
C LEU G 271 36.31 16.72 -20.81
N VAL G 272 35.45 15.81 -21.25
CA VAL G 272 35.80 14.69 -22.15
C VAL G 272 36.86 15.21 -23.11
N ASP G 273 36.59 16.34 -23.76
CA ASP G 273 37.43 16.89 -24.87
C ASP G 273 38.82 17.35 -24.37
N HIS G 274 39.00 17.64 -23.07
CA HIS G 274 40.29 18.13 -22.49
C HIS G 274 41.36 17.05 -22.71
N GLU G 275 42.62 17.43 -22.94
CA GLU G 275 43.68 16.47 -23.36
C GLU G 275 44.13 15.56 -22.21
N ASN G 276 43.83 15.94 -20.95
CA ASN G 276 44.22 15.17 -19.73
C ASN G 276 42.99 14.50 -19.11
N VAL G 277 41.93 14.26 -19.88
CA VAL G 277 40.74 13.51 -19.38
C VAL G 277 40.63 12.17 -20.11
N ILE G 278 40.82 11.10 -19.35
CA ILE G 278 40.44 9.72 -19.74
C ILE G 278 38.96 9.56 -19.42
N SER G 279 38.19 8.97 -20.36
CA SER G 279 36.71 8.91 -20.30
C SER G 279 36.21 7.56 -20.82
N CYS G 280 35.04 7.11 -20.34
CA CYS G 280 34.38 5.84 -20.71
C CYS G 280 32.87 5.98 -20.61
N PRO G 281 32.11 5.46 -21.60
CA PRO G 281 30.65 5.46 -21.52
C PRO G 281 30.05 4.52 -20.44
N HIS G 282 30.39 4.76 -19.17
CA HIS G 282 29.85 4.02 -17.99
C HIS G 282 30.02 2.51 -18.18
N LEU G 283 31.27 2.01 -18.10
CA LEU G 283 31.66 0.59 -18.32
C LEU G 283 32.06 -0.11 -17.01
N GLY G 284 31.83 0.52 -15.85
CA GLY G 284 32.23 -0.02 -14.54
C GLY G 284 31.67 -1.40 -14.27
N ALA G 285 30.45 -1.67 -14.76
CA ALA G 285 29.75 -2.97 -14.63
C ALA G 285 29.55 -3.60 -16.01
N SER G 286 30.28 -3.10 -17.03
CA SER G 286 30.27 -3.60 -18.44
C SER G 286 31.33 -4.70 -18.58
N THR G 287 31.01 -5.89 -18.04
CA THR G 287 31.76 -7.16 -18.20
C THR G 287 30.75 -8.31 -18.18
N LYS G 288 30.82 -9.22 -19.16
CA LYS G 288 29.99 -10.45 -19.23
C LYS G 288 29.99 -11.10 -17.85
N GLU G 289 31.17 -11.15 -17.20
CA GLU G 289 31.38 -11.83 -15.89
C GLU G 289 30.39 -11.24 -14.86
N ALA G 290 30.36 -9.90 -14.72
CA ALA G 290 29.58 -9.18 -13.68
C ALA G 290 28.08 -9.25 -13.96
N GLN G 291 27.66 -8.78 -15.14
CA GLN G 291 26.22 -8.64 -15.47
C GLN G 291 25.49 -9.96 -15.27
N SER G 292 26.19 -11.09 -15.45
CA SER G 292 25.63 -12.44 -15.23
C SER G 292 25.43 -12.67 -13.73
N ARG G 293 26.42 -12.29 -12.92
CA ARG G 293 26.39 -12.46 -11.44
C ARG G 293 25.29 -11.58 -10.85
N CYS G 294 25.20 -10.31 -11.29
CA CYS G 294 24.12 -9.37 -10.95
C CYS G 294 22.80 -10.00 -11.39
N GLY G 295 22.56 -10.08 -12.70
CA GLY G 295 21.37 -10.67 -13.33
C GLY G 295 20.92 -11.95 -12.65
N GLU G 296 21.87 -12.78 -12.19
CA GLU G 296 21.59 -14.06 -11.50
C GLU G 296 21.10 -13.74 -10.08
N GLU G 297 21.81 -12.86 -9.38
CA GLU G 297 21.60 -12.55 -7.94
C GLU G 297 20.26 -11.83 -7.72
N ILE G 298 19.80 -11.07 -8.73
CA ILE G 298 18.52 -10.29 -8.68
C ILE G 298 17.34 -11.25 -8.96
N ALA G 299 17.44 -12.06 -10.00
CA ALA G 299 16.39 -13.01 -10.45
C ALA G 299 16.12 -14.04 -9.35
N VAL G 300 17.16 -14.41 -8.58
CA VAL G 300 17.04 -15.28 -7.37
C VAL G 300 16.04 -14.60 -6.42
N GLN G 301 16.36 -13.36 -6.02
CA GLN G 301 15.59 -12.57 -5.01
C GLN G 301 14.11 -12.50 -5.40
N PHE G 302 13.79 -12.32 -6.68
CA PHE G 302 12.41 -12.28 -7.24
C PHE G 302 11.71 -13.64 -7.03
N VAL G 303 12.36 -14.72 -7.44
CA VAL G 303 11.81 -16.12 -7.34
C VAL G 303 11.72 -16.51 -5.85
N ASP G 304 12.73 -16.15 -5.05
CA ASP G 304 12.80 -16.46 -3.59
C ASP G 304 11.48 -16.07 -2.90
N MET G 305 10.88 -14.92 -3.25
CA MET G 305 9.67 -14.38 -2.57
C MET G 305 8.36 -14.92 -3.22
N VAL G 306 8.36 -15.19 -4.53
CA VAL G 306 7.21 -15.85 -5.23
C VAL G 306 7.36 -17.36 -5.06
N LEU H 5 23.61 -14.41 -44.74
CA LEU H 5 23.03 -14.60 -43.38
C LEU H 5 21.79 -13.71 -43.19
N ARG H 6 21.05 -13.36 -44.25
CA ARG H 6 20.29 -12.08 -44.36
C ARG H 6 18.87 -12.21 -44.92
N LYS H 7 18.37 -13.40 -45.30
CA LYS H 7 16.96 -13.56 -45.79
C LYS H 7 16.33 -14.83 -45.23
N VAL H 8 15.20 -14.67 -44.52
CA VAL H 8 14.45 -15.75 -43.80
C VAL H 8 13.13 -16.03 -44.52
N LEU H 9 12.57 -17.22 -44.30
CA LEU H 9 11.24 -17.64 -44.82
C LEU H 9 10.45 -18.25 -43.66
N ILE H 10 9.27 -17.72 -43.35
CA ILE H 10 8.32 -18.31 -42.35
C ILE H 10 7.30 -19.12 -43.16
N SER H 11 7.30 -20.44 -43.00
CA SER H 11 6.59 -21.39 -43.91
C SER H 11 5.23 -21.79 -43.33
N ASP H 12 4.91 -21.36 -42.11
CA ASP H 12 3.66 -21.75 -41.40
C ASP H 12 2.93 -20.52 -40.84
N SER H 13 1.64 -20.68 -40.54
CA SER H 13 0.82 -19.71 -39.79
C SER H 13 1.53 -19.39 -38.46
N LEU H 14 2.20 -18.24 -38.42
CA LEU H 14 2.90 -17.75 -37.20
C LEU H 14 2.41 -16.34 -36.88
N ASP H 15 2.31 -16.01 -35.59
CA ASP H 15 1.89 -14.66 -35.08
C ASP H 15 2.60 -13.59 -35.90
N PRO H 16 1.88 -12.52 -36.34
CA PRO H 16 2.51 -11.41 -37.05
C PRO H 16 3.83 -10.92 -36.44
N CYS H 17 3.94 -10.88 -35.11
CA CYS H 17 5.05 -10.24 -34.36
C CYS H 17 6.40 -10.88 -34.69
N CYS H 18 6.41 -12.14 -35.16
CA CYS H 18 7.64 -12.84 -35.64
C CYS H 18 8.25 -12.02 -36.79
N ARG H 19 7.56 -11.99 -37.94
CA ARG H 19 8.01 -11.24 -39.14
C ARG H 19 8.46 -9.84 -38.73
N LYS H 20 7.71 -9.16 -37.85
CA LYS H 20 8.04 -7.80 -37.38
C LYS H 20 9.46 -7.80 -36.80
N ILE H 21 9.68 -8.51 -35.70
CA ILE H 21 10.95 -8.48 -34.91
C ILE H 21 12.13 -8.86 -35.82
N LEU H 22 11.91 -9.72 -36.82
CA LEU H 22 12.92 -10.13 -37.84
C LEU H 22 13.33 -8.91 -38.66
N GLN H 23 12.38 -8.29 -39.38
CA GLN H 23 12.61 -7.07 -40.21
C GLN H 23 13.14 -5.96 -39.29
N ASP H 24 12.54 -5.81 -38.10
CA ASP H 24 12.98 -4.93 -36.98
C ASP H 24 14.47 -5.14 -36.70
N GLY H 25 14.92 -6.40 -36.68
CA GLY H 25 16.34 -6.79 -36.52
C GLY H 25 17.18 -6.37 -37.71
N GLY H 26 16.64 -6.53 -38.92
CA GLY H 26 17.21 -5.96 -40.17
C GLY H 26 17.53 -7.03 -41.21
N LEU H 27 16.53 -7.82 -41.61
CA LEU H 27 16.66 -8.85 -42.68
C LEU H 27 15.30 -9.10 -43.37
N GLN H 28 15.31 -9.36 -44.67
CA GLN H 28 14.13 -9.66 -45.52
C GLN H 28 13.38 -10.86 -44.91
N VAL H 29 12.06 -10.96 -45.16
CA VAL H 29 11.19 -12.07 -44.67
C VAL H 29 10.18 -12.41 -45.77
N VAL H 30 9.62 -13.62 -45.74
CA VAL H 30 8.62 -14.13 -46.74
C VAL H 30 7.57 -14.96 -45.99
N GLU H 31 6.45 -14.33 -45.59
CA GLU H 31 5.34 -15.04 -44.90
C GLU H 31 4.54 -15.81 -45.95
N LYS H 32 4.67 -17.14 -45.95
CA LYS H 32 3.93 -18.08 -46.83
C LYS H 32 3.28 -19.14 -45.94
N GLN H 33 2.42 -19.99 -46.51
CA GLN H 33 1.57 -20.93 -45.74
C GLN H 33 1.20 -22.15 -46.58
N ASN H 34 0.92 -23.28 -45.92
CA ASN H 34 0.51 -24.58 -46.50
C ASN H 34 1.18 -24.83 -47.86
N LEU H 35 2.49 -24.54 -47.97
CA LEU H 35 3.27 -24.71 -49.23
C LEU H 35 3.48 -26.20 -49.52
N SER H 36 3.53 -26.56 -50.81
CA SER H 36 3.81 -27.93 -51.30
C SER H 36 5.33 -28.15 -51.35
N LYS H 37 5.77 -29.41 -51.34
CA LYS H 37 7.20 -29.79 -51.20
C LYS H 37 8.04 -29.06 -52.26
N GLU H 38 7.70 -29.21 -53.55
CA GLU H 38 8.43 -28.58 -54.70
C GLU H 38 8.30 -27.05 -54.62
N GLU H 39 7.15 -26.54 -54.17
CA GLU H 39 6.85 -25.09 -54.01
C GLU H 39 7.79 -24.53 -52.92
N LEU H 40 7.99 -25.30 -51.85
CA LEU H 40 8.88 -24.96 -50.71
C LEU H 40 10.33 -24.84 -51.23
N ILE H 41 10.86 -25.92 -51.80
CA ILE H 41 12.28 -26.02 -52.27
C ILE H 41 12.59 -24.82 -53.16
N ALA H 42 11.75 -24.54 -54.16
CA ALA H 42 11.88 -23.45 -55.14
C ALA H 42 12.00 -22.10 -54.41
N GLU H 43 11.12 -21.87 -53.43
CA GLU H 43 11.06 -20.64 -52.59
C GLU H 43 12.35 -20.54 -51.76
N LEU H 44 12.87 -21.68 -51.30
CA LEU H 44 14.00 -21.77 -50.35
C LEU H 44 15.35 -21.45 -51.02
N GLN H 45 15.41 -21.44 -52.36
CA GLN H 45 16.68 -21.53 -53.14
C GLN H 45 17.55 -20.27 -52.98
N ASP H 46 17.06 -19.22 -52.30
CA ASP H 46 17.85 -18.00 -51.98
C ASP H 46 17.49 -17.48 -50.59
N CYS H 47 17.07 -18.37 -49.68
CA CYS H 47 16.76 -18.08 -48.25
C CYS H 47 17.83 -18.70 -47.35
N GLU H 48 18.50 -17.86 -46.54
CA GLU H 48 19.55 -18.29 -45.58
C GLU H 48 18.89 -18.95 -44.36
N GLY H 49 17.73 -18.45 -43.93
CA GLY H 49 16.99 -18.97 -42.76
C GLY H 49 15.66 -19.59 -43.14
N LEU H 50 15.11 -20.45 -42.28
CA LEU H 50 13.73 -21.00 -42.39
C LEU H 50 13.17 -21.17 -40.98
N ILE H 51 11.98 -20.61 -40.71
CA ILE H 51 11.22 -20.84 -39.46
C ILE H 51 9.97 -21.66 -39.80
N VAL H 52 9.64 -22.62 -38.95
CA VAL H 52 8.52 -23.57 -39.17
C VAL H 52 7.78 -23.80 -37.85
N ARG H 53 6.53 -24.24 -37.96
CA ARG H 53 5.69 -24.72 -36.83
C ARG H 53 5.75 -26.25 -36.88
N SER H 54 4.61 -26.94 -36.75
CA SER H 54 4.52 -28.42 -36.78
C SER H 54 4.11 -28.91 -38.19
N ALA H 55 3.53 -28.02 -39.01
CA ALA H 55 2.94 -28.36 -40.33
C ALA H 55 4.07 -28.72 -41.29
N THR H 56 4.93 -27.75 -41.63
CA THR H 56 6.08 -27.94 -42.55
C THR H 56 6.95 -29.10 -42.03
N LYS H 57 7.30 -30.04 -42.92
CA LYS H 57 8.21 -31.18 -42.63
C LYS H 57 9.52 -30.95 -43.41
N VAL H 58 10.62 -30.72 -42.70
CA VAL H 58 11.97 -30.43 -43.28
C VAL H 58 12.68 -31.77 -43.50
N THR H 59 12.29 -32.49 -44.56
CA THR H 59 12.75 -33.85 -44.93
C THR H 59 14.23 -33.80 -45.35
N ALA H 60 14.82 -34.98 -45.60
CA ALA H 60 16.17 -35.15 -46.18
C ALA H 60 16.27 -34.31 -47.46
N ASP H 61 15.31 -34.50 -48.37
CA ASP H 61 15.26 -33.93 -49.75
C ASP H 61 15.32 -32.40 -49.71
N VAL H 62 14.49 -31.81 -48.86
CA VAL H 62 14.29 -30.34 -48.74
C VAL H 62 15.63 -29.68 -48.37
N ILE H 63 16.32 -30.19 -47.34
CA ILE H 63 17.59 -29.62 -46.81
C ILE H 63 18.64 -29.59 -47.93
N ASN H 64 18.67 -30.64 -48.77
CA ASN H 64 19.71 -30.86 -49.80
C ASN H 64 19.39 -30.06 -51.07
N ALA H 65 18.15 -29.59 -51.23
CA ALA H 65 17.70 -28.76 -52.37
C ALA H 65 17.80 -27.27 -52.01
N ALA H 66 18.20 -26.98 -50.76
CA ALA H 66 18.32 -25.62 -50.19
C ALA H 66 19.80 -25.27 -50.03
N GLU H 67 20.47 -24.94 -51.13
CA GLU H 67 21.96 -24.84 -51.22
C GLU H 67 22.49 -23.80 -50.22
N LYS H 68 21.68 -22.83 -49.80
CA LYS H 68 22.11 -21.65 -49.01
C LYS H 68 21.62 -21.74 -47.56
N LEU H 69 20.84 -22.76 -47.21
CA LEU H 69 20.14 -22.88 -45.89
C LEU H 69 21.15 -23.04 -44.76
N GLN H 70 21.36 -21.98 -43.97
CA GLN H 70 22.36 -21.94 -42.85
C GLN H 70 21.68 -22.30 -41.51
N VAL H 71 20.37 -22.04 -41.34
CA VAL H 71 19.69 -22.19 -40.01
C VAL H 71 18.20 -22.53 -40.19
N VAL H 72 17.67 -23.36 -39.30
CA VAL H 72 16.24 -23.81 -39.28
C VAL H 72 15.72 -23.63 -37.86
N GLY H 73 14.86 -22.61 -37.68
CA GLY H 73 14.17 -22.33 -36.40
C GLY H 73 12.82 -23.03 -36.33
N ARG H 74 12.40 -23.39 -35.12
CA ARG H 74 11.06 -23.98 -34.89
C ARG H 74 10.37 -23.19 -33.79
N ALA H 75 9.21 -22.60 -34.12
CA ALA H 75 8.32 -21.87 -33.17
C ALA H 75 7.52 -22.92 -32.41
N GLY H 76 8.14 -23.50 -31.39
CA GLY H 76 7.57 -24.54 -30.51
C GLY H 76 8.68 -25.25 -29.74
N THR H 77 8.32 -26.26 -28.97
CA THR H 77 9.25 -27.09 -28.16
C THR H 77 9.39 -28.44 -28.84
N GLY H 78 10.63 -28.86 -29.13
CA GLY H 78 10.92 -30.10 -29.87
C GLY H 78 10.99 -29.84 -31.37
N VAL H 79 11.65 -30.73 -32.12
CA VAL H 79 11.96 -30.54 -33.57
C VAL H 79 11.76 -31.88 -34.31
N ASP H 80 10.75 -32.63 -33.90
CA ASP H 80 10.39 -33.98 -34.40
C ASP H 80 9.91 -33.89 -35.87
N ASN H 81 10.07 -32.75 -36.53
CA ASN H 81 9.64 -32.53 -37.93
C ASN H 81 10.83 -32.02 -38.76
N VAL H 82 12.06 -32.16 -38.24
CA VAL H 82 13.32 -31.81 -38.96
C VAL H 82 14.28 -33.00 -38.87
N ASP H 83 14.72 -33.50 -40.04
CA ASP H 83 15.75 -34.56 -40.20
C ASP H 83 17.06 -34.01 -39.60
N LEU H 84 17.41 -34.45 -38.38
CA LEU H 84 18.62 -33.98 -37.66
C LEU H 84 19.87 -34.57 -38.31
N GLU H 85 19.82 -35.85 -38.75
CA GLU H 85 20.94 -36.50 -39.48
C GLU H 85 21.28 -35.63 -40.70
N ALA H 86 20.31 -35.37 -41.58
CA ALA H 86 20.49 -34.54 -42.79
C ALA H 86 20.93 -33.12 -42.40
N ALA H 87 20.43 -32.61 -41.26
CA ALA H 87 20.70 -31.24 -40.76
C ALA H 87 22.18 -31.11 -40.37
N THR H 88 22.68 -31.94 -39.45
CA THR H 88 24.09 -31.92 -38.96
C THR H 88 25.06 -32.14 -40.12
N ARG H 89 24.65 -32.87 -41.17
CA ARG H 89 25.50 -33.19 -42.36
C ARG H 89 25.90 -31.90 -43.08
N LYS H 90 24.96 -30.98 -43.31
CA LYS H 90 25.21 -29.71 -44.05
C LYS H 90 25.60 -28.59 -43.06
N GLY H 91 25.99 -28.94 -41.82
CA GLY H 91 26.48 -28.01 -40.79
C GLY H 91 25.42 -27.02 -40.32
N ILE H 92 24.14 -27.29 -40.60
CA ILE H 92 22.99 -26.39 -40.33
C ILE H 92 22.74 -26.32 -38.82
N LEU H 93 22.33 -25.15 -38.33
CA LEU H 93 21.86 -24.89 -36.94
C LEU H 93 20.35 -25.19 -36.87
N VAL H 94 19.90 -25.86 -35.82
CA VAL H 94 18.44 -26.08 -35.57
C VAL H 94 18.10 -25.51 -34.20
N MET H 95 17.21 -24.51 -34.14
CA MET H 95 16.86 -23.77 -32.89
C MET H 95 15.37 -23.93 -32.57
N ASN H 96 15.01 -23.82 -31.28
CA ASN H 96 13.61 -24.00 -30.83
C ASN H 96 13.33 -23.02 -29.68
N THR H 97 12.15 -23.13 -29.07
CA THR H 97 11.56 -22.17 -28.10
C THR H 97 10.94 -23.00 -26.98
N PRO H 98 11.77 -23.55 -26.09
CA PRO H 98 11.32 -24.51 -25.06
C PRO H 98 10.39 -23.90 -24.00
N ASN H 99 10.58 -22.61 -23.70
CA ASN H 99 9.78 -21.85 -22.68
C ASN H 99 8.38 -21.55 -23.25
N GLY H 100 8.32 -20.71 -24.29
CA GLY H 100 7.09 -20.02 -24.71
C GLY H 100 6.05 -20.94 -25.30
N ASN H 101 5.52 -21.92 -24.57
CA ASN H 101 4.58 -22.93 -25.10
C ASN H 101 4.08 -23.85 -23.98
N SER H 102 5.01 -24.26 -23.11
CA SER H 102 4.77 -25.14 -21.94
C SER H 102 3.40 -24.88 -21.34
N LEU H 103 3.12 -23.67 -20.86
CA LEU H 103 1.89 -23.39 -20.07
C LEU H 103 0.65 -23.77 -20.89
N SER H 104 0.54 -23.32 -22.14
CA SER H 104 -0.67 -23.58 -22.97
C SER H 104 -0.93 -25.08 -23.02
N ALA H 105 0.11 -25.88 -23.28
CA ALA H 105 0.03 -27.35 -23.38
C ALA H 105 -0.42 -27.97 -22.04
N ALA H 106 0.10 -27.47 -20.92
CA ALA H 106 -0.21 -27.98 -19.56
C ALA H 106 -1.69 -27.79 -19.28
N GLU H 107 -2.25 -26.66 -19.70
CA GLU H 107 -3.66 -26.30 -19.42
C GLU H 107 -4.55 -27.25 -20.23
N LEU H 108 -4.42 -27.25 -21.56
CA LEU H 108 -5.20 -28.18 -22.42
C LEU H 108 -5.19 -29.59 -21.81
N THR H 109 -4.05 -30.03 -21.25
CA THR H 109 -3.88 -31.39 -20.65
C THR H 109 -4.89 -31.55 -19.51
N CYS H 110 -4.85 -30.62 -18.53
CA CYS H 110 -5.78 -30.59 -17.35
C CYS H 110 -7.23 -30.48 -17.84
N GLY H 111 -7.48 -29.65 -18.85
CA GLY H 111 -8.76 -29.66 -19.57
C GLY H 111 -9.19 -31.09 -19.82
N MET H 112 -8.38 -31.82 -20.59
CA MET H 112 -8.62 -33.23 -21.03
C MET H 112 -8.98 -34.07 -19.81
N ILE H 113 -8.16 -34.01 -18.77
CA ILE H 113 -8.33 -34.88 -17.57
C ILE H 113 -9.74 -34.62 -17.02
N MET H 114 -10.08 -33.36 -16.72
CA MET H 114 -11.45 -32.97 -16.28
C MET H 114 -12.46 -33.46 -17.30
N CYS H 115 -12.33 -33.05 -18.55
CA CYS H 115 -13.24 -33.49 -19.66
C CYS H 115 -13.43 -35.01 -19.62
N LEU H 116 -12.39 -35.79 -19.32
CA LEU H 116 -12.46 -37.28 -19.25
C LEU H 116 -13.24 -37.71 -18.01
N ALA H 117 -12.95 -37.07 -16.87
CA ALA H 117 -13.55 -37.38 -15.55
C ALA H 117 -15.07 -37.18 -15.59
N ARG H 118 -15.56 -36.22 -16.39
CA ARG H 118 -16.97 -35.73 -16.33
C ARG H 118 -17.68 -35.82 -17.67
N GLN H 119 -16.95 -36.10 -18.75
CA GLN H 119 -17.53 -36.39 -20.09
C GLN H 119 -18.18 -35.12 -20.63
N ILE H 120 -17.61 -33.97 -20.31
CA ILE H 120 -18.17 -32.64 -20.69
C ILE H 120 -18.44 -32.62 -22.18
N PRO H 121 -17.48 -33.00 -23.06
CA PRO H 121 -17.71 -32.93 -24.52
C PRO H 121 -18.85 -33.85 -24.98
N GLN H 122 -18.99 -35.01 -24.34
CA GLN H 122 -20.01 -36.05 -24.62
C GLN H 122 -21.39 -35.50 -24.24
N ALA H 123 -21.48 -34.86 -23.07
CA ALA H 123 -22.72 -34.26 -22.51
C ALA H 123 -23.17 -33.09 -23.41
N THR H 124 -22.25 -32.23 -23.85
CA THR H 124 -22.56 -31.13 -24.79
C THR H 124 -23.16 -31.70 -26.08
N ALA H 125 -22.45 -32.61 -26.75
CA ALA H 125 -22.90 -33.22 -28.03
C ALA H 125 -24.29 -33.85 -27.81
N SER H 126 -24.55 -34.42 -26.63
CA SER H 126 -25.85 -35.01 -26.22
C SER H 126 -26.93 -33.93 -26.04
N MET H 127 -26.73 -33.01 -25.08
CA MET H 127 -27.60 -31.84 -24.91
C MET H 127 -27.86 -31.18 -26.28
N LYS H 128 -26.80 -30.87 -27.04
CA LYS H 128 -26.92 -30.20 -28.37
C LYS H 128 -27.85 -30.97 -29.31
N ASP H 129 -27.99 -32.29 -29.13
CA ASP H 129 -28.88 -33.17 -29.93
C ASP H 129 -30.28 -33.19 -29.29
N GLY H 130 -30.44 -32.53 -28.14
CA GLY H 130 -31.72 -32.29 -27.45
C GLY H 130 -32.03 -33.38 -26.43
N LYS H 131 -31.02 -33.93 -25.77
CA LYS H 131 -31.16 -35.11 -24.87
C LYS H 131 -30.77 -34.74 -23.43
N TRP H 132 -31.57 -35.19 -22.47
CA TRP H 132 -31.37 -35.03 -21.01
C TRP H 132 -31.08 -36.38 -20.32
N GLU H 133 -29.86 -36.91 -20.54
CA GLU H 133 -29.40 -38.26 -20.14
C GLU H 133 -28.44 -38.11 -18.97
N ARG H 134 -29.00 -37.95 -17.77
CA ARG H 134 -28.19 -37.76 -16.53
C ARG H 134 -27.92 -39.11 -15.87
N LYS H 135 -28.73 -40.12 -16.16
CA LYS H 135 -28.53 -41.54 -15.74
C LYS H 135 -27.23 -42.06 -16.39
N LYS H 136 -26.93 -41.59 -17.59
CA LYS H 136 -25.73 -41.97 -18.36
C LYS H 136 -24.48 -41.32 -17.75
N PHE H 137 -24.37 -39.99 -17.81
CA PHE H 137 -23.10 -39.22 -17.68
C PHE H 137 -22.53 -39.14 -16.26
N MET H 138 -22.68 -40.18 -15.44
CA MET H 138 -22.04 -40.25 -14.09
C MET H 138 -20.52 -40.26 -14.23
N GLY H 139 -19.83 -39.26 -13.67
CA GLY H 139 -18.39 -39.02 -13.81
C GLY H 139 -17.64 -39.31 -12.52
N THR H 140 -16.44 -38.73 -12.36
CA THR H 140 -15.50 -39.01 -11.25
C THR H 140 -15.10 -37.69 -10.54
N GLU H 141 -14.95 -37.80 -9.22
CA GLU H 141 -14.30 -36.76 -8.39
C GLU H 141 -12.79 -37.00 -8.42
N LEU H 142 -12.01 -36.05 -8.94
CA LEU H 142 -10.53 -36.14 -9.03
C LEU H 142 -9.93 -36.19 -7.63
N ASN H 143 -10.56 -35.56 -6.64
CA ASN H 143 -10.02 -35.56 -5.25
C ASN H 143 -9.61 -37.00 -4.88
N GLY H 144 -8.37 -37.18 -4.44
CA GLY H 144 -7.88 -38.43 -3.83
C GLY H 144 -7.56 -39.50 -4.85
N LYS H 145 -7.77 -39.23 -6.15
CA LYS H 145 -7.43 -40.15 -7.27
C LYS H 145 -5.92 -40.01 -7.56
N THR H 146 -5.37 -40.94 -8.37
CA THR H 146 -3.93 -41.01 -8.71
C THR H 146 -3.75 -40.72 -10.20
N LEU H 147 -2.99 -39.66 -10.50
CA LEU H 147 -2.54 -39.29 -11.85
C LEU H 147 -1.07 -39.70 -12.00
N GLY H 148 -0.76 -40.38 -13.10
CA GLY H 148 0.60 -40.77 -13.52
C GLY H 148 1.12 -39.87 -14.62
N ILE H 149 2.17 -39.14 -14.34
CA ILE H 149 2.85 -38.22 -15.31
C ILE H 149 4.14 -38.90 -15.81
N LEU H 150 4.18 -39.27 -17.09
CA LEU H 150 5.38 -39.83 -17.76
C LEU H 150 6.04 -38.73 -18.57
N GLY H 151 7.10 -38.12 -18.02
CA GLY H 151 7.89 -37.09 -18.73
C GLY H 151 7.91 -35.80 -17.93
N LEU H 152 8.71 -35.79 -16.87
CA LEU H 152 8.74 -34.72 -15.84
C LEU H 152 9.65 -33.59 -16.33
N GLY H 153 9.42 -33.14 -17.58
CA GLY H 153 10.01 -31.91 -18.14
C GLY H 153 9.33 -30.68 -17.57
N ARG H 154 9.20 -29.62 -18.37
CA ARG H 154 8.57 -28.36 -17.91
C ARG H 154 7.05 -28.58 -17.84
N ILE H 155 6.43 -28.95 -18.97
CA ILE H 155 4.97 -29.23 -19.10
C ILE H 155 4.55 -30.24 -18.03
N GLY H 156 5.37 -31.25 -17.80
CA GLY H 156 5.01 -32.35 -16.87
C GLY H 156 4.80 -31.81 -15.46
N ARG H 157 5.67 -30.90 -15.02
CA ARG H 157 5.65 -30.35 -13.65
C ARG H 157 4.54 -29.30 -13.57
N GLU H 158 4.26 -28.56 -14.64
CA GLU H 158 3.16 -27.56 -14.63
C GLU H 158 1.84 -28.33 -14.47
N VAL H 159 1.64 -29.42 -15.23
CA VAL H 159 0.45 -30.33 -15.08
C VAL H 159 0.37 -30.83 -13.65
N ALA H 160 1.48 -31.17 -13.00
CA ALA H 160 1.50 -31.78 -11.66
C ALA H 160 1.01 -30.77 -10.59
N THR H 161 1.57 -29.56 -10.57
CA THR H 161 1.27 -28.50 -9.56
C THR H 161 -0.21 -28.09 -9.66
N ARG H 162 -0.79 -28.08 -10.87
CA ARG H 162 -2.22 -27.75 -11.09
C ARG H 162 -3.10 -28.85 -10.50
N MET H 163 -2.90 -30.09 -10.94
CA MET H 163 -3.78 -31.24 -10.56
C MET H 163 -3.56 -31.61 -9.09
N GLN H 164 -2.45 -31.19 -8.49
CA GLN H 164 -2.22 -31.28 -7.03
C GLN H 164 -3.34 -30.50 -6.32
N SER H 165 -3.65 -29.30 -6.82
CA SER H 165 -4.60 -28.34 -6.19
C SER H 165 -6.02 -28.93 -6.16
N PHE H 166 -6.32 -29.90 -7.03
CA PHE H 166 -7.59 -30.67 -7.06
C PHE H 166 -7.52 -31.88 -6.10
N GLY H 167 -6.36 -32.11 -5.49
CA GLY H 167 -6.15 -33.16 -4.47
C GLY H 167 -5.85 -34.51 -5.07
N MET H 168 -5.19 -34.54 -6.24
CA MET H 168 -4.72 -35.79 -6.91
C MET H 168 -3.34 -36.18 -6.35
N LYS H 169 -3.07 -37.48 -6.23
CA LYS H 169 -1.70 -38.03 -6.10
C LYS H 169 -1.04 -37.95 -7.49
N THR H 170 0.07 -37.24 -7.61
CA THR H 170 0.93 -37.19 -8.81
C THR H 170 2.12 -38.11 -8.58
N ILE H 171 2.01 -39.37 -9.02
CA ILE H 171 3.17 -40.28 -9.20
C ILE H 171 3.59 -40.19 -10.67
N GLY H 172 4.87 -40.33 -10.98
CA GLY H 172 5.37 -40.29 -12.37
C GLY H 172 6.70 -41.00 -12.54
N TYR H 173 7.22 -40.98 -13.76
CA TYR H 173 8.51 -41.62 -14.14
C TYR H 173 9.22 -40.75 -15.16
N ASP H 174 10.51 -40.49 -14.94
CA ASP H 174 11.40 -39.90 -15.96
C ASP H 174 12.83 -40.27 -15.61
N PRO H 175 13.54 -40.94 -16.54
CA PRO H 175 14.89 -41.45 -16.26
C PRO H 175 15.98 -40.38 -16.21
N ILE H 176 15.68 -39.15 -16.66
CA ILE H 176 16.63 -38.00 -16.68
C ILE H 176 16.57 -37.29 -15.32
N ILE H 177 15.38 -37.05 -14.77
CA ILE H 177 15.21 -36.24 -13.53
C ILE H 177 15.30 -37.18 -12.33
N SER H 178 16.04 -36.78 -11.30
CA SER H 178 16.28 -37.60 -10.08
C SER H 178 15.02 -37.60 -9.21
N PRO H 179 14.71 -38.70 -8.52
CA PRO H 179 13.65 -38.71 -7.51
C PRO H 179 13.68 -37.48 -6.57
N GLU H 180 14.87 -36.96 -6.26
CA GLU H 180 15.08 -35.81 -5.34
C GLU H 180 14.46 -34.53 -5.93
N VAL H 181 14.51 -34.34 -7.26
CA VAL H 181 14.03 -33.11 -7.95
C VAL H 181 12.53 -33.24 -8.27
N SER H 182 12.08 -34.44 -8.69
CA SER H 182 10.64 -34.72 -8.95
C SER H 182 9.84 -34.48 -7.67
N ALA H 183 10.32 -35.05 -6.55
CA ALA H 183 9.74 -34.93 -5.20
C ALA H 183 9.51 -33.45 -4.87
N SER H 184 10.44 -32.59 -5.32
CA SER H 184 10.48 -31.14 -5.02
C SER H 184 9.36 -30.39 -5.75
N PHE H 185 8.60 -31.03 -6.64
CA PHE H 185 7.30 -30.48 -7.12
C PHE H 185 6.21 -31.56 -6.98
N GLY H 186 6.34 -32.37 -5.92
CA GLY H 186 5.24 -33.18 -5.38
C GLY H 186 4.92 -34.41 -6.20
N VAL H 187 5.70 -34.67 -7.25
CA VAL H 187 5.66 -35.95 -8.01
C VAL H 187 6.59 -36.94 -7.34
N GLN H 188 6.05 -38.03 -6.79
CA GLN H 188 6.83 -39.21 -6.30
C GLN H 188 7.19 -40.04 -7.53
N GLN H 189 8.45 -40.45 -7.67
CA GLN H 189 8.92 -41.21 -8.84
C GLN H 189 8.96 -42.70 -8.49
N LEU H 190 8.55 -43.56 -9.43
CA LEU H 190 8.67 -45.03 -9.32
C LEU H 190 9.09 -45.62 -10.67
N PRO H 191 9.59 -46.87 -10.71
CA PRO H 191 9.81 -47.54 -11.97
C PRO H 191 8.45 -47.80 -12.63
N LEU H 192 8.43 -47.74 -13.98
CA LEU H 192 7.23 -47.91 -14.83
C LEU H 192 6.40 -49.11 -14.35
N GLU H 193 7.00 -50.30 -14.21
CA GLU H 193 6.26 -51.55 -13.89
C GLU H 193 5.41 -51.35 -12.62
N GLU H 194 5.80 -50.44 -11.74
CA GLU H 194 5.12 -50.18 -10.43
C GLU H 194 4.06 -49.06 -10.56
N ILE H 195 4.09 -48.29 -11.65
CA ILE H 195 3.18 -47.11 -11.86
C ILE H 195 1.83 -47.56 -12.44
N TRP H 196 1.82 -48.43 -13.47
CA TRP H 196 0.60 -48.77 -14.22
C TRP H 196 -0.56 -49.08 -13.26
N PRO H 197 -0.40 -50.00 -12.27
CA PRO H 197 -1.53 -50.45 -11.46
C PRO H 197 -2.07 -49.46 -10.41
N LEU H 198 -1.31 -48.39 -10.10
CA LEU H 198 -1.69 -47.38 -9.08
C LEU H 198 -2.56 -46.28 -9.72
N CYS H 199 -2.43 -46.06 -11.03
CA CYS H 199 -3.02 -44.92 -11.77
C CYS H 199 -4.50 -45.14 -12.10
N ASP H 200 -5.33 -44.12 -11.86
CA ASP H 200 -6.71 -43.96 -12.40
C ASP H 200 -6.66 -43.08 -13.64
N PHE H 201 -5.62 -42.26 -13.74
CA PHE H 201 -5.35 -41.37 -14.89
C PHE H 201 -3.85 -41.37 -15.18
N ILE H 202 -3.50 -41.39 -16.47
CA ILE H 202 -2.09 -41.32 -16.96
C ILE H 202 -2.05 -40.29 -18.07
N THR H 203 -1.15 -39.31 -17.98
CA THR H 203 -0.81 -38.38 -19.09
C THR H 203 0.68 -38.56 -19.44
N VAL H 204 1.05 -38.23 -20.68
CA VAL H 204 2.44 -38.41 -21.20
C VAL H 204 2.95 -37.05 -21.69
N HIS H 205 4.18 -36.68 -21.32
CA HIS H 205 4.84 -35.40 -21.66
C HIS H 205 6.32 -35.65 -21.98
N THR H 206 6.57 -36.50 -22.97
CA THR H 206 7.92 -36.88 -23.46
C THR H 206 8.02 -36.52 -24.94
N PRO H 207 9.23 -36.35 -25.48
CA PRO H 207 9.41 -36.22 -26.93
C PRO H 207 9.21 -37.62 -27.54
N LEU H 208 8.95 -37.68 -28.84
CA LEU H 208 8.86 -39.01 -29.53
C LEU H 208 10.27 -39.55 -29.76
N LEU H 209 10.65 -40.60 -29.02
CA LEU H 209 11.94 -41.34 -29.18
C LEU H 209 11.62 -42.83 -29.29
N PRO H 210 12.59 -43.71 -29.65
CA PRO H 210 12.35 -45.15 -29.62
C PRO H 210 12.08 -45.68 -28.20
N SER H 211 12.70 -45.06 -27.18
CA SER H 211 12.52 -45.41 -25.74
C SER H 211 11.11 -45.02 -25.26
N THR H 212 10.39 -44.23 -26.05
CA THR H 212 9.08 -43.61 -25.73
C THR H 212 8.00 -44.14 -26.68
N THR H 213 8.29 -44.34 -27.97
CA THR H 213 7.32 -44.85 -29.00
C THR H 213 6.60 -46.07 -28.44
N GLY H 214 5.28 -46.10 -28.55
CA GLY H 214 4.43 -47.19 -28.04
C GLY H 214 4.59 -47.43 -26.54
N LEU H 215 4.89 -46.37 -25.77
CA LEU H 215 5.10 -46.44 -24.30
C LEU H 215 3.88 -47.09 -23.66
N LEU H 216 2.69 -46.69 -24.12
CA LEU H 216 1.44 -47.44 -23.85
C LEU H 216 1.15 -48.30 -25.07
N ASN H 217 1.13 -49.61 -24.83
CA ASN H 217 1.00 -50.70 -25.83
C ASN H 217 0.13 -51.78 -25.19
N ASP H 218 -0.20 -52.83 -25.93
CA ASP H 218 -1.08 -53.92 -25.45
C ASP H 218 -0.61 -54.37 -24.06
N ASN H 219 0.70 -54.33 -23.79
CA ASN H 219 1.35 -54.99 -22.65
C ASN H 219 1.28 -54.13 -21.38
N THR H 220 1.65 -52.86 -21.47
CA THR H 220 1.50 -51.84 -20.39
C THR H 220 0.01 -51.67 -20.04
N PHE H 221 -0.85 -51.37 -21.03
CA PHE H 221 -2.32 -51.24 -20.89
C PHE H 221 -2.88 -52.37 -20.01
N ALA H 222 -2.36 -53.59 -20.16
CA ALA H 222 -2.82 -54.78 -19.40
C ALA H 222 -2.37 -54.71 -17.94
N GLN H 223 -1.27 -54.02 -17.62
CA GLN H 223 -0.74 -53.87 -16.23
C GLN H 223 -1.45 -52.73 -15.50
N CYS H 224 -2.17 -51.88 -16.23
CA CYS H 224 -2.96 -50.71 -15.73
C CYS H 224 -4.20 -51.19 -14.96
N LYS H 225 -4.71 -50.33 -14.05
CA LYS H 225 -6.04 -50.49 -13.39
C LYS H 225 -7.12 -50.65 -14.46
N LYS H 226 -8.08 -51.57 -14.27
CA LYS H 226 -9.27 -51.68 -15.14
C LYS H 226 -10.01 -50.35 -15.11
N GLY H 227 -10.12 -49.68 -16.26
CA GLY H 227 -10.83 -48.39 -16.41
C GLY H 227 -9.93 -47.19 -16.21
N VAL H 228 -8.62 -47.37 -16.36
CA VAL H 228 -7.65 -46.24 -16.38
C VAL H 228 -8.12 -45.32 -17.51
N ARG H 229 -7.70 -44.05 -17.48
CA ARG H 229 -7.98 -43.05 -18.53
C ARG H 229 -6.69 -42.34 -18.90
N VAL H 230 -6.53 -41.96 -20.17
CA VAL H 230 -5.21 -41.59 -20.75
C VAL H 230 -5.33 -40.29 -21.53
N VAL H 231 -4.32 -39.43 -21.42
CA VAL H 231 -4.24 -38.13 -22.13
C VAL H 231 -2.91 -38.05 -22.89
N ASN H 232 -2.96 -38.01 -24.22
CA ASN H 232 -1.77 -37.69 -25.05
C ASN H 232 -1.95 -36.28 -25.63
N CYS H 233 -1.22 -35.30 -25.08
CA CYS H 233 -1.14 -33.90 -25.57
C CYS H 233 0.31 -33.58 -26.04
N ALA H 234 1.16 -34.60 -26.13
CA ALA H 234 2.61 -34.46 -26.40
C ALA H 234 2.91 -34.78 -27.88
N ARG H 235 3.09 -36.05 -28.23
CA ARG H 235 3.39 -36.47 -29.62
C ARG H 235 2.57 -37.71 -29.97
N GLY H 236 2.13 -37.79 -31.23
CA GLY H 236 1.39 -38.94 -31.79
C GLY H 236 2.23 -40.21 -31.73
N GLY H 237 1.71 -41.24 -31.07
CA GLY H 237 2.28 -42.60 -31.05
C GLY H 237 3.02 -42.91 -29.75
N ILE H 238 3.27 -41.93 -28.88
CA ILE H 238 3.77 -42.22 -27.51
C ILE H 238 2.81 -43.24 -26.91
N VAL H 239 1.51 -42.99 -27.10
CA VAL H 239 0.43 -43.98 -26.88
C VAL H 239 0.14 -44.62 -28.23
N ASP H 240 0.41 -45.93 -28.33
CA ASP H 240 0.16 -46.73 -29.55
C ASP H 240 -1.33 -46.63 -29.87
N GLU H 241 -1.67 -45.98 -30.99
CA GLU H 241 -3.07 -45.71 -31.41
C GLU H 241 -3.82 -47.04 -31.47
N GLY H 242 -3.40 -47.98 -32.31
CA GLY H 242 -3.98 -49.33 -32.40
C GLY H 242 -4.22 -49.95 -31.02
N ALA H 243 -3.25 -49.82 -30.11
CA ALA H 243 -3.25 -50.52 -28.80
C ALA H 243 -4.40 -49.98 -27.94
N LEU H 244 -4.46 -48.66 -27.80
CA LEU H 244 -5.55 -47.89 -27.13
C LEU H 244 -6.92 -48.36 -27.63
N LEU H 245 -7.16 -48.32 -28.94
CA LEU H 245 -8.43 -48.76 -29.57
C LEU H 245 -8.94 -50.05 -28.94
N ARG H 246 -8.07 -51.05 -28.77
CA ARG H 246 -8.45 -52.39 -28.24
C ARG H 246 -8.70 -52.28 -26.73
N ALA H 247 -8.02 -51.35 -26.05
CA ALA H 247 -8.15 -51.13 -24.59
C ALA H 247 -9.51 -50.49 -24.27
N LEU H 248 -9.99 -49.62 -25.16
CA LEU H 248 -11.32 -49.00 -25.07
C LEU H 248 -12.39 -50.06 -25.33
N GLN H 249 -12.14 -50.94 -26.31
CA GLN H 249 -13.14 -51.94 -26.77
C GLN H 249 -13.29 -53.03 -25.70
N SER H 250 -12.21 -53.34 -24.99
CA SER H 250 -12.17 -54.36 -23.90
C SER H 250 -12.75 -53.76 -22.62
N GLY H 251 -12.57 -52.44 -22.43
CA GLY H 251 -12.93 -51.73 -21.19
C GLY H 251 -11.75 -51.59 -20.25
N GLN H 252 -10.60 -52.18 -20.60
CA GLN H 252 -9.34 -51.96 -19.84
C GLN H 252 -9.09 -50.46 -19.74
N CYS H 253 -9.35 -49.72 -20.82
CA CYS H 253 -9.35 -48.23 -20.83
C CYS H 253 -10.80 -47.69 -20.85
N ALA H 254 -11.14 -46.87 -19.84
CA ALA H 254 -12.49 -46.29 -19.64
C ALA H 254 -12.71 -45.11 -20.59
N GLY H 255 -11.64 -44.39 -20.98
CA GLY H 255 -11.73 -43.33 -21.98
C GLY H 255 -10.38 -42.68 -22.21
N ALA H 256 -10.26 -41.85 -23.24
CA ALA H 256 -8.98 -41.27 -23.67
C ALA H 256 -9.19 -39.88 -24.28
N ALA H 257 -8.17 -39.03 -24.16
CA ALA H 257 -8.12 -37.67 -24.73
C ALA H 257 -6.86 -37.53 -25.59
N LEU H 258 -7.00 -37.12 -26.85
CA LEU H 258 -5.87 -37.04 -27.80
C LEU H 258 -5.86 -35.66 -28.45
N ASP H 259 -4.72 -34.95 -28.37
CA ASP H 259 -4.46 -33.70 -29.12
C ASP H 259 -3.51 -34.01 -30.29
N VAL H 260 -2.94 -35.21 -30.32
CA VAL H 260 -1.85 -35.55 -31.28
C VAL H 260 -2.05 -36.96 -31.85
N PHE H 261 -1.76 -37.08 -33.14
CA PHE H 261 -1.98 -38.29 -33.95
C PHE H 261 -0.71 -38.57 -34.76
N THR H 262 -0.51 -39.83 -35.17
CA THR H 262 0.61 -40.30 -36.05
C THR H 262 0.51 -39.56 -37.39
N GLU H 263 -0.67 -39.64 -38.03
CA GLU H 263 -1.03 -38.81 -39.21
C GLU H 263 -1.92 -37.66 -38.74
N GLU H 264 -1.59 -36.42 -39.11
CA GLU H 264 -2.35 -35.19 -38.76
C GLU H 264 -2.68 -34.43 -40.04
N PRO H 265 -3.92 -34.49 -40.58
CA PRO H 265 -5.06 -35.14 -39.95
C PRO H 265 -5.11 -36.66 -40.10
N PRO H 266 -5.77 -37.39 -39.18
CA PRO H 266 -5.70 -38.85 -39.15
C PRO H 266 -6.66 -39.52 -40.15
N ARG H 267 -6.13 -40.48 -40.93
CA ARG H 267 -6.90 -41.33 -41.86
C ARG H 267 -7.64 -42.42 -41.08
N ASP H 268 -6.95 -43.08 -40.14
CA ASP H 268 -7.58 -44.15 -39.33
C ASP H 268 -8.54 -43.47 -38.35
N ARG H 269 -9.81 -43.31 -38.74
CA ARG H 269 -10.85 -42.61 -37.94
C ARG H 269 -11.64 -43.64 -37.11
N ALA H 270 -10.92 -44.60 -36.50
CA ALA H 270 -11.47 -45.62 -35.58
C ALA H 270 -11.57 -45.02 -34.18
N LEU H 271 -10.52 -44.32 -33.73
CA LEU H 271 -10.37 -43.79 -32.34
C LEU H 271 -11.29 -42.57 -32.18
N VAL H 272 -10.96 -41.48 -32.87
CA VAL H 272 -11.74 -40.21 -32.85
C VAL H 272 -13.21 -40.60 -32.69
N ASP H 273 -13.70 -41.50 -33.57
CA ASP H 273 -15.14 -41.85 -33.70
C ASP H 273 -15.66 -42.60 -32.46
N HIS H 274 -14.81 -43.25 -31.65
CA HIS H 274 -15.20 -44.02 -30.44
C HIS H 274 -15.88 -43.07 -29.45
N GLU H 275 -16.89 -43.54 -28.69
CA GLU H 275 -17.78 -42.63 -27.91
C GLU H 275 -17.05 -42.08 -26.66
N ASN H 276 -15.95 -42.73 -26.25
CA ASN H 276 -15.16 -42.35 -25.04
C ASN H 276 -13.84 -41.69 -25.45
N VAL H 277 -13.74 -41.13 -26.64
CA VAL H 277 -12.52 -40.41 -27.08
C VAL H 277 -12.84 -38.93 -27.28
N ILE H 278 -12.24 -38.11 -26.43
CA ILE H 278 -12.14 -36.64 -26.59
C ILE H 278 -10.95 -36.37 -27.51
N SER H 279 -11.12 -35.49 -28.49
CA SER H 279 -10.15 -35.25 -29.59
C SER H 279 -10.07 -33.75 -29.93
N CYS H 280 -8.92 -33.30 -30.44
CA CYS H 280 -8.64 -31.90 -30.84
C CYS H 280 -7.66 -31.86 -32.00
N PRO H 281 -7.90 -31.03 -33.04
CA PRO H 281 -6.92 -30.82 -34.09
C PRO H 281 -5.65 -30.09 -33.66
N HIS H 282 -4.87 -30.69 -32.75
CA HIS H 282 -3.53 -30.23 -32.31
C HIS H 282 -3.56 -28.75 -31.87
N LEU H 283 -4.20 -28.47 -30.72
CA LEU H 283 -4.47 -27.10 -30.17
C LEU H 283 -3.59 -26.82 -28.94
N GLY H 284 -2.63 -27.69 -28.62
CA GLY H 284 -1.78 -27.53 -27.41
C GLY H 284 -1.06 -26.19 -27.35
N ALA H 285 -0.68 -25.65 -28.50
CA ALA H 285 0.00 -24.34 -28.66
C ALA H 285 -0.90 -23.40 -29.46
N SER H 286 -2.20 -23.71 -29.58
CA SER H 286 -3.23 -22.88 -30.24
C SER H 286 -3.86 -21.91 -29.22
N THR H 287 -3.09 -20.89 -28.86
CA THR H 287 -3.52 -19.70 -28.07
C THR H 287 -2.74 -18.49 -28.55
N LYS H 288 -3.43 -17.37 -28.84
CA LYS H 288 -2.81 -16.08 -29.22
C LYS H 288 -1.64 -15.81 -28.28
N GLU H 289 -1.85 -16.06 -26.98
CA GLU H 289 -0.88 -15.76 -25.90
C GLU H 289 0.44 -16.48 -26.21
N ALA H 290 0.41 -17.79 -26.48
CA ALA H 290 1.60 -18.66 -26.64
C ALA H 290 2.33 -18.35 -27.95
N GLN H 291 1.62 -18.46 -29.08
CA GLN H 291 2.23 -18.34 -30.43
C GLN H 291 3.01 -17.04 -30.54
N SER H 292 2.58 -15.99 -29.83
CA SER H 292 3.26 -14.67 -29.80
C SER H 292 4.57 -14.81 -29.03
N ARG H 293 4.53 -15.49 -27.88
CA ARG H 293 5.72 -15.69 -26.99
C ARG H 293 6.75 -16.56 -27.72
N CYS H 294 6.31 -17.65 -28.36
CA CYS H 294 7.14 -18.51 -29.24
C CYS H 294 7.70 -17.64 -30.37
N GLY H 295 6.84 -17.21 -31.29
CA GLY H 295 7.18 -16.36 -32.44
C GLY H 295 8.13 -15.23 -32.06
N GLU H 296 7.99 -14.67 -30.85
CA GLU H 296 8.86 -13.57 -30.33
C GLU H 296 10.22 -14.17 -29.96
N GLU H 297 10.21 -15.29 -29.22
CA GLU H 297 11.41 -15.93 -28.61
C GLU H 297 12.32 -16.50 -29.70
N ILE H 298 11.76 -16.92 -30.84
CA ILE H 298 12.51 -17.52 -32.00
C ILE H 298 13.15 -16.39 -32.82
N ALA H 299 12.39 -15.35 -33.15
CA ALA H 299 12.83 -14.20 -33.98
C ALA H 299 13.96 -13.47 -33.27
N VAL H 300 13.92 -13.42 -31.92
CA VAL H 300 15.02 -12.88 -31.07
C VAL H 300 16.29 -13.66 -31.40
N GLN H 301 16.26 -14.98 -31.23
CA GLN H 301 17.41 -15.93 -31.39
C GLN H 301 18.07 -15.72 -32.76
N PHE H 302 17.28 -15.52 -33.83
CA PHE H 302 17.77 -15.26 -35.22
C PHE H 302 18.55 -13.94 -35.27
N VAL H 303 17.94 -12.86 -34.76
CA VAL H 303 18.53 -11.48 -34.78
C VAL H 303 19.75 -11.46 -33.83
N ASP H 304 19.65 -12.11 -32.67
CA ASP H 304 20.72 -12.19 -31.63
C ASP H 304 22.06 -12.58 -32.29
N MET H 305 22.06 -13.53 -33.23
CA MET H 305 23.30 -14.11 -33.81
C MET H 305 23.74 -13.34 -35.06
N VAL H 306 22.95 -12.34 -35.49
CA VAL H 306 23.34 -11.39 -36.57
C VAL H 306 24.16 -10.23 -35.96
N LYS H 307 24.06 -10.03 -34.63
CA LYS H 307 24.85 -9.06 -33.81
C LYS H 307 24.38 -7.62 -34.06
#